data_8Y2O
#
_entry.id   8Y2O
#
_cell.length_a   1.00
_cell.length_b   1.00
_cell.length_c   1.00
_cell.angle_alpha   90.00
_cell.angle_beta   90.00
_cell.angle_gamma   90.00
#
_symmetry.space_group_name_H-M   'P 1'
#
loop_
_entity.id
_entity.type
_entity.pdbx_description
1 polymer "tRNA (32-2'-O)-methyltransferase regulator THADA"
2 polymer "tRNA (cytidine(32)/guanosine(34)-2'-O)-methyltransferase"
3 polymer 'human cytoplasmic tRNA(Phe)'
4 non-polymer 'ZINC ION'
5 non-polymer S-ADENOSYL-L-HOMOCYSTEINE
6 non-polymer 'MAGNESIUM ION'
#
loop_
_entity_poly.entity_id
_entity_poly.type
_entity_poly.pdbx_seq_one_letter_code
_entity_poly.pdbx_strand_id
1 'polypeptide(L)'
;MDYKDDDDKSAWSHPQFEKGAENLYFQGMGVKKKKEMQVAALTICHQDLETLKSFADVEGKNLASLLLHCVQLTDGVSQI
HYIKQIVPLLEKADKNGMCDPTIQSCLDILAGIYLSLSLKNPLKKVLASSLNSLPDFFLPEAMHRFTSRLQEELNTTDLY
SYRKVTDNISSCMENFNLGRASVNNLLKNVLHFLQKSLIEILEENRKCAGNHIIQTQLMNDLLVGIRVSMMLVQKVQDFQ
GNLWKTSDSPIWQNMCGLLSIFTKVLSDDDLLQTVQSTSGLAIILFIKTMFHPSEKIPHLISSVLLRSVDCTSVPEWFMS
SCRSLCCGDISQSAVLFLCQGTLAMLDWQNGSMGRSGEALLLDTAHVLFTLSSQIKEPTLEMFLSRILASWTNSAIQVLE
SSSPSLTDSLNGNSSIVGRLLEYVYTHWEHPLDALRHQTKIMFKNLLQMHRLTVEGADFVPDPFFVELTESLLRLEWHIK
GKYTCLGCLVECIGVEHILAIDKTIPSQILEVMGDQSLVPYASDLLETMFRNHKSHLKSQTAESSWIDQWHETWVSPLLF
ILCEGNLDQKSYVIDYYLPKLLSYSPESLQYMVKILQTSIDAKTGQEQSFPSLGSCNSRGALGALMACLRIARAHGHLQS
ATDTWENLVSDARIKQGLIHQHCQVRIDTLGLLCESNRSTEIVSMEEMQWIQFFITYNLNSQSPGVRQQICSLLKKLFCR
IQESSQVLYKLEQSKSKREPENELTKQHPSVSLQQYKNFMSSICNSLFEALFPGSSYSTRFSALTILGSIAEVFHVPEGR
IYTVYQLSHDIDVGRFQTLMECFTSTFEDVKILAFDLLMKLSKTAVHFQDSGKLQGLFQAALELSTSTKPYDCVTASYLL
NFLIWQDALPSSLSAYLTQQVACDNGDRPAAVVERNTLMVIKCLMENLEEEVSQAENSLLQAAAAFPMYGRVHCITGALQ
KLSLNSLQLVSEWRPVVEKLLLMSYRLSTVVSPVIQSSSPEGLIPMDTDSESASRLQMILNEIQPRDTNDYFNQAKILKE
HDSFDMKDLNASVVNIDTSTEIKGKEVKTCDVTAQMVLVCCWRSMKEVALLLGMLCQLLPMQPVPESSDGLLTVEQVKEI
GDYFKQHLLQSRHRGAFELAYTGFVKLTEVLNRCPNVSLQKLPEQWLWSVLEEIKCSDPSSKLCATRRSAGIPFYIQALL
ASEPKKGRMDLLKITMKELISLAGPTDDIQSTVPQVHALNILRALFRDTRLGENIIPYVADGAKAAILGFTSPVWAVRNS
STLLFSALITRIFGVKRAKDEHSKTNRMTGREFFSRFPELYPFLLKQLETVANTVDSDMGEPNRHPSMFLLLLVLERLYA
SPMDGTSSALSMGPFVPFIMRCGHSPVYHSREMAARALVPFVMIDHIPNTIRTLLSTLPSCTDQCFRQNHIHGTLLQVFH
LLQAYSDSKHGTNSDFQHELTDITVCTKAKLWLAKRQNPCLVTRAVYIDILFLLTCCLNRSAKDNQPVLESLGFWEEVRG
IISGSELITGFPWAFKVPGLPQYLQSLTRLAIAAVWAAAAKSGERETNVPISFSQLLESAFPEVRSLTLEALLEKFLAAA
SGLGEKGVPPLLCNMGEKFLLLAMKENHPECFCKILKILHCMDPGEWLPQTEHCVHLTPKEFLIWTMDIASNERSEIQSV
ALRLASKVISHHMQTCVENRELIAAELKQWVQLVILSCEDHLPTESRLAVVEVLTSTTPLFLTNPHPILELQDTLALWKC
VLTLLQSEEQAVRDAATETVTTAMSQENTCQSTEFAFCQVDASIALALALAVLCDLLQQWDQLAPGLPILLGWLLGESDD
LVACVESMHQVEEDYLFEKAEVNFWAETLIFVKYLCKHLFCLLSKSGWRPPSPEMLCHLQRMVSEQCHLLSQFFRELPPA
AEFVKTVEFTRLRIQEERTLACLRLLAFLEGKEGEDTLVLSVWDSYAESRQLTLPRTEAAC
;
A
2 'polypeptide(L)'
;MDYKDDDDKGAENLYFQGMGRTSKDKRDVYYRLAKENGWRARSAFKLLQLDKEFQLFQGVTRAVDLCAAPGSWSQVLSQK
IGGQGSGHVVAVDLQAMAPLPGVVQIQGDITQLSTAKEIIQHFKGCPADLVVCDGAPDVTGLHDVDEYMQAQLLLAALNI
ATHVLKPGGCFVAKIFRGRDVTLLYSQLQVFFSSVLCAKPRSSRNSSIEAFAVCQGYDPPEGFIPDLSKPLLDHSYDPDF
NQLDGPTRIIVPFVTCGDLSSYDSDRSYPLDLEGGSEYKYTPPTQPPISPPYQEACTLKRKGQLAKEIRPQDCPISRVDT
FPQPLAAPQCHTLLAPEMEDNEMSCSP
;
B
3 'polyribonucleotide' GCCGAAAUAGCUCAGUUGGGAGAGCGUUAGACUGAAGAUCUAAAGGUCCCUGGUUCGAUCCCGGGUUUCGGCACCA C
#
loop_
_chem_comp.id
_chem_comp.type
_chem_comp.name
_chem_comp.formula
A RNA linking ADENOSINE-5'-MONOPHOSPHATE 'C10 H14 N5 O7 P'
C RNA linking CYTIDINE-5'-MONOPHOSPHATE 'C9 H14 N3 O8 P'
G RNA linking GUANOSINE-5'-MONOPHOSPHATE 'C10 H14 N5 O8 P'
MG non-polymer 'MAGNESIUM ION' 'Mg 2'
SAH non-polymer S-ADENOSYL-L-HOMOCYSTEINE 'C14 H20 N6 O5 S'
U RNA linking URIDINE-5'-MONOPHOSPHATE 'C9 H13 N2 O9 P'
ZN non-polymer 'ZINC ION' 'Zn 2'
#
# COMPACT_ATOMS: atom_id res chain seq x y z
N GLN A 38 -39.35 -0.95 -8.88
CA GLN A 38 -40.33 0.08 -8.54
C GLN A 38 -40.77 0.84 -9.78
N VAL A 39 -42.07 1.12 -9.87
CA VAL A 39 -42.65 1.85 -10.99
C VAL A 39 -43.48 3.00 -10.44
N ALA A 40 -43.73 3.98 -11.31
CA ALA A 40 -44.52 5.15 -10.96
C ALA A 40 -45.94 4.96 -11.43
N ALA A 41 -46.90 5.23 -10.55
CA ALA A 41 -48.30 5.08 -10.91
C ALA A 41 -48.72 6.10 -11.95
N LEU A 42 -49.49 5.64 -12.93
CA LEU A 42 -49.98 6.53 -13.97
C LEU A 42 -50.99 7.52 -13.39
N THR A 43 -50.96 8.75 -13.89
CA THR A 43 -51.88 9.80 -13.49
C THR A 43 -52.56 10.37 -14.72
N ILE A 44 -53.57 11.22 -14.49
CA ILE A 44 -54.36 11.79 -15.56
C ILE A 44 -54.81 13.19 -15.18
N CYS A 45 -55.22 13.96 -16.18
CA CYS A 45 -55.78 15.28 -15.93
C CYS A 45 -57.18 15.16 -15.38
N HIS A 46 -57.48 15.96 -14.34
CA HIS A 46 -58.77 15.87 -13.68
C HIS A 46 -59.92 16.21 -14.63
N GLN A 47 -59.78 17.31 -15.38
CA GLN A 47 -60.86 17.72 -16.27
C GLN A 47 -61.03 16.74 -17.44
N ASP A 48 -60.09 15.84 -17.66
CA ASP A 48 -60.28 14.81 -18.66
C ASP A 48 -61.29 13.77 -18.22
N LEU A 49 -61.46 13.59 -16.90
CA LEU A 49 -62.38 12.57 -16.39
C LEU A 49 -63.76 12.71 -17.01
N GLU A 50 -64.39 13.88 -16.83
CA GLU A 50 -65.69 14.09 -17.44
C GLU A 50 -65.63 13.87 -18.94
N THR A 51 -64.54 14.31 -19.59
CA THR A 51 -64.40 14.09 -21.02
C THR A 51 -64.41 12.62 -21.35
N LEU A 52 -63.72 11.80 -20.55
CA LEU A 52 -63.78 10.36 -20.73
C LEU A 52 -65.00 9.74 -20.08
N LYS A 53 -65.68 10.46 -19.18
CA LYS A 53 -66.95 9.96 -18.65
C LYS A 53 -68.08 10.15 -19.64
N SER A 54 -68.02 11.21 -20.45
CA SER A 54 -69.06 11.47 -21.44
C SER A 54 -69.13 10.40 -22.53
N PHE A 55 -68.12 9.54 -22.63
CA PHE A 55 -68.12 8.46 -23.61
C PHE A 55 -68.01 7.09 -22.98
N ALA A 56 -67.89 7.01 -21.65
CA ALA A 56 -67.83 5.72 -20.99
C ALA A 56 -69.22 5.06 -20.99
N ASP A 57 -69.24 3.78 -20.68
CA ASP A 57 -70.47 3.01 -20.61
C ASP A 57 -70.39 2.04 -19.44
N VAL A 58 -71.52 1.84 -18.76
CA VAL A 58 -71.56 0.94 -17.62
C VAL A 58 -71.31 -0.50 -18.07
N GLU A 59 -71.83 -0.85 -19.24
CA GLU A 59 -71.60 -2.19 -19.78
C GLU A 59 -70.12 -2.44 -20.05
N GLY A 60 -69.42 -1.43 -20.58
CA GLY A 60 -67.99 -1.53 -20.77
C GLY A 60 -67.53 -2.07 -22.10
N LYS A 61 -68.27 -1.80 -23.18
CA LYS A 61 -67.88 -2.30 -24.50
C LYS A 61 -66.73 -1.50 -25.11
N ASN A 62 -66.74 -0.18 -24.91
CA ASN A 62 -65.80 0.69 -25.62
C ASN A 62 -64.45 0.72 -24.92
N LEU A 63 -63.47 1.31 -25.61
CA LEU A 63 -62.15 1.51 -25.02
C LEU A 63 -62.20 2.48 -23.86
N ALA A 64 -63.20 3.37 -23.83
CA ALA A 64 -63.28 4.36 -22.77
C ALA A 64 -63.40 3.70 -21.41
N SER A 65 -64.21 2.66 -21.31
CA SER A 65 -64.32 1.92 -20.05
C SER A 65 -62.98 1.31 -19.66
N LEU A 66 -62.22 0.83 -20.63
CA LEU A 66 -60.89 0.32 -20.34
C LEU A 66 -60.00 1.43 -19.79
N LEU A 67 -60.12 2.64 -20.34
CA LEU A 67 -59.36 3.76 -19.80
C LEU A 67 -59.75 4.07 -18.36
N LEU A 68 -61.06 4.07 -18.08
CA LEU A 68 -61.53 4.22 -16.70
C LEU A 68 -60.88 3.18 -15.80
N HIS A 69 -60.91 1.92 -16.22
CA HIS A 69 -60.38 0.86 -15.38
C HIS A 69 -58.88 1.04 -15.17
N CYS A 70 -58.16 1.47 -16.21
CA CYS A 70 -56.71 1.63 -16.11
C CYS A 70 -56.34 2.77 -15.19
N VAL A 71 -56.95 3.95 -15.39
CA VAL A 71 -56.49 5.14 -14.67
C VAL A 71 -56.74 4.99 -13.18
N GLN A 72 -57.84 4.33 -12.80
CA GLN A 72 -58.18 4.16 -11.39
C GLN A 72 -57.52 2.87 -10.87
N LEU A 73 -56.20 2.91 -10.83
CA LEU A 73 -55.41 1.79 -10.33
C LEU A 73 -54.18 2.34 -9.63
N THR A 74 -53.41 1.43 -9.04
CA THR A 74 -52.12 1.78 -8.44
C THR A 74 -50.99 0.88 -8.92
N ASP A 75 -51.26 -0.39 -9.19
CA ASP A 75 -50.23 -1.28 -9.69
C ASP A 75 -49.93 -0.97 -11.15
N GLY A 76 -48.65 -0.76 -11.46
CA GLY A 76 -48.27 -0.46 -12.83
C GLY A 76 -47.94 -1.72 -13.61
N VAL A 77 -48.74 -2.78 -13.43
CA VAL A 77 -48.51 -4.05 -14.10
C VAL A 77 -49.74 -4.51 -14.89
N SER A 78 -50.91 -4.53 -14.25
CA SER A 78 -52.12 -4.85 -14.98
C SER A 78 -52.47 -3.75 -15.96
N GLN A 79 -52.12 -2.51 -15.63
CA GLN A 79 -52.24 -1.41 -16.57
C GLN A 79 -51.55 -1.75 -17.88
N ILE A 80 -50.37 -2.38 -17.80
CA ILE A 80 -49.64 -2.76 -19.00
C ILE A 80 -50.42 -3.79 -19.80
N HIS A 81 -51.05 -4.75 -19.11
CA HIS A 81 -51.86 -5.76 -19.79
C HIS A 81 -53.00 -5.11 -20.54
N TYR A 82 -53.77 -4.27 -19.84
CA TYR A 82 -54.87 -3.57 -20.49
C TYR A 82 -54.36 -2.72 -21.65
N ILE A 83 -53.13 -2.22 -21.52
CA ILE A 83 -52.53 -1.47 -22.61
C ILE A 83 -52.34 -2.35 -23.83
N LYS A 84 -51.90 -3.61 -23.64
CA LYS A 84 -51.88 -4.51 -24.80
C LYS A 84 -53.29 -4.69 -25.36
N GLN A 85 -54.26 -4.95 -24.49
CA GLN A 85 -55.59 -5.23 -25.01
C GLN A 85 -56.26 -4.00 -25.62
N ILE A 86 -55.67 -2.81 -25.46
CA ILE A 86 -56.20 -1.63 -26.13
C ILE A 86 -56.25 -1.85 -27.64
N VAL A 87 -55.20 -2.46 -28.20
CA VAL A 87 -55.12 -2.60 -29.66
C VAL A 87 -56.28 -3.42 -30.22
N PRO A 88 -56.61 -4.60 -29.70
CA PRO A 88 -57.76 -5.33 -30.26
C PRO A 88 -59.07 -4.57 -30.19
N LEU A 89 -59.27 -3.74 -29.17
CA LEU A 89 -60.50 -2.98 -29.07
C LEU A 89 -60.67 -2.04 -30.27
N LEU A 90 -59.59 -1.34 -30.64
CA LEU A 90 -59.63 -0.52 -31.85
C LEU A 90 -59.70 -1.37 -33.10
N GLU A 91 -59.08 -2.54 -33.08
CA GLU A 91 -59.05 -3.41 -34.26
C GLU A 91 -60.45 -3.94 -34.58
N LYS A 92 -61.29 -4.12 -33.56
CA LYS A 92 -62.61 -4.72 -33.72
C LYS A 92 -63.66 -3.73 -34.23
N ALA A 93 -63.26 -2.59 -34.78
CA ALA A 93 -64.21 -1.61 -35.29
C ALA A 93 -63.76 -1.08 -36.66
N ASP A 94 -63.20 -1.96 -37.47
CA ASP A 94 -62.69 -1.56 -38.79
C ASP A 94 -63.78 -1.69 -39.86
N LYS A 95 -64.94 -1.12 -39.58
CA LYS A 95 -66.05 -1.11 -40.53
C LYS A 95 -66.75 0.23 -40.67
N ASN A 96 -66.59 1.14 -39.70
CA ASN A 96 -67.33 2.39 -39.72
C ASN A 96 -66.93 3.25 -40.92
N GLY A 97 -65.64 3.31 -41.23
CA GLY A 97 -65.15 4.20 -42.26
C GLY A 97 -64.93 5.63 -41.81
N MET A 98 -65.22 5.93 -40.54
CA MET A 98 -65.02 7.26 -39.98
C MET A 98 -64.82 7.08 -38.49
N CYS A 99 -63.78 7.71 -37.94
CA CYS A 99 -63.36 7.41 -36.58
C CYS A 99 -64.45 7.78 -35.57
N ASP A 100 -64.71 6.86 -34.66
CA ASP A 100 -65.72 7.09 -33.63
C ASP A 100 -65.24 8.20 -32.70
N PRO A 101 -66.13 9.14 -32.33
CA PRO A 101 -65.72 10.19 -31.38
C PRO A 101 -65.25 9.65 -30.04
N THR A 102 -65.82 8.55 -29.57
CA THR A 102 -65.31 7.93 -28.35
C THR A 102 -63.87 7.49 -28.54
N ILE A 103 -63.55 6.88 -29.68
CA ILE A 103 -62.18 6.48 -29.96
C ILE A 103 -61.29 7.71 -30.10
N GLN A 104 -61.83 8.79 -30.69
CA GLN A 104 -61.08 10.03 -30.79
C GLN A 104 -60.66 10.52 -29.41
N SER A 105 -61.62 10.63 -28.48
CA SER A 105 -61.29 11.10 -27.15
C SER A 105 -60.36 10.12 -26.42
N CYS A 106 -60.55 8.82 -26.66
CA CYS A 106 -59.66 7.83 -26.04
C CYS A 106 -58.22 8.05 -26.46
N LEU A 107 -57.98 8.19 -27.77
CA LEU A 107 -56.61 8.40 -28.24
C LEU A 107 -56.08 9.76 -27.81
N ASP A 108 -56.94 10.77 -27.71
CA ASP A 108 -56.48 12.07 -27.22
C ASP A 108 -56.00 11.97 -25.78
N ILE A 109 -56.74 11.24 -24.95
CA ILE A 109 -56.32 11.07 -23.56
C ILE A 109 -55.06 10.23 -23.48
N LEU A 110 -54.94 9.22 -24.36
CA LEU A 110 -53.70 8.46 -24.43
C LEU A 110 -52.52 9.36 -24.76
N ALA A 111 -52.68 10.23 -25.75
CA ALA A 111 -51.61 11.14 -26.12
C ALA A 111 -51.25 12.07 -24.97
N GLY A 112 -52.27 12.63 -24.30
CA GLY A 112 -52.00 13.49 -23.17
C GLY A 112 -51.26 12.80 -22.06
N ILE A 113 -51.63 11.55 -21.77
CA ILE A 113 -50.94 10.79 -20.74
C ILE A 113 -49.50 10.51 -21.17
N TYR A 114 -49.30 10.13 -22.42
CA TYR A 114 -47.96 9.83 -22.92
C TYR A 114 -47.05 11.04 -22.79
N LEU A 115 -47.54 12.22 -23.23
CA LEU A 115 -46.74 13.42 -23.17
C LEU A 115 -46.50 13.90 -21.74
N SER A 116 -47.25 13.39 -20.77
CA SER A 116 -47.06 13.74 -19.38
C SER A 116 -46.21 12.74 -18.62
N LEU A 117 -45.71 11.72 -19.29
CA LEU A 117 -44.94 10.66 -18.65
C LEU A 117 -43.45 10.96 -18.76
N SER A 118 -42.75 10.87 -17.63
CA SER A 118 -41.31 11.05 -17.65
C SER A 118 -40.62 9.84 -18.28
N LEU A 119 -39.36 10.02 -18.64
CA LEU A 119 -38.59 8.95 -19.27
C LEU A 119 -38.12 7.90 -18.28
N LYS A 120 -38.22 8.16 -16.98
CA LYS A 120 -37.87 7.17 -15.98
C LYS A 120 -38.95 6.13 -15.76
N ASN A 121 -40.11 6.28 -16.39
CA ASN A 121 -41.22 5.37 -16.20
C ASN A 121 -41.29 4.38 -17.34
N PRO A 122 -41.11 3.08 -17.09
CA PRO A 122 -41.19 2.11 -18.19
C PRO A 122 -42.53 2.07 -18.87
N LEU A 123 -43.61 2.45 -18.17
CA LEU A 123 -44.93 2.50 -18.81
C LEU A 123 -44.93 3.40 -20.03
N LYS A 124 -44.08 4.43 -20.03
CA LYS A 124 -44.01 5.31 -21.19
C LYS A 124 -43.60 4.55 -22.44
N LYS A 125 -42.49 3.81 -22.35
CA LYS A 125 -42.09 2.97 -23.46
C LYS A 125 -43.13 1.89 -23.74
N VAL A 126 -43.82 1.45 -22.69
CA VAL A 126 -44.85 0.42 -22.88
C VAL A 126 -45.94 0.91 -23.82
N LEU A 127 -46.52 2.07 -23.52
CA LEU A 127 -47.60 2.52 -24.40
C LEU A 127 -47.06 3.05 -25.71
N ALA A 128 -45.80 3.51 -25.75
CA ALA A 128 -45.19 3.80 -27.04
C ALA A 128 -45.22 2.57 -27.93
N SER A 129 -44.73 1.44 -27.41
CA SER A 129 -44.74 0.20 -28.16
C SER A 129 -46.15 -0.22 -28.52
N SER A 130 -47.10 -0.03 -27.60
CA SER A 130 -48.48 -0.44 -27.87
C SER A 130 -49.08 0.37 -29.01
N LEU A 131 -49.01 1.71 -28.93
CA LEU A 131 -49.54 2.53 -30.00
C LEU A 131 -48.74 2.39 -31.29
N ASN A 132 -47.54 1.82 -31.23
CA ASN A 132 -46.83 1.52 -32.47
C ASN A 132 -47.58 0.54 -33.35
N SER A 133 -48.51 -0.22 -32.77
CA SER A 133 -49.22 -1.27 -33.49
C SER A 133 -50.69 -0.94 -33.75
N LEU A 134 -51.00 0.34 -33.91
CA LEU A 134 -52.37 0.74 -34.18
C LEU A 134 -52.78 0.30 -35.59
N PRO A 135 -54.07 0.04 -35.82
CA PRO A 135 -54.51 -0.35 -37.16
C PRO A 135 -54.39 0.79 -38.15
N ASP A 136 -54.20 0.43 -39.41
CA ASP A 136 -53.95 1.42 -40.46
C ASP A 136 -55.17 2.32 -40.71
N PHE A 137 -56.37 1.88 -40.34
CA PHE A 137 -57.54 2.71 -40.57
C PHE A 137 -57.54 3.95 -39.69
N PHE A 138 -56.99 3.85 -38.48
CA PHE A 138 -57.10 4.91 -37.49
C PHE A 138 -55.93 5.89 -37.52
N LEU A 139 -54.98 5.70 -38.43
CA LEU A 139 -53.77 6.53 -38.40
C LEU A 139 -54.03 8.02 -38.64
N PRO A 140 -54.86 8.46 -39.59
CA PRO A 140 -54.89 9.89 -39.90
C PRO A 140 -55.40 10.76 -38.75
N GLU A 141 -56.48 10.34 -38.11
CA GLU A 141 -57.04 11.12 -37.00
C GLU A 141 -56.07 11.17 -35.83
N ALA A 142 -55.43 10.03 -35.52
CA ALA A 142 -54.42 10.03 -34.48
C ALA A 142 -53.26 10.96 -34.82
N MET A 143 -52.82 10.92 -36.08
CA MET A 143 -51.82 11.85 -36.57
C MET A 143 -52.20 13.28 -36.24
N HIS A 144 -53.36 13.71 -36.73
CA HIS A 144 -53.75 15.11 -36.61
C HIS A 144 -53.89 15.52 -35.16
N ARG A 145 -54.54 14.67 -34.35
CA ARG A 145 -54.84 15.08 -32.98
C ARG A 145 -53.59 15.03 -32.10
N PHE A 146 -52.75 14.00 -32.23
CA PHE A 146 -51.51 13.98 -31.49
C PHE A 146 -50.60 15.12 -31.93
N THR A 147 -50.65 15.48 -33.21
CA THR A 147 -49.97 16.68 -33.69
C THR A 147 -50.44 17.91 -32.94
N SER A 148 -51.77 18.05 -32.79
CA SER A 148 -52.30 19.20 -32.07
C SER A 148 -51.82 19.20 -30.62
N ARG A 149 -51.83 18.04 -29.96
CA ARG A 149 -51.37 17.98 -28.58
C ARG A 149 -49.91 18.37 -28.46
N LEU A 150 -49.07 17.85 -29.35
CA LEU A 150 -47.66 18.21 -29.33
C LEU A 150 -47.48 19.70 -29.58
N GLN A 151 -48.24 20.25 -30.54
CA GLN A 151 -48.12 21.67 -30.86
C GLN A 151 -48.46 22.52 -29.65
N GLU A 152 -49.55 22.22 -28.97
CA GLU A 152 -49.89 23.01 -27.80
C GLU A 152 -48.89 22.76 -26.67
N GLU A 153 -48.24 21.60 -26.64
CA GLU A 153 -47.15 21.40 -25.70
C GLU A 153 -45.98 22.33 -25.99
N LEU A 154 -45.68 22.55 -27.28
CA LEU A 154 -44.53 23.37 -27.66
C LEU A 154 -44.68 24.84 -27.28
N ASN A 155 -45.88 25.29 -26.92
CA ASN A 155 -46.11 26.69 -26.63
C ASN A 155 -45.90 27.03 -25.17
N THR A 156 -45.40 26.09 -24.37
CA THR A 156 -45.12 26.38 -22.97
C THR A 156 -44.06 27.46 -22.86
N THR A 157 -44.11 28.21 -21.76
CA THR A 157 -43.16 29.29 -21.53
C THR A 157 -42.52 29.24 -20.15
N ASP A 158 -42.85 28.26 -19.32
CA ASP A 158 -42.16 28.12 -18.05
C ASP A 158 -40.73 27.65 -18.30
N LEU A 159 -39.77 28.34 -17.68
CA LEU A 159 -38.37 28.03 -17.92
C LEU A 159 -38.03 26.61 -17.47
N TYR A 160 -38.53 26.21 -16.31
CA TYR A 160 -38.16 24.92 -15.75
C TYR A 160 -38.98 23.77 -16.31
N SER A 161 -39.96 24.05 -17.16
CA SER A 161 -40.69 23.01 -17.87
C SER A 161 -40.07 22.66 -19.21
N TYR A 162 -39.00 23.36 -19.60
CA TYR A 162 -38.41 23.15 -20.92
C TYR A 162 -37.81 21.76 -21.04
N ARG A 163 -37.19 21.27 -19.98
CA ARG A 163 -36.51 19.98 -20.04
C ARG A 163 -37.50 18.86 -20.38
N LYS A 164 -38.69 18.91 -19.79
CA LYS A 164 -39.69 17.90 -20.07
C LYS A 164 -40.11 17.92 -21.53
N VAL A 165 -40.28 19.11 -22.09
CA VAL A 165 -40.66 19.22 -23.50
C VAL A 165 -39.57 18.66 -24.39
N THR A 166 -38.31 19.00 -24.08
CA THR A 166 -37.21 18.48 -24.88
C THR A 166 -37.14 16.95 -24.79
N ASP A 167 -37.34 16.41 -23.60
CA ASP A 167 -37.36 14.95 -23.45
C ASP A 167 -38.49 14.34 -24.26
N ASN A 168 -39.64 14.99 -24.29
CA ASN A 168 -40.74 14.49 -25.10
C ASN A 168 -40.35 14.47 -26.58
N ILE A 169 -39.74 15.55 -27.06
CA ILE A 169 -39.31 15.58 -28.46
C ILE A 169 -38.29 14.48 -28.72
N SER A 170 -37.41 14.24 -27.76
CA SER A 170 -36.44 13.16 -27.91
C SER A 170 -37.12 11.81 -28.03
N SER A 171 -38.13 11.57 -27.20
CA SER A 171 -38.84 10.28 -27.24
C SER A 171 -39.56 10.08 -28.56
N CYS A 172 -40.18 11.13 -29.08
CA CYS A 172 -40.94 11.03 -30.32
C CYS A 172 -40.08 10.66 -31.51
N MET A 173 -38.77 10.58 -31.35
CA MET A 173 -37.87 10.22 -32.45
C MET A 173 -37.49 8.75 -32.47
N GLU A 174 -37.37 8.11 -31.31
CA GLU A 174 -36.85 6.75 -31.23
C GLU A 174 -37.99 5.75 -31.35
N ASN A 175 -38.02 5.04 -32.48
CA ASN A 175 -38.86 3.85 -32.67
C ASN A 175 -40.32 4.08 -32.27
N PHE A 176 -40.81 5.28 -32.52
CA PHE A 176 -42.16 5.67 -32.10
C PHE A 176 -42.82 6.36 -33.29
N ASN A 177 -43.47 5.57 -34.15
CA ASN A 177 -44.01 6.08 -35.39
C ASN A 177 -45.11 7.11 -35.18
N LEU A 178 -45.72 7.13 -34.01
CA LEU A 178 -46.76 8.12 -33.73
C LEU A 178 -46.17 9.52 -33.73
N GLY A 179 -45.02 9.70 -33.08
CA GLY A 179 -44.44 11.02 -32.90
C GLY A 179 -43.50 11.45 -34.00
N ARG A 180 -42.99 10.49 -34.77
CA ARG A 180 -42.06 10.82 -35.85
C ARG A 180 -42.74 11.68 -36.90
N ALA A 181 -43.94 11.27 -37.34
CA ALA A 181 -44.67 12.07 -38.32
C ALA A 181 -45.08 13.41 -37.73
N SER A 182 -45.45 13.43 -36.44
CA SER A 182 -45.83 14.68 -35.80
C SER A 182 -44.69 15.69 -35.85
N VAL A 183 -43.50 15.29 -35.39
CA VAL A 183 -42.38 16.22 -35.41
C VAL A 183 -41.97 16.54 -36.82
N ASN A 184 -42.08 15.58 -37.75
CA ASN A 184 -41.79 15.89 -39.15
C ASN A 184 -42.74 16.94 -39.69
N ASN A 185 -43.93 17.05 -39.12
CA ASN A 185 -44.88 18.08 -39.54
C ASN A 185 -44.70 19.39 -38.79
N LEU A 186 -43.86 19.43 -37.77
CA LEU A 186 -43.71 20.62 -36.93
C LEU A 186 -42.25 21.03 -36.81
N LEU A 187 -41.48 20.89 -37.89
CA LEU A 187 -40.08 21.30 -37.83
C LEU A 187 -39.94 22.75 -37.42
N LYS A 188 -40.72 23.63 -38.05
CA LYS A 188 -40.60 25.05 -37.74
C LYS A 188 -40.86 25.30 -36.26
N ASN A 189 -41.92 24.71 -35.72
CA ASN A 189 -42.29 24.97 -34.34
C ASN A 189 -41.27 24.38 -33.37
N VAL A 190 -40.82 23.15 -33.62
CA VAL A 190 -39.88 22.53 -32.70
C VAL A 190 -38.53 23.25 -32.74
N LEU A 191 -38.10 23.68 -33.93
CA LEU A 191 -36.86 24.43 -34.02
C LEU A 191 -36.98 25.76 -33.31
N HIS A 192 -38.10 26.46 -33.47
CA HIS A 192 -38.30 27.71 -32.76
C HIS A 192 -38.28 27.49 -31.25
N PHE A 193 -38.92 26.42 -30.78
CA PHE A 193 -38.92 26.14 -29.36
C PHE A 193 -37.52 25.86 -28.85
N LEU A 194 -36.76 25.06 -29.58
CA LEU A 194 -35.40 24.75 -29.16
C LEU A 194 -34.55 26.01 -29.08
N GLN A 195 -34.65 26.86 -30.09
CA GLN A 195 -33.87 28.09 -30.10
C GLN A 195 -34.21 28.97 -28.91
N LYS A 196 -35.51 29.21 -28.69
CA LYS A 196 -35.89 30.11 -27.60
C LYS A 196 -35.55 29.50 -26.25
N SER A 197 -35.70 28.19 -26.10
CA SER A 197 -35.35 27.56 -24.83
C SER A 197 -33.87 27.66 -24.55
N LEU A 198 -33.04 27.45 -25.56
CA LEU A 198 -31.60 27.58 -25.35
C LEU A 198 -31.23 29.01 -24.96
N ILE A 199 -31.81 29.99 -25.65
CA ILE A 199 -31.51 31.38 -25.33
C ILE A 199 -31.91 31.69 -23.89
N GLU A 200 -33.10 31.27 -23.49
CA GLU A 200 -33.58 31.58 -22.15
C GLU A 200 -32.75 30.87 -21.09
N ILE A 201 -32.34 29.62 -21.35
CA ILE A 201 -31.52 28.91 -20.39
C ILE A 201 -30.17 29.59 -20.23
N LEU A 202 -29.58 30.05 -21.34
CA LEU A 202 -28.32 30.78 -21.24
C LEU A 202 -28.48 32.05 -20.42
N GLU A 203 -29.57 32.79 -20.64
CA GLU A 203 -29.80 34.01 -19.87
C GLU A 203 -29.96 33.70 -18.40
N GLU A 204 -30.75 32.68 -18.07
CA GLU A 204 -30.95 32.32 -16.67
C GLU A 204 -29.64 31.90 -16.03
N ASN A 205 -28.83 31.13 -16.75
CA ASN A 205 -27.55 30.69 -16.20
C ASN A 205 -26.64 31.87 -15.93
N ARG A 206 -26.56 32.83 -16.85
CA ARG A 206 -25.73 33.99 -16.58
C ARG A 206 -26.32 34.86 -15.48
N LYS A 207 -27.62 34.73 -15.21
CA LYS A 207 -28.25 35.50 -14.14
C LYS A 207 -28.16 34.81 -12.79
N CYS A 208 -28.08 33.48 -12.76
CA CYS A 208 -28.02 32.73 -11.51
C CYS A 208 -26.60 32.47 -11.04
N ALA A 209 -25.66 33.33 -11.39
CA ALA A 209 -24.29 33.15 -10.95
C ALA A 209 -24.19 33.24 -9.43
N GLY A 210 -23.41 32.34 -8.85
CA GLY A 210 -23.27 32.30 -7.40
C GLY A 210 -23.74 30.98 -6.82
N ASN A 211 -24.86 30.48 -7.31
CA ASN A 211 -25.36 29.16 -6.91
C ASN A 211 -24.96 28.17 -7.98
N HIS A 212 -24.26 27.11 -7.58
CA HIS A 212 -23.73 26.18 -8.55
C HIS A 212 -24.63 24.97 -8.78
N ILE A 213 -25.56 24.67 -7.88
CA ILE A 213 -26.51 23.60 -8.13
C ILE A 213 -27.48 24.01 -9.24
N ILE A 214 -28.01 25.23 -9.15
CA ILE A 214 -28.88 25.73 -10.20
C ILE A 214 -28.14 25.80 -11.52
N GLN A 215 -26.89 26.26 -11.47
CA GLN A 215 -26.09 26.33 -12.69
C GLN A 215 -25.87 24.95 -13.27
N THR A 216 -25.62 23.94 -12.44
CA THR A 216 -25.44 22.60 -12.95
C THR A 216 -26.70 22.10 -13.65
N GLN A 217 -27.86 22.35 -13.04
CA GLN A 217 -29.10 21.94 -13.68
C GLN A 217 -29.28 22.63 -15.03
N LEU A 218 -28.96 23.93 -15.09
CA LEU A 218 -29.10 24.66 -16.33
C LEU A 218 -28.15 24.14 -17.41
N MET A 219 -26.93 23.79 -17.02
CA MET A 219 -26.00 23.21 -17.99
C MET A 219 -26.54 21.89 -18.52
N ASN A 220 -27.11 21.07 -17.65
CA ASN A 220 -27.68 19.81 -18.12
C ASN A 220 -28.81 20.07 -19.11
N ASP A 221 -29.63 21.08 -18.86
CA ASP A 221 -30.69 21.43 -19.80
C ASP A 221 -30.12 21.88 -21.14
N LEU A 222 -29.07 22.70 -21.13
CA LEU A 222 -28.41 23.06 -22.37
C LEU A 222 -27.93 21.84 -23.12
N LEU A 223 -27.32 20.90 -22.39
CA LEU A 223 -26.75 19.73 -23.03
C LEU A 223 -27.83 18.91 -23.71
N VAL A 224 -28.96 18.68 -23.02
CA VAL A 224 -30.02 17.90 -23.64
C VAL A 224 -30.59 18.63 -24.84
N GLY A 225 -30.68 19.96 -24.77
CA GLY A 225 -31.18 20.71 -25.91
C GLY A 225 -30.30 20.55 -27.13
N ILE A 226 -28.99 20.65 -26.94
CA ILE A 226 -28.06 20.52 -28.06
C ILE A 226 -28.11 19.11 -28.63
N ARG A 227 -28.14 18.10 -27.77
CA ARG A 227 -28.19 16.73 -28.27
C ARG A 227 -29.46 16.47 -29.04
N VAL A 228 -30.59 17.00 -28.56
CA VAL A 228 -31.85 16.82 -29.27
C VAL A 228 -31.80 17.50 -30.63
N SER A 229 -31.20 18.69 -30.69
CA SER A 229 -31.10 19.38 -31.97
C SER A 229 -30.27 18.56 -32.96
N MET A 230 -29.16 18.00 -32.50
CA MET A 230 -28.35 17.15 -33.37
C MET A 230 -29.14 15.94 -33.84
N MET A 231 -29.89 15.32 -32.93
CA MET A 231 -30.74 14.19 -33.31
C MET A 231 -31.70 14.59 -34.41
N LEU A 232 -32.35 15.74 -34.25
CA LEU A 232 -33.32 16.20 -35.22
C LEU A 232 -32.68 16.38 -36.59
N VAL A 233 -31.53 17.04 -36.64
CA VAL A 233 -30.91 17.29 -37.93
C VAL A 233 -30.46 15.98 -38.56
N GLN A 234 -29.99 15.03 -37.75
CA GLN A 234 -29.50 13.78 -38.29
C GLN A 234 -30.62 12.85 -38.74
N LYS A 235 -31.78 12.93 -38.09
CA LYS A 235 -32.77 11.86 -38.13
C LYS A 235 -34.15 12.41 -38.48
N VAL A 236 -34.22 13.28 -39.47
CA VAL A 236 -35.50 13.75 -40.01
C VAL A 236 -35.41 13.68 -41.52
N GLN A 237 -36.39 13.05 -42.14
CA GLN A 237 -36.37 12.84 -43.58
C GLN A 237 -36.91 14.10 -44.24
N ASP A 238 -36.32 15.24 -43.91
CA ASP A 238 -36.70 16.50 -44.54
C ASP A 238 -35.48 17.30 -44.94
N PHE A 239 -34.37 17.11 -44.22
CA PHE A 239 -33.16 17.88 -44.47
C PHE A 239 -32.39 17.39 -45.68
N GLN A 240 -32.71 16.20 -46.18
CA GLN A 240 -32.12 15.74 -47.43
C GLN A 240 -32.57 16.62 -48.58
N GLY A 241 -31.76 16.64 -49.63
CA GLY A 241 -32.02 17.53 -50.75
C GLY A 241 -31.91 18.98 -50.31
N ASN A 242 -32.03 19.93 -51.22
CA ASN A 242 -31.93 21.31 -50.76
C ASN A 242 -33.27 21.79 -50.18
N LEU A 243 -34.26 22.03 -51.04
CA LEU A 243 -35.68 22.06 -50.70
C LEU A 243 -36.05 23.08 -49.62
N TRP A 244 -35.07 23.59 -48.91
CA TRP A 244 -35.33 24.59 -47.87
C TRP A 244 -34.20 25.59 -47.73
N LYS A 245 -33.18 25.54 -48.57
CA LYS A 245 -32.03 26.41 -48.41
C LYS A 245 -32.33 27.87 -48.75
N THR A 246 -33.51 28.14 -49.29
CA THR A 246 -33.89 29.52 -49.58
C THR A 246 -33.95 30.33 -48.30
N SER A 247 -33.58 31.61 -48.40
CA SER A 247 -33.50 32.46 -47.23
C SER A 247 -34.85 32.70 -46.58
N ASP A 248 -35.94 32.58 -47.33
CA ASP A 248 -37.27 32.86 -46.79
C ASP A 248 -37.85 31.71 -45.98
N SER A 249 -37.29 30.52 -46.08
CA SER A 249 -37.85 29.37 -45.38
C SER A 249 -37.73 29.57 -43.88
N PRO A 250 -38.80 29.39 -43.11
CA PRO A 250 -38.68 29.48 -41.65
C PRO A 250 -37.73 28.44 -41.08
N ILE A 251 -37.66 27.27 -41.71
CA ILE A 251 -36.70 26.26 -41.28
C ILE A 251 -35.28 26.79 -41.41
N TRP A 252 -34.98 27.43 -42.54
CA TRP A 252 -33.64 27.96 -42.75
C TRP A 252 -33.30 29.01 -41.71
N GLN A 253 -34.23 29.90 -41.39
CA GLN A 253 -33.94 30.97 -40.44
C GLN A 253 -33.76 30.42 -39.04
N ASN A 254 -34.60 29.45 -38.65
CA ASN A 254 -34.42 28.82 -37.35
C ASN A 254 -33.08 28.09 -37.28
N MET A 255 -32.67 27.45 -38.39
CA MET A 255 -31.39 26.76 -38.40
C MET A 255 -30.25 27.75 -38.25
N CYS A 256 -30.33 28.90 -38.93
CA CYS A 256 -29.28 29.91 -38.79
C CYS A 256 -29.21 30.44 -37.37
N GLY A 257 -30.37 30.65 -36.74
CA GLY A 257 -30.36 31.08 -35.36
C GLY A 257 -29.75 30.05 -34.43
N LEU A 258 -30.06 28.77 -34.66
CA LEU A 258 -29.46 27.71 -33.87
C LEU A 258 -27.95 27.68 -34.06
N LEU A 259 -27.49 27.85 -35.29
CA LEU A 259 -26.06 27.87 -35.56
C LEU A 259 -25.38 29.01 -34.82
N SER A 260 -26.01 30.19 -34.81
CA SER A 260 -25.45 31.32 -34.09
C SER A 260 -25.36 31.02 -32.60
N ILE A 261 -26.39 30.42 -32.03
CA ILE A 261 -26.35 30.06 -30.61
C ILE A 261 -25.23 29.07 -30.35
N PHE A 262 -25.06 28.10 -31.24
CA PHE A 262 -24.01 27.11 -31.06
C PHE A 262 -22.63 27.76 -31.07
N THR A 263 -22.40 28.69 -32.00
CA THR A 263 -21.12 29.37 -32.02
C THR A 263 -20.90 30.16 -30.75
N LYS A 264 -21.93 30.86 -30.30
CA LYS A 264 -21.80 31.68 -29.10
C LYS A 264 -21.49 30.82 -27.88
N VAL A 265 -22.13 29.65 -27.78
CA VAL A 265 -21.88 28.79 -26.62
C VAL A 265 -20.54 28.09 -26.73
N LEU A 266 -20.07 27.82 -27.95
CA LEU A 266 -18.74 27.24 -28.10
C LEU A 266 -17.67 28.19 -27.64
N SER A 267 -17.75 29.46 -28.06
CA SER A 267 -16.72 30.42 -27.68
C SER A 267 -16.76 30.75 -26.19
N ASP A 268 -17.87 30.49 -25.52
CA ASP A 268 -17.97 30.76 -24.10
C ASP A 268 -17.06 29.85 -23.30
N ASP A 269 -16.69 30.29 -22.10
CA ASP A 269 -15.70 29.60 -21.29
C ASP A 269 -16.13 29.34 -19.86
N ASP A 270 -17.24 29.89 -19.40
CA ASP A 270 -17.71 29.64 -18.04
C ASP A 270 -18.67 28.48 -17.95
N LEU A 271 -18.87 27.75 -19.04
CA LEU A 271 -19.78 26.61 -19.08
C LEU A 271 -19.00 25.31 -18.95
N LEU A 272 -19.74 24.23 -18.75
CA LEU A 272 -19.13 22.91 -18.67
C LEU A 272 -18.48 22.57 -20.01
N GLN A 273 -17.34 21.87 -19.95
CA GLN A 273 -16.64 21.54 -21.17
C GLN A 273 -17.43 20.55 -22.02
N THR A 274 -18.29 19.76 -21.40
CA THR A 274 -19.15 18.88 -22.19
C THR A 274 -20.06 19.69 -23.10
N VAL A 275 -20.59 20.80 -22.58
CA VAL A 275 -21.46 21.66 -23.37
C VAL A 275 -20.70 22.21 -24.56
N GLN A 276 -19.48 22.69 -24.34
CA GLN A 276 -18.71 23.26 -25.44
C GLN A 276 -18.33 22.23 -26.48
N SER A 277 -17.92 21.04 -26.05
CA SER A 277 -17.57 20.01 -27.01
C SER A 277 -18.77 19.59 -27.84
N THR A 278 -19.92 19.42 -27.19
CA THR A 278 -21.13 19.08 -27.91
C THR A 278 -21.49 20.21 -28.88
N SER A 279 -21.26 21.45 -28.48
CA SER A 279 -21.51 22.58 -29.36
C SER A 279 -20.64 22.53 -30.60
N GLY A 280 -19.37 22.16 -30.44
CA GLY A 280 -18.51 22.04 -31.59
C GLY A 280 -18.99 20.95 -32.55
N LEU A 281 -19.41 19.82 -31.99
CA LEU A 281 -20.01 18.77 -32.81
C LEU A 281 -21.19 19.32 -33.60
N ALA A 282 -22.08 20.04 -32.92
CA ALA A 282 -23.28 20.57 -33.56
C ALA A 282 -22.92 21.58 -34.64
N ILE A 283 -21.91 22.41 -34.39
CA ILE A 283 -21.51 23.40 -35.38
C ILE A 283 -21.06 22.72 -36.66
N ILE A 284 -20.22 21.70 -36.53
CA ILE A 284 -19.75 21.03 -37.74
C ILE A 284 -20.90 20.33 -38.44
N LEU A 285 -21.81 19.73 -37.67
CA LEU A 285 -22.95 19.05 -38.29
C LEU A 285 -23.81 20.03 -39.08
N PHE A 286 -24.09 21.20 -38.51
CA PHE A 286 -24.94 22.17 -39.18
C PHE A 286 -24.25 22.74 -40.41
N ILE A 287 -22.95 23.03 -40.31
CA ILE A 287 -22.23 23.54 -41.48
C ILE A 287 -22.27 22.51 -42.60
N LYS A 288 -22.05 21.24 -42.27
CA LYS A 288 -22.13 20.19 -43.27
C LYS A 288 -23.53 20.12 -43.87
N THR A 289 -24.56 20.34 -43.05
CA THR A 289 -25.93 20.23 -43.53
C THR A 289 -26.31 21.45 -44.38
N MET A 290 -25.93 22.63 -43.96
CA MET A 290 -26.51 23.86 -44.48
C MET A 290 -25.75 24.45 -45.66
N PHE A 291 -24.60 23.90 -46.03
CA PHE A 291 -23.72 24.51 -47.01
C PHE A 291 -24.07 23.93 -48.38
N HIS A 292 -24.56 24.78 -49.29
CA HIS A 292 -25.03 24.28 -50.57
C HIS A 292 -23.93 23.69 -51.44
N PRO A 293 -22.80 24.37 -51.71
CA PRO A 293 -21.77 23.73 -52.52
C PRO A 293 -21.03 22.68 -51.71
N SER A 294 -21.58 21.46 -51.68
CA SER A 294 -21.09 20.44 -50.77
C SER A 294 -19.61 20.14 -50.98
N GLU A 295 -19.17 20.11 -52.23
CA GLU A 295 -17.78 19.78 -52.50
C GLU A 295 -16.80 20.78 -51.92
N LYS A 296 -17.27 21.97 -51.55
CA LYS A 296 -16.43 22.98 -50.94
C LYS A 296 -16.42 22.91 -49.43
N ILE A 297 -17.22 22.03 -48.83
CA ILE A 297 -17.25 21.93 -47.37
C ILE A 297 -15.89 21.55 -46.79
N PRO A 298 -15.20 20.52 -47.28
CA PRO A 298 -13.89 20.20 -46.68
C PRO A 298 -12.90 21.33 -46.73
N HIS A 299 -12.88 22.10 -47.82
CA HIS A 299 -11.94 23.21 -47.89
C HIS A 299 -12.28 24.27 -46.85
N LEU A 300 -13.54 24.71 -46.82
CA LEU A 300 -13.95 25.75 -45.88
C LEU A 300 -13.61 25.37 -44.46
N ILE A 301 -14.03 24.18 -44.03
CA ILE A 301 -13.72 23.73 -42.67
C ILE A 301 -12.21 23.78 -42.43
N SER A 302 -11.44 23.34 -43.43
CA SER A 302 -9.99 23.38 -43.29
C SER A 302 -9.53 24.77 -42.89
N SER A 303 -9.99 25.79 -43.62
CA SER A 303 -9.59 27.15 -43.30
C SER A 303 -9.98 27.52 -41.88
N VAL A 304 -11.19 27.14 -41.48
CA VAL A 304 -11.66 27.48 -40.14
C VAL A 304 -10.72 26.89 -39.10
N LEU A 305 -10.20 25.70 -39.36
CA LEU A 305 -9.27 25.10 -38.40
C LEU A 305 -7.93 25.82 -38.41
N LEU A 306 -7.49 26.30 -39.57
CA LEU A 306 -6.20 26.96 -39.70
C LEU A 306 -6.25 28.44 -39.38
N ARG A 307 -7.43 28.96 -39.03
CA ARG A 307 -7.61 30.38 -38.75
C ARG A 307 -7.21 31.24 -39.92
N SER A 308 -7.39 30.73 -41.13
CA SER A 308 -6.97 31.40 -42.35
C SER A 308 -8.13 31.51 -43.32
N VAL A 309 -9.29 31.86 -42.83
CA VAL A 309 -10.48 32.00 -43.66
C VAL A 309 -10.57 33.43 -44.16
N ASP A 310 -10.93 33.58 -45.43
CA ASP A 310 -11.09 34.90 -46.03
C ASP A 310 -12.51 35.38 -45.81
N CYS A 311 -12.66 36.48 -45.07
CA CYS A 311 -13.97 36.97 -44.70
C CYS A 311 -14.80 37.37 -45.91
N THR A 312 -14.17 37.53 -47.08
CA THR A 312 -14.83 38.04 -48.26
C THR A 312 -15.31 36.95 -49.22
N SER A 313 -15.15 35.68 -48.87
CA SER A 313 -15.56 34.60 -49.76
C SER A 313 -16.59 33.65 -49.17
N VAL A 314 -16.84 33.72 -47.87
CA VAL A 314 -17.84 32.86 -47.24
C VAL A 314 -19.23 33.39 -47.57
N PRO A 315 -20.25 32.55 -47.59
CA PRO A 315 -21.61 33.05 -47.82
C PRO A 315 -22.05 33.94 -46.67
N GLU A 316 -23.00 34.82 -46.98
CA GLU A 316 -23.40 35.85 -46.03
C GLU A 316 -23.98 35.26 -44.76
N TRP A 317 -24.79 34.21 -44.89
CA TRP A 317 -25.39 33.60 -43.70
C TRP A 317 -24.31 33.06 -42.77
N PHE A 318 -23.23 32.53 -43.33
CA PHE A 318 -22.16 32.02 -42.49
C PHE A 318 -21.49 33.14 -41.71
N MET A 319 -21.24 34.28 -42.36
CA MET A 319 -20.66 35.40 -41.65
C MET A 319 -21.62 35.93 -40.58
N SER A 320 -22.91 35.97 -40.88
CA SER A 320 -23.87 36.45 -39.91
C SER A 320 -23.93 35.54 -38.68
N SER A 321 -23.93 34.23 -38.91
CA SER A 321 -24.10 33.27 -37.82
C SER A 321 -22.79 32.90 -37.16
N CYS A 322 -21.72 32.78 -37.94
CA CYS A 322 -20.45 32.28 -37.42
C CYS A 322 -19.38 33.36 -37.49
N ARG A 323 -19.71 34.57 -37.05
CA ARG A 323 -18.74 35.67 -37.10
C ARG A 323 -17.49 35.33 -36.30
N SER A 324 -17.63 34.60 -35.20
CA SER A 324 -16.45 34.24 -34.41
C SER A 324 -15.53 33.32 -35.19
N LEU A 325 -16.09 32.38 -35.95
CA LEU A 325 -15.25 31.45 -36.71
C LEU A 325 -14.40 32.19 -37.73
N CYS A 326 -14.99 33.14 -38.44
CA CYS A 326 -14.20 34.04 -39.27
C CYS A 326 -13.59 35.13 -38.38
N CYS A 327 -12.74 35.95 -38.98
CA CYS A 327 -12.20 37.13 -38.32
C CYS A 327 -11.54 36.79 -36.98
N GLY A 328 -11.07 35.56 -36.84
CA GLY A 328 -10.10 35.19 -35.82
C GLY A 328 -10.55 35.32 -34.38
N ASP A 329 -9.57 35.11 -33.50
CA ASP A 329 -9.71 35.26 -32.05
C ASP A 329 -10.71 34.27 -31.46
N ILE A 330 -10.37 32.99 -31.56
CA ILE A 330 -11.08 31.94 -30.83
C ILE A 330 -10.06 31.17 -29.99
N SER A 331 -10.54 30.66 -28.86
CA SER A 331 -9.67 30.01 -27.89
C SER A 331 -9.07 28.73 -28.48
N GLN A 332 -8.18 28.11 -27.71
CA GLN A 332 -7.64 26.82 -28.13
C GLN A 332 -8.65 25.70 -27.90
N SER A 333 -9.48 25.81 -26.87
CA SER A 333 -10.56 24.87 -26.69
C SER A 333 -11.51 24.88 -27.88
N ALA A 334 -11.77 26.06 -28.42
CA ALA A 334 -12.66 26.15 -29.57
C ALA A 334 -12.12 25.36 -30.75
N VAL A 335 -10.82 25.50 -31.02
CA VAL A 335 -10.25 24.78 -32.15
C VAL A 335 -10.20 23.29 -31.86
N LEU A 336 -9.91 22.93 -30.62
CA LEU A 336 -9.89 21.52 -30.25
C LEU A 336 -11.25 20.88 -30.50
N PHE A 337 -12.31 21.51 -30.02
CA PHE A 337 -13.64 20.93 -30.18
C PHE A 337 -14.10 20.99 -31.63
N LEU A 338 -13.66 21.99 -32.38
CA LEU A 338 -14.03 22.03 -33.79
C LEU A 338 -13.38 20.89 -34.57
N CYS A 339 -12.11 20.58 -34.27
CA CYS A 339 -11.52 19.45 -35.00
C CYS A 339 -12.08 18.12 -34.52
N GLN A 340 -12.46 18.04 -33.24
CA GLN A 340 -13.20 16.87 -32.78
C GLN A 340 -14.46 16.67 -33.60
N GLY A 341 -15.28 17.71 -33.73
CA GLY A 341 -16.47 17.62 -34.53
C GLY A 341 -16.18 17.34 -35.99
N THR A 342 -15.05 17.83 -36.50
CA THR A 342 -14.68 17.54 -37.87
C THR A 342 -14.46 16.05 -38.07
N LEU A 343 -13.73 15.43 -37.16
CA LEU A 343 -13.49 14.00 -37.28
C LEU A 343 -14.77 13.21 -37.09
N ALA A 344 -15.61 13.61 -36.13
CA ALA A 344 -16.77 12.79 -35.78
C ALA A 344 -17.87 12.88 -36.84
N MET A 345 -18.16 14.07 -37.35
CA MET A 345 -19.41 14.33 -38.04
C MET A 345 -19.26 14.45 -39.56
N LEU A 346 -18.23 13.85 -40.13
CA LEU A 346 -18.06 13.88 -41.58
C LEU A 346 -17.90 12.47 -42.10
N ASP A 347 -18.27 12.27 -43.36
CA ASP A 347 -18.24 10.95 -43.98
C ASP A 347 -16.84 10.68 -44.50
N TRP A 348 -16.06 9.89 -43.76
CA TRP A 348 -14.72 9.55 -44.20
C TRP A 348 -14.67 8.30 -45.05
N GLN A 349 -15.60 7.37 -44.85
CA GLN A 349 -15.61 6.16 -45.65
C GLN A 349 -16.09 6.45 -47.07
N ASN A 350 -15.70 5.57 -47.99
CA ASN A 350 -16.09 5.57 -49.39
C ASN A 350 -15.45 6.70 -50.19
N GLY A 351 -14.66 7.55 -49.57
CA GLY A 351 -14.02 8.63 -50.30
C GLY A 351 -14.99 9.62 -50.89
N SER A 352 -16.04 9.97 -50.15
CA SER A 352 -17.00 10.95 -50.64
C SER A 352 -16.37 12.33 -50.80
N MET A 353 -15.55 12.74 -49.84
CA MET A 353 -14.97 14.07 -49.88
C MET A 353 -13.76 14.17 -50.78
N GLY A 354 -13.15 13.05 -51.14
CA GLY A 354 -12.08 13.06 -52.13
C GLY A 354 -10.81 13.73 -51.65
N ARG A 355 -10.11 14.33 -52.61
CA ARG A 355 -8.80 14.91 -52.34
C ARG A 355 -8.88 16.01 -51.30
N SER A 356 -9.94 16.81 -51.35
CA SER A 356 -10.14 17.83 -50.33
C SER A 356 -10.32 17.19 -48.96
N GLY A 357 -10.99 16.04 -48.91
CA GLY A 357 -11.11 15.34 -47.65
C GLY A 357 -9.77 14.88 -47.12
N GLU A 358 -8.92 14.35 -48.00
CA GLU A 358 -7.58 13.94 -47.55
C GLU A 358 -6.78 15.12 -47.04
N ALA A 359 -6.85 16.25 -47.75
CA ALA A 359 -6.17 17.44 -47.31
C ALA A 359 -6.69 17.89 -45.95
N LEU A 360 -8.01 17.80 -45.74
CA LEU A 360 -8.57 18.15 -44.45
C LEU A 360 -8.06 17.23 -43.36
N LEU A 361 -7.91 15.94 -43.67
CA LEU A 361 -7.37 15.01 -42.69
C LEU A 361 -5.96 15.43 -42.26
N LEU A 362 -5.11 15.72 -43.24
CA LEU A 362 -3.74 16.12 -42.91
C LEU A 362 -3.72 17.44 -42.14
N ASP A 363 -4.57 18.39 -42.53
CA ASP A 363 -4.61 19.66 -41.83
C ASP A 363 -5.08 19.49 -40.39
N THR A 364 -6.06 18.62 -40.16
CA THR A 364 -6.50 18.36 -38.79
C THR A 364 -5.37 17.76 -37.98
N ALA A 365 -4.59 16.85 -38.59
CA ALA A 365 -3.44 16.29 -37.88
C ALA A 365 -2.46 17.37 -37.49
N HIS A 366 -2.17 18.28 -38.43
CA HIS A 366 -1.24 19.35 -38.15
C HIS A 366 -1.73 20.25 -37.02
N VAL A 367 -3.02 20.61 -37.05
CA VAL A 367 -3.57 21.46 -36.00
C VAL A 367 -3.53 20.76 -34.65
N LEU A 368 -3.85 19.47 -34.64
CA LEU A 368 -3.83 18.73 -33.38
C LEU A 368 -2.43 18.67 -32.79
N PHE A 369 -1.42 18.44 -33.64
CA PHE A 369 -0.06 18.41 -33.14
C PHE A 369 0.38 19.77 -32.63
N THR A 370 -0.03 20.84 -33.32
CA THR A 370 0.26 22.17 -32.82
C THR A 370 -0.36 22.40 -31.44
N LEU A 371 -1.62 21.99 -31.27
CA LEU A 371 -2.28 22.17 -29.98
C LEU A 371 -1.66 21.32 -28.89
N SER A 372 -1.07 20.19 -29.25
CA SER A 372 -0.55 19.29 -28.22
C SER A 372 0.53 19.96 -27.38
N SER A 373 1.36 20.79 -28.01
CA SER A 373 2.44 21.44 -27.28
C SER A 373 1.97 22.63 -26.45
N GLN A 374 0.81 23.19 -26.74
CA GLN A 374 0.32 24.38 -26.05
C GLN A 374 -0.65 24.06 -24.93
N ILE A 375 -1.41 22.98 -25.05
CA ILE A 375 -2.42 22.64 -24.06
C ILE A 375 -1.74 22.15 -22.79
N LYS A 376 -2.17 22.66 -21.65
CA LYS A 376 -1.62 22.23 -20.38
C LYS A 376 -2.68 21.88 -19.34
N GLU A 377 -3.93 22.24 -19.55
CA GLU A 377 -4.99 21.87 -18.62
C GLU A 377 -5.19 20.35 -18.66
N PRO A 378 -5.32 19.69 -17.51
CA PRO A 378 -5.50 18.22 -17.54
C PRO A 378 -6.68 17.74 -18.36
N THR A 379 -7.87 18.30 -18.13
CA THR A 379 -9.06 17.84 -18.85
C THR A 379 -8.91 18.08 -20.34
N LEU A 380 -8.30 19.19 -20.71
CA LEU A 380 -8.06 19.43 -22.13
C LEU A 380 -7.08 18.42 -22.70
N GLU A 381 -6.12 17.97 -21.90
CA GLU A 381 -5.21 16.92 -22.37
C GLU A 381 -5.95 15.62 -22.60
N MET A 382 -6.87 15.27 -21.71
CA MET A 382 -7.69 14.08 -21.92
C MET A 382 -8.51 14.18 -23.20
N PHE A 383 -9.11 15.35 -23.42
CA PHE A 383 -9.88 15.56 -24.64
C PHE A 383 -9.00 15.42 -25.86
N LEU A 384 -7.78 15.94 -25.80
CA LEU A 384 -6.89 15.87 -26.95
C LEU A 384 -6.51 14.43 -27.24
N SER A 385 -6.31 13.62 -26.20
CA SER A 385 -6.02 12.21 -26.42
C SER A 385 -7.17 11.52 -27.12
N ARG A 386 -8.40 11.77 -26.67
CA ARG A 386 -9.54 11.18 -27.34
C ARG A 386 -9.59 11.59 -28.80
N ILE A 387 -9.31 12.86 -29.07
CA ILE A 387 -9.42 13.34 -30.45
C ILE A 387 -8.31 12.76 -31.31
N LEU A 388 -7.12 12.55 -30.75
CA LEU A 388 -6.06 11.91 -31.53
C LEU A 388 -6.41 10.47 -31.89
N ALA A 389 -6.99 9.74 -30.94
CA ALA A 389 -7.46 8.39 -31.25
C ALA A 389 -8.52 8.42 -32.35
N SER A 390 -9.45 9.38 -32.26
CA SER A 390 -10.44 9.50 -33.31
C SER A 390 -9.80 9.84 -34.66
N TRP A 391 -8.73 10.62 -34.64
CA TRP A 391 -8.03 10.90 -35.88
C TRP A 391 -7.46 9.64 -36.48
N THR A 392 -6.91 8.77 -35.64
CA THR A 392 -6.39 7.50 -36.15
C THR A 392 -7.51 6.67 -36.77
N ASN A 393 -8.68 6.63 -36.12
CA ASN A 393 -9.81 5.90 -36.71
C ASN A 393 -10.18 6.47 -38.08
N SER A 394 -10.25 7.79 -38.19
CA SER A 394 -10.60 8.40 -39.46
C SER A 394 -9.54 8.12 -40.51
N ALA A 395 -8.28 8.08 -40.10
CA ALA A 395 -7.21 7.74 -41.03
C ALA A 395 -7.36 6.31 -41.53
N ILE A 396 -7.75 5.39 -40.64
CA ILE A 396 -8.04 4.03 -41.07
C ILE A 396 -9.11 4.04 -42.15
N GLN A 397 -10.21 4.75 -41.88
CA GLN A 397 -11.33 4.72 -42.82
C GLN A 397 -10.95 5.34 -44.16
N VAL A 398 -10.24 6.46 -44.14
CA VAL A 398 -9.81 7.09 -45.39
C VAL A 398 -8.86 6.18 -46.15
N LEU A 399 -7.94 5.55 -45.42
CA LEU A 399 -6.83 4.82 -46.01
C LEU A 399 -7.29 3.53 -46.68
N GLU A 400 -8.52 3.11 -46.45
CA GLU A 400 -9.01 1.87 -47.03
C GLU A 400 -9.34 2.00 -48.51
N SER A 401 -9.52 3.22 -49.02
CA SER A 401 -9.75 3.43 -50.44
C SER A 401 -9.05 4.67 -50.95
N SER A 402 -7.97 5.08 -50.31
CA SER A 402 -7.37 6.38 -50.56
C SER A 402 -6.56 6.38 -51.85
N SER A 403 -6.01 7.54 -52.18
CA SER A 403 -5.15 7.70 -53.33
C SER A 403 -3.72 7.28 -53.01
N PRO A 404 -2.93 6.92 -54.02
CA PRO A 404 -1.53 6.56 -53.75
C PRO A 404 -0.71 7.68 -53.12
N SER A 405 -1.08 8.93 -53.37
CA SER A 405 -0.34 10.04 -52.78
C SER A 405 -0.45 10.02 -51.26
N LEU A 406 -1.64 9.72 -50.74
CA LEU A 406 -1.82 9.69 -49.29
C LEU A 406 -1.04 8.55 -48.66
N THR A 407 -0.81 7.47 -49.41
CA THR A 407 -0.08 6.33 -48.88
C THR A 407 1.32 6.73 -48.43
N ASP A 408 2.01 7.52 -49.25
CA ASP A 408 3.36 7.96 -48.88
C ASP A 408 3.34 8.81 -47.62
N SER A 409 2.32 9.65 -47.47
CA SER A 409 2.25 10.57 -46.34
C SER A 409 1.68 9.94 -45.08
N LEU A 410 1.15 8.73 -45.16
CA LEU A 410 0.56 8.09 -43.99
C LEU A 410 1.21 6.76 -43.61
N ASN A 411 2.26 6.32 -44.31
CA ASN A 411 2.90 5.07 -43.93
C ASN A 411 3.69 5.25 -42.64
N GLY A 412 4.24 4.15 -42.15
CA GLY A 412 4.89 4.15 -40.86
C GLY A 412 6.14 4.99 -40.77
N ASN A 413 6.75 5.32 -41.91
CA ASN A 413 7.95 6.14 -41.94
C ASN A 413 7.65 7.61 -42.21
N SER A 414 6.38 7.98 -42.29
CA SER A 414 6.02 9.36 -42.53
C SER A 414 6.29 10.21 -41.30
N SER A 415 6.21 11.52 -41.48
CA SER A 415 6.42 12.43 -40.37
C SER A 415 5.24 12.40 -39.41
N ILE A 416 4.03 12.26 -39.93
CA ILE A 416 2.84 12.26 -39.08
C ILE A 416 2.87 11.08 -38.12
N VAL A 417 3.17 9.89 -38.66
CA VAL A 417 3.22 8.71 -37.81
C VAL A 417 4.39 8.82 -36.83
N GLY A 418 5.49 9.45 -37.23
CA GLY A 418 6.56 9.70 -36.30
C GLY A 418 6.11 10.55 -35.13
N ARG A 419 5.36 11.62 -35.41
CA ARG A 419 4.86 12.46 -34.32
C ARG A 419 3.88 11.71 -33.44
N LEU A 420 3.05 10.86 -34.05
CA LEU A 420 2.11 10.07 -33.27
C LEU A 420 2.83 9.10 -32.35
N LEU A 421 3.87 8.43 -32.86
CA LEU A 421 4.65 7.53 -32.02
C LEU A 421 5.34 8.30 -30.91
N GLU A 422 5.82 9.51 -31.21
CA GLU A 422 6.40 10.34 -30.16
C GLU A 422 5.37 10.63 -29.09
N TYR A 423 4.14 10.94 -29.48
CA TYR A 423 3.09 11.19 -28.51
C TYR A 423 2.84 9.96 -27.65
N VAL A 424 2.78 8.79 -28.28
CA VAL A 424 2.51 7.56 -27.54
C VAL A 424 3.62 7.29 -26.54
N TYR A 425 4.88 7.38 -26.99
CA TYR A 425 5.99 7.10 -26.09
C TYR A 425 6.02 8.10 -24.96
N THR A 426 5.67 9.35 -25.23
CA THR A 426 5.64 10.35 -24.19
C THR A 426 4.50 10.12 -23.21
N HIS A 427 3.42 9.47 -23.63
CA HIS A 427 2.22 9.45 -22.82
C HIS A 427 1.75 8.08 -22.33
N TRP A 428 2.40 6.97 -22.68
CA TRP A 428 1.84 5.73 -22.15
C TRP A 428 1.86 5.64 -20.63
N GLU A 429 2.72 6.36 -19.93
CA GLU A 429 2.74 6.30 -18.48
C GLU A 429 2.21 7.57 -17.83
N HIS A 430 1.21 8.18 -18.45
CA HIS A 430 0.57 9.33 -17.85
C HIS A 430 -0.21 8.90 -16.61
N PRO A 431 -0.29 9.75 -15.60
CA PRO A 431 -1.06 9.39 -14.40
C PRO A 431 -2.53 9.14 -14.66
N LEU A 432 -3.15 9.82 -15.61
CA LEU A 432 -4.58 9.65 -15.88
C LEU A 432 -4.83 8.38 -16.67
N ASP A 433 -5.80 7.59 -16.23
CA ASP A 433 -6.07 6.31 -16.87
C ASP A 433 -6.61 6.48 -18.27
N ALA A 434 -7.45 7.49 -18.48
CA ALA A 434 -8.03 7.70 -19.80
C ALA A 434 -6.96 8.01 -20.84
N LEU A 435 -5.99 8.83 -20.46
CA LEU A 435 -4.85 9.10 -21.33
C LEU A 435 -4.21 7.81 -21.81
N ARG A 436 -3.89 6.93 -20.88
CA ARG A 436 -3.18 5.70 -21.22
C ARG A 436 -4.03 4.80 -22.11
N HIS A 437 -5.32 4.69 -21.81
CA HIS A 437 -6.17 3.86 -22.67
C HIS A 437 -6.22 4.41 -24.08
N GLN A 438 -6.31 5.73 -24.21
CA GLN A 438 -6.35 6.32 -25.54
C GLN A 438 -5.04 6.09 -26.27
N THR A 439 -3.91 6.14 -25.55
CA THR A 439 -2.63 5.87 -26.21
C THR A 439 -2.57 4.43 -26.73
N LYS A 440 -3.12 3.48 -25.97
CA LYS A 440 -3.17 2.11 -26.46
C LYS A 440 -3.96 2.04 -27.76
N ILE A 441 -5.11 2.72 -27.79
CA ILE A 441 -5.90 2.73 -29.02
C ILE A 441 -5.12 3.32 -30.17
N MET A 442 -4.42 4.42 -29.93
CA MET A 442 -3.65 5.08 -30.97
C MET A 442 -2.56 4.16 -31.52
N PHE A 443 -1.86 3.45 -30.63
CA PHE A 443 -0.78 2.58 -31.09
C PHE A 443 -1.33 1.46 -31.97
N LYS A 444 -2.40 0.81 -31.52
CA LYS A 444 -2.98 -0.25 -32.33
C LYS A 444 -3.39 0.28 -33.70
N ASN A 445 -4.00 1.46 -33.73
CA ASN A 445 -4.43 2.02 -35.01
C ASN A 445 -3.26 2.42 -35.89
N LEU A 446 -2.15 2.87 -35.30
CA LEU A 446 -0.97 3.18 -36.10
C LEU A 446 -0.47 1.94 -36.82
N LEU A 447 -0.39 0.83 -36.10
CA LEU A 447 0.04 -0.40 -36.76
C LEU A 447 -0.91 -0.78 -37.88
N GLN A 448 -2.22 -0.63 -37.65
CA GLN A 448 -3.17 -0.95 -38.70
C GLN A 448 -3.00 -0.03 -39.91
N MET A 449 -2.72 1.26 -39.67
CA MET A 449 -2.48 2.19 -40.77
C MET A 449 -1.30 1.74 -41.62
N HIS A 450 -0.21 1.36 -40.96
CA HIS A 450 0.94 0.92 -41.74
C HIS A 450 0.62 -0.32 -42.54
N ARG A 451 -0.09 -1.28 -41.93
CA ARG A 451 -0.47 -2.47 -42.68
C ARG A 451 -1.27 -2.12 -43.92
N LEU A 452 -2.19 -1.16 -43.79
CA LEU A 452 -2.97 -0.76 -44.97
C LEU A 452 -2.08 -0.11 -46.01
N THR A 453 -1.08 0.67 -45.59
CA THR A 453 -0.23 1.34 -46.56
C THR A 453 0.71 0.40 -47.28
N VAL A 454 1.08 -0.73 -46.68
CA VAL A 454 2.06 -1.60 -47.31
C VAL A 454 1.41 -2.91 -47.75
N GLU A 455 0.14 -2.84 -48.15
CA GLU A 455 -0.57 -4.04 -48.59
C GLU A 455 0.15 -4.74 -49.73
N GLY A 456 0.91 -4.00 -50.53
CA GLY A 456 1.75 -4.62 -51.53
C GLY A 456 2.96 -5.27 -50.88
N ALA A 457 2.73 -6.31 -50.10
CA ALA A 457 3.78 -6.94 -49.31
C ALA A 457 4.06 -8.35 -49.84
N ASP A 458 5.34 -8.72 -49.84
CA ASP A 458 5.76 -10.05 -50.28
C ASP A 458 5.90 -11.02 -49.10
N PHE A 459 6.78 -10.70 -48.15
CA PHE A 459 7.02 -11.53 -46.98
C PHE A 459 6.51 -10.83 -45.73
N VAL A 460 6.00 -11.64 -44.80
CA VAL A 460 5.20 -11.09 -43.70
C VAL A 460 5.96 -10.07 -42.86
N PRO A 461 7.17 -10.35 -42.36
CA PRO A 461 7.80 -9.40 -41.44
C PRO A 461 8.22 -8.11 -42.13
N ASP A 462 7.47 -7.04 -41.92
CA ASP A 462 7.81 -5.76 -42.50
C ASP A 462 9.02 -5.17 -41.77
N PRO A 463 9.91 -4.47 -42.48
CA PRO A 463 11.05 -3.85 -41.81
C PRO A 463 10.66 -2.89 -40.71
N PHE A 464 9.58 -2.13 -40.91
CA PHE A 464 9.12 -1.20 -39.89
C PHE A 464 8.71 -1.94 -38.62
N PHE A 465 7.95 -3.02 -38.79
CA PHE A 465 7.51 -3.79 -37.63
C PHE A 465 8.69 -4.40 -36.90
N VAL A 466 9.65 -4.94 -37.65
CA VAL A 466 10.82 -5.57 -37.03
C VAL A 466 11.61 -4.53 -36.25
N GLU A 467 11.82 -3.35 -36.84
CA GLU A 467 12.56 -2.31 -36.14
C GLU A 467 11.83 -1.88 -34.89
N LEU A 468 10.51 -1.72 -34.97
CA LEU A 468 9.73 -1.36 -33.80
C LEU A 468 9.85 -2.41 -32.71
N THR A 469 9.78 -3.69 -33.09
CA THR A 469 9.89 -4.76 -32.11
C THR A 469 11.24 -4.76 -31.42
N GLU A 470 12.31 -4.60 -32.20
CA GLU A 470 13.64 -4.59 -31.61
C GLU A 470 13.80 -3.40 -30.68
N SER A 471 13.29 -2.24 -31.07
CA SER A 471 13.41 -1.07 -30.21
C SER A 471 12.60 -1.26 -28.93
N LEU A 472 11.45 -1.91 -29.01
CA LEU A 472 10.66 -2.14 -27.80
C LEU A 472 11.33 -3.15 -26.89
N LEU A 473 12.00 -4.14 -27.45
CA LEU A 473 12.64 -5.16 -26.62
C LEU A 473 13.84 -4.64 -25.86
N ARG A 474 14.30 -3.43 -26.15
CA ARG A 474 15.40 -2.83 -25.40
C ARG A 474 14.95 -2.18 -24.10
N LEU A 475 13.65 -2.01 -23.90
CA LEU A 475 13.19 -1.41 -22.66
C LEU A 475 13.31 -2.39 -21.51
N GLU A 476 13.34 -1.85 -20.30
CA GLU A 476 13.34 -2.71 -19.14
C GLU A 476 11.97 -3.34 -18.95
N TRP A 477 11.92 -4.36 -18.11
CA TRP A 477 10.68 -5.11 -17.92
C TRP A 477 9.76 -4.47 -16.89
N HIS A 478 10.14 -3.35 -16.30
CA HIS A 478 9.24 -2.63 -15.42
C HIS A 478 8.52 -1.50 -16.13
N ILE A 479 8.75 -1.32 -17.43
CA ILE A 479 8.06 -0.30 -18.20
C ILE A 479 6.71 -0.87 -18.63
N LYS A 480 5.63 -0.31 -18.09
CA LYS A 480 4.33 -0.92 -18.29
C LYS A 480 3.85 -0.80 -19.74
N GLY A 481 4.25 0.25 -20.45
CA GLY A 481 3.84 0.37 -21.83
C GLY A 481 4.46 -0.66 -22.74
N LYS A 482 5.59 -1.22 -22.34
CA LYS A 482 6.24 -2.26 -23.12
C LYS A 482 5.30 -3.42 -23.35
N TYR A 483 4.57 -3.82 -22.33
CA TYR A 483 3.69 -4.98 -22.43
C TYR A 483 2.57 -4.75 -23.44
N THR A 484 1.88 -3.62 -23.34
CA THR A 484 0.77 -3.36 -24.25
C THR A 484 1.26 -3.20 -25.68
N CYS A 485 2.36 -2.46 -25.87
CA CYS A 485 2.87 -2.27 -27.22
C CYS A 485 3.31 -3.60 -27.82
N LEU A 486 3.97 -4.44 -27.02
CA LEU A 486 4.37 -5.75 -27.50
C LEU A 486 3.17 -6.62 -27.81
N GLY A 487 2.09 -6.50 -27.05
CA GLY A 487 0.89 -7.26 -27.37
C GLY A 487 0.32 -6.89 -28.72
N CYS A 488 0.22 -5.58 -28.98
CA CYS A 488 -0.26 -5.15 -30.28
C CYS A 488 0.65 -5.64 -31.39
N LEU A 489 1.97 -5.55 -31.18
CA LEU A 489 2.89 -6.03 -32.21
C LEU A 489 2.76 -7.53 -32.43
N VAL A 490 2.55 -8.28 -31.35
CA VAL A 490 2.38 -9.72 -31.47
C VAL A 490 1.18 -10.03 -32.36
N GLU A 491 0.07 -9.35 -32.11
CA GLU A 491 -1.09 -9.57 -32.97
C GLU A 491 -0.85 -9.06 -34.38
N CYS A 492 0.11 -8.17 -34.60
CA CYS A 492 0.38 -7.73 -35.97
C CYS A 492 1.23 -8.74 -36.74
N ILE A 493 2.40 -9.10 -36.22
CA ILE A 493 3.36 -9.90 -36.98
C ILE A 493 3.42 -11.35 -36.52
N GLY A 494 2.70 -11.73 -35.49
CA GLY A 494 2.79 -13.10 -35.03
C GLY A 494 3.92 -13.32 -34.05
N VAL A 495 3.69 -14.23 -33.11
CA VAL A 495 4.65 -14.39 -32.02
C VAL A 495 5.86 -15.21 -32.42
N GLU A 496 5.79 -15.92 -33.55
CA GLU A 496 6.93 -16.74 -33.95
C GLU A 496 8.17 -15.89 -34.19
N HIS A 497 8.00 -14.67 -34.71
CA HIS A 497 9.15 -13.81 -34.96
C HIS A 497 9.74 -13.27 -33.67
N ILE A 498 8.90 -12.87 -32.72
CA ILE A 498 9.39 -12.45 -31.42
C ILE A 498 10.12 -13.59 -30.72
N LEU A 499 9.63 -14.81 -30.89
CA LEU A 499 10.32 -15.95 -30.29
C LEU A 499 11.63 -16.24 -31.00
N ALA A 500 11.67 -16.05 -32.31
CA ALA A 500 12.91 -16.22 -33.05
C ALA A 500 13.97 -15.22 -32.61
N ILE A 501 13.55 -13.98 -32.34
CA ILE A 501 14.48 -12.98 -31.86
C ILE A 501 15.09 -13.41 -30.53
N ASP A 502 14.26 -13.87 -29.62
CA ASP A 502 14.74 -14.36 -28.32
C ASP A 502 13.72 -15.35 -27.79
N LYS A 503 14.13 -16.61 -27.65
CA LYS A 503 13.21 -17.66 -27.27
C LYS A 503 13.11 -17.84 -25.76
N THR A 504 13.80 -17.02 -24.98
CA THR A 504 13.67 -17.03 -23.54
C THR A 504 12.73 -15.96 -23.03
N ILE A 505 11.99 -15.31 -23.92
CA ILE A 505 11.08 -14.24 -23.50
C ILE A 505 10.00 -14.74 -22.56
N PRO A 506 9.34 -15.87 -22.79
CA PRO A 506 8.34 -16.32 -21.80
C PRO A 506 8.89 -16.47 -20.40
N SER A 507 10.09 -17.00 -20.27
CA SER A 507 10.70 -17.12 -18.95
C SER A 507 10.99 -15.75 -18.36
N GLN A 508 11.48 -14.81 -19.18
CA GLN A 508 11.75 -13.48 -18.69
C GLN A 508 10.49 -12.80 -18.18
N ILE A 509 9.38 -12.98 -18.90
CA ILE A 509 8.12 -12.39 -18.46
C ILE A 509 7.64 -13.07 -17.18
N LEU A 510 7.86 -14.38 -17.07
CA LEU A 510 7.42 -15.06 -15.86
C LEU A 510 8.23 -14.64 -14.65
N GLU A 511 9.49 -14.24 -14.85
CA GLU A 511 10.31 -13.87 -13.70
C GLU A 511 9.89 -12.57 -13.05
N VAL A 512 9.19 -11.68 -13.77
CA VAL A 512 8.71 -10.46 -13.16
C VAL A 512 7.36 -10.65 -12.49
N MET A 513 6.75 -11.82 -12.63
CA MET A 513 5.41 -12.07 -12.13
C MET A 513 5.36 -12.15 -10.62
N GLY A 514 6.51 -12.10 -9.96
CA GLY A 514 6.51 -12.00 -8.53
C GLY A 514 6.28 -10.62 -7.98
N ASP A 515 6.17 -9.63 -8.85
CA ASP A 515 5.95 -8.24 -8.46
C ASP A 515 4.53 -7.87 -8.83
N GLN A 516 3.68 -7.70 -7.83
CA GLN A 516 2.32 -7.26 -8.09
C GLN A 516 2.37 -5.84 -8.63
N SER A 517 1.36 -5.49 -9.42
CA SER A 517 1.25 -4.31 -10.27
C SER A 517 2.02 -4.46 -11.56
N LEU A 518 2.82 -5.50 -11.72
CA LEU A 518 3.26 -5.92 -13.03
C LEU A 518 2.59 -7.21 -13.46
N VAL A 519 1.95 -7.89 -12.51
CA VAL A 519 1.32 -9.17 -12.82
C VAL A 519 0.23 -9.04 -13.88
N PRO A 520 -0.68 -8.07 -13.81
CA PRO A 520 -1.71 -8.00 -14.85
C PRO A 520 -1.14 -7.79 -16.24
N TYR A 521 -0.14 -6.93 -16.38
CA TYR A 521 0.42 -6.68 -17.70
C TYR A 521 1.13 -7.91 -18.23
N ALA A 522 1.93 -8.57 -17.38
CA ALA A 522 2.62 -9.77 -17.81
C ALA A 522 1.64 -10.86 -18.17
N SER A 523 0.57 -11.00 -17.40
CA SER A 523 -0.43 -12.02 -17.69
C SER A 523 -1.09 -11.78 -19.02
N ASP A 524 -1.50 -10.54 -19.28
CA ASP A 524 -2.14 -10.23 -20.56
C ASP A 524 -1.19 -10.46 -21.71
N LEU A 525 0.07 -10.05 -21.57
CA LEU A 525 1.03 -10.25 -22.64
C LEU A 525 1.23 -11.73 -22.92
N LEU A 526 1.40 -12.52 -21.87
CA LEU A 526 1.60 -13.95 -22.06
C LEU A 526 0.38 -14.60 -22.69
N GLU A 527 -0.81 -14.17 -22.29
CA GLU A 527 -2.03 -14.75 -22.87
C GLU A 527 -2.12 -14.44 -24.35
N THR A 528 -1.87 -13.18 -24.73
CA THR A 528 -1.84 -12.85 -26.15
C THR A 528 -0.83 -13.72 -26.87
N MET A 529 0.34 -13.91 -26.26
CA MET A 529 1.41 -14.64 -26.90
C MET A 529 1.01 -16.09 -27.15
N PHE A 530 0.46 -16.78 -26.15
CA PHE A 530 0.19 -18.19 -26.43
C PHE A 530 -1.09 -18.39 -27.23
N ARG A 531 -2.05 -17.47 -27.17
CA ARG A 531 -3.17 -17.57 -28.11
C ARG A 531 -2.67 -17.48 -29.54
N ASN A 532 -1.81 -16.51 -29.81
CA ASN A 532 -1.28 -16.38 -31.16
C ASN A 532 -0.44 -17.60 -31.54
N HIS A 533 0.34 -18.12 -30.60
CA HIS A 533 1.17 -19.27 -30.91
C HIS A 533 0.34 -20.50 -31.24
N LYS A 534 -0.73 -20.74 -30.50
CA LYS A 534 -1.60 -21.85 -30.82
C LYS A 534 -2.23 -21.68 -32.18
N SER A 535 -2.71 -20.47 -32.49
CA SER A 535 -3.27 -20.24 -33.81
C SER A 535 -2.23 -20.47 -34.89
N HIS A 536 -0.97 -20.16 -34.61
CA HIS A 536 0.09 -20.33 -35.60
C HIS A 536 0.48 -21.79 -35.78
N LEU A 537 0.45 -22.60 -34.71
CA LEU A 537 0.85 -23.99 -34.83
C LEU A 537 -0.22 -24.82 -35.52
N LYS A 538 -1.49 -24.50 -35.31
CA LYS A 538 -2.59 -25.18 -36.00
C LYS A 538 -2.71 -24.76 -37.43
N SER A 539 -1.75 -23.98 -37.89
CA SER A 539 -1.63 -23.59 -39.29
C SER A 539 -1.03 -24.74 -40.08
N GLN A 540 -0.48 -24.44 -41.25
CA GLN A 540 -0.15 -25.38 -42.31
C GLN A 540 0.27 -26.76 -41.80
N THR A 541 1.10 -26.80 -40.77
CA THR A 541 1.41 -28.09 -40.15
C THR A 541 0.19 -28.62 -39.40
N ALA A 542 -0.61 -29.44 -40.09
CA ALA A 542 -1.91 -29.88 -39.58
C ALA A 542 -1.80 -31.32 -39.12
N GLU A 543 -1.57 -31.50 -37.83
CA GLU A 543 -1.58 -32.81 -37.18
C GLU A 543 -2.04 -32.59 -35.74
N SER A 544 -1.77 -33.57 -34.88
CA SER A 544 -2.06 -33.44 -33.46
C SER A 544 -0.82 -33.24 -32.60
N SER A 545 0.37 -33.46 -33.16
CA SER A 545 1.59 -33.39 -32.37
C SER A 545 1.99 -31.97 -32.01
N TRP A 546 1.46 -30.98 -32.72
CA TRP A 546 1.86 -29.59 -32.47
C TRP A 546 1.71 -29.24 -31.01
N ILE A 547 0.67 -29.76 -30.36
CA ILE A 547 0.38 -29.41 -28.97
C ILE A 547 1.61 -29.64 -28.10
N ASP A 548 2.36 -30.72 -28.40
CA ASP A 548 3.55 -31.01 -27.61
C ASP A 548 4.45 -29.80 -27.55
N GLN A 549 4.80 -29.25 -28.72
CA GLN A 549 5.64 -28.07 -28.76
C GLN A 549 5.00 -26.94 -27.97
N TRP A 550 3.71 -26.69 -28.22
CA TRP A 550 3.01 -25.66 -27.48
C TRP A 550 3.20 -25.86 -25.99
N HIS A 551 3.01 -27.10 -25.53
CA HIS A 551 3.15 -27.37 -24.11
C HIS A 551 4.53 -26.96 -23.64
N GLU A 552 5.57 -27.44 -24.32
CA GLU A 552 6.91 -27.19 -23.84
C GLU A 552 7.28 -25.72 -23.91
N THR A 553 6.52 -24.93 -24.65
CA THR A 553 6.79 -23.50 -24.68
C THR A 553 6.11 -22.76 -23.56
N TRP A 554 4.91 -23.19 -23.17
CA TRP A 554 4.08 -22.39 -22.29
C TRP A 554 3.71 -23.05 -20.98
N VAL A 555 3.71 -24.37 -20.91
CA VAL A 555 3.28 -25.07 -19.71
C VAL A 555 4.46 -25.52 -18.87
N SER A 556 5.52 -26.03 -19.49
CA SER A 556 6.67 -26.50 -18.72
C SER A 556 7.29 -25.40 -17.86
N PRO A 557 7.60 -24.21 -18.36
CA PRO A 557 8.05 -23.15 -17.46
C PRO A 557 7.05 -22.85 -16.38
N LEU A 558 5.77 -22.93 -16.71
CA LEU A 558 4.72 -22.69 -15.72
C LEU A 558 4.78 -23.74 -14.62
N LEU A 559 4.95 -25.01 -14.99
CA LEU A 559 5.07 -26.05 -13.97
C LEU A 559 6.29 -25.84 -13.10
N PHE A 560 7.42 -25.46 -13.72
CA PHE A 560 8.61 -25.21 -12.93
C PHE A 560 8.39 -24.09 -11.93
N ILE A 561 7.73 -23.01 -12.35
CA ILE A 561 7.45 -21.92 -11.42
C ILE A 561 6.51 -22.39 -10.32
N LEU A 562 5.49 -23.16 -10.68
CA LEU A 562 4.52 -23.61 -9.69
C LEU A 562 5.15 -24.50 -8.64
N CYS A 563 6.13 -25.31 -9.04
CA CYS A 563 6.74 -26.23 -8.10
C CYS A 563 7.88 -25.60 -7.31
N GLU A 564 8.67 -24.71 -7.94
CA GLU A 564 9.90 -24.26 -7.32
C GLU A 564 10.09 -22.75 -7.26
N GLY A 565 9.11 -21.96 -7.66
CA GLY A 565 9.24 -20.53 -7.55
C GLY A 565 9.18 -20.08 -6.11
N ASN A 566 9.42 -18.79 -5.90
CA ASN A 566 9.28 -18.28 -4.56
C ASN A 566 7.81 -18.01 -4.26
N LEU A 567 7.52 -17.67 -3.01
CA LEU A 567 6.14 -17.69 -2.54
C LEU A 567 5.27 -16.66 -3.27
N ASP A 568 5.74 -15.42 -3.36
CA ASP A 568 4.97 -14.38 -4.03
C ASP A 568 4.73 -14.75 -5.48
N GLN A 569 5.76 -15.26 -6.15
CA GLN A 569 5.61 -15.66 -7.54
C GLN A 569 4.56 -16.74 -7.69
N LYS A 570 4.57 -17.73 -6.80
CA LYS A 570 3.56 -18.78 -6.85
C LYS A 570 2.17 -18.21 -6.68
N SER A 571 1.98 -17.37 -5.67
CA SER A 571 0.66 -16.83 -5.41
C SER A 571 0.15 -16.03 -6.59
N TYR A 572 0.99 -15.17 -7.16
CA TYR A 572 0.52 -14.31 -8.23
C TYR A 572 0.29 -15.10 -9.51
N VAL A 573 1.13 -16.08 -9.81
CA VAL A 573 0.92 -16.89 -11.00
C VAL A 573 -0.37 -17.69 -10.87
N ILE A 574 -0.66 -18.20 -9.67
CA ILE A 574 -1.88 -18.95 -9.47
C ILE A 574 -3.09 -18.04 -9.56
N ASP A 575 -3.01 -16.84 -8.99
CA ASP A 575 -4.17 -15.97 -8.94
C ASP A 575 -4.49 -15.35 -10.28
N TYR A 576 -3.47 -14.99 -11.06
CA TYR A 576 -3.68 -14.20 -12.27
C TYR A 576 -3.44 -14.97 -13.55
N TYR A 577 -2.39 -15.77 -13.64
CA TYR A 577 -2.00 -16.30 -14.93
C TYR A 577 -2.55 -17.70 -15.19
N LEU A 578 -2.45 -18.60 -14.21
CA LEU A 578 -2.88 -19.97 -14.42
C LEU A 578 -4.34 -20.10 -14.85
N PRO A 579 -5.30 -19.35 -14.29
CA PRO A 579 -6.67 -19.46 -14.78
C PRO A 579 -6.81 -19.16 -16.26
N LYS A 580 -6.08 -18.18 -16.78
CA LYS A 580 -6.16 -17.87 -18.20
C LYS A 580 -5.71 -19.05 -19.04
N LEU A 581 -4.57 -19.64 -18.68
CA LEU A 581 -4.06 -20.76 -19.46
C LEU A 581 -4.99 -21.95 -19.39
N LEU A 582 -5.50 -22.26 -18.21
CA LEU A 582 -6.38 -23.42 -18.09
C LEU A 582 -7.69 -23.19 -18.81
N SER A 583 -8.23 -21.98 -18.74
CA SER A 583 -9.46 -21.68 -19.46
C SER A 583 -9.26 -21.78 -20.96
N TYR A 584 -8.15 -21.27 -21.48
CA TYR A 584 -7.95 -21.29 -22.92
C TYR A 584 -7.78 -22.70 -23.43
N SER A 585 -6.97 -23.51 -22.75
CA SER A 585 -6.69 -24.88 -23.17
C SER A 585 -6.96 -25.79 -21.99
N PRO A 586 -8.20 -26.24 -21.81
CA PRO A 586 -8.49 -27.14 -20.69
C PRO A 586 -7.89 -28.52 -20.86
N GLU A 587 -7.69 -28.95 -22.11
CA GLU A 587 -7.07 -30.25 -22.33
C GLU A 587 -5.62 -30.29 -21.89
N SER A 588 -5.03 -29.15 -21.57
CA SER A 588 -3.70 -29.14 -20.98
C SER A 588 -3.70 -29.60 -19.54
N LEU A 589 -4.86 -29.55 -18.86
CA LEU A 589 -4.90 -29.99 -17.48
C LEU A 589 -4.45 -31.44 -17.35
N GLN A 590 -4.98 -32.30 -18.22
CA GLN A 590 -4.55 -33.70 -18.23
C GLN A 590 -3.04 -33.80 -18.35
N TYR A 591 -2.43 -32.93 -19.14
CA TYR A 591 -0.97 -32.95 -19.28
C TYR A 591 -0.30 -32.56 -17.98
N MET A 592 -0.79 -31.51 -17.32
CA MET A 592 -0.12 -31.05 -16.11
C MET A 592 -0.23 -32.08 -15.00
N VAL A 593 -1.43 -32.60 -14.77
CA VAL A 593 -1.66 -33.53 -13.67
C VAL A 593 -0.73 -34.73 -13.80
N LYS A 594 -0.66 -35.32 -14.99
CA LYS A 594 0.19 -36.48 -15.18
C LYS A 594 1.64 -36.16 -14.84
N ILE A 595 2.09 -34.94 -15.13
CA ILE A 595 3.45 -34.57 -14.77
C ILE A 595 3.58 -34.44 -13.26
N LEU A 596 2.58 -33.83 -12.62
CA LEU A 596 2.70 -33.57 -11.19
C LEU A 596 2.53 -34.84 -10.38
N GLN A 597 1.56 -35.68 -10.74
CA GLN A 597 1.33 -36.92 -10.01
C GLN A 597 2.59 -37.74 -9.92
N THR A 598 3.28 -37.91 -11.05
CA THR A 598 4.55 -38.60 -11.06
C THR A 598 5.49 -38.02 -10.02
N SER A 599 5.68 -36.69 -10.05
CA SER A 599 6.57 -36.06 -9.12
C SER A 599 6.13 -36.26 -7.68
N ILE A 600 4.84 -36.48 -7.44
CA ILE A 600 4.39 -36.81 -6.10
C ILE A 600 4.85 -38.21 -5.72
N ASP A 601 4.61 -39.18 -6.60
CA ASP A 601 4.88 -40.58 -6.26
C ASP A 601 6.37 -40.81 -6.07
N ALA A 602 7.20 -40.24 -6.93
CA ALA A 602 8.65 -40.35 -6.75
C ALA A 602 9.08 -39.83 -5.39
N LYS A 603 8.34 -38.88 -4.83
CA LYS A 603 8.62 -38.40 -3.49
C LYS A 603 8.59 -39.54 -2.49
N THR A 604 7.55 -40.38 -2.56
CA THR A 604 7.48 -41.55 -1.68
C THR A 604 8.61 -42.53 -1.95
N GLY A 605 9.21 -42.48 -3.16
CA GLY A 605 10.39 -43.28 -3.39
C GLY A 605 11.58 -42.82 -2.58
N GLN A 606 11.70 -41.50 -2.40
CA GLN A 606 12.83 -40.94 -1.67
C GLN A 606 12.56 -40.77 -0.17
N GLU A 607 11.32 -40.99 0.26
CA GLU A 607 10.93 -40.85 1.67
C GLU A 607 11.29 -39.49 2.23
N SER A 615 13.30 -33.86 -2.99
CA SER A 615 13.70 -32.73 -3.82
C SER A 615 12.65 -31.63 -3.76
N CYS A 616 13.06 -30.40 -4.10
CA CYS A 616 12.11 -29.30 -4.11
C CYS A 616 11.01 -29.50 -5.14
N ASN A 617 11.38 -30.00 -6.33
CA ASN A 617 10.37 -30.25 -7.36
C ASN A 617 9.38 -31.30 -6.89
N SER A 618 9.86 -32.33 -6.19
CA SER A 618 8.94 -33.30 -5.59
C SER A 618 8.26 -32.75 -4.35
N ARG A 619 8.72 -31.63 -3.81
CA ARG A 619 8.10 -31.07 -2.62
C ARG A 619 7.00 -30.06 -2.96
N GLY A 620 7.19 -29.26 -3.99
CA GLY A 620 6.14 -28.35 -4.39
C GLY A 620 5.09 -28.93 -5.29
N ALA A 621 5.17 -30.23 -5.59
CA ALA A 621 4.24 -30.81 -6.55
C ALA A 621 2.83 -30.87 -5.99
N LEU A 622 2.68 -31.12 -4.69
CA LEU A 622 1.36 -31.20 -4.10
C LEU A 622 0.61 -29.89 -4.21
N GLY A 623 1.27 -28.79 -3.87
CA GLY A 623 0.62 -27.49 -3.96
C GLY A 623 0.23 -27.13 -5.37
N ALA A 624 1.10 -27.42 -6.34
CA ALA A 624 0.77 -27.14 -7.73
C ALA A 624 -0.40 -27.98 -8.19
N LEU A 625 -0.44 -29.25 -7.80
CA LEU A 625 -1.56 -30.11 -8.17
C LEU A 625 -2.86 -29.59 -7.59
N MET A 626 -2.84 -29.16 -6.33
CA MET A 626 -4.06 -28.63 -5.73
C MET A 626 -4.50 -27.36 -6.42
N ALA A 627 -3.57 -26.49 -6.79
CA ALA A 627 -3.95 -25.26 -7.49
C ALA A 627 -4.59 -25.58 -8.83
N CYS A 628 -3.98 -26.49 -9.59
CA CYS A 628 -4.55 -26.86 -10.88
C CYS A 628 -5.93 -27.48 -10.72
N LEU A 629 -6.11 -28.33 -9.71
CA LEU A 629 -7.38 -28.99 -9.53
C LEU A 629 -8.46 -28.02 -9.06
N ARG A 630 -8.09 -27.07 -8.20
CA ARG A 630 -9.06 -26.06 -7.79
C ARG A 630 -9.52 -25.23 -8.97
N ILE A 631 -8.59 -24.80 -9.82
CA ILE A 631 -8.97 -24.02 -10.99
C ILE A 631 -9.85 -24.85 -11.92
N ALA A 632 -9.49 -26.11 -12.13
CA ALA A 632 -10.28 -26.96 -13.02
C ALA A 632 -11.70 -27.15 -12.49
N ARG A 633 -11.85 -27.42 -11.20
CA ARG A 633 -13.18 -27.63 -10.65
C ARG A 633 -14.01 -26.36 -10.72
N ALA A 634 -13.43 -25.22 -10.32
CA ALA A 634 -14.20 -23.99 -10.29
C ALA A 634 -14.67 -23.55 -11.67
N HIS A 635 -14.02 -24.00 -12.73
CA HIS A 635 -14.42 -23.67 -14.09
C HIS A 635 -15.18 -24.80 -14.76
N GLY A 636 -15.46 -25.87 -14.05
CA GLY A 636 -16.24 -26.93 -14.64
C GLY A 636 -15.54 -27.73 -15.70
N HIS A 637 -14.23 -27.61 -15.82
CA HIS A 637 -13.50 -28.38 -16.81
C HIS A 637 -13.53 -29.85 -16.45
N LEU A 638 -12.78 -30.65 -17.22
CA LEU A 638 -12.96 -32.09 -17.21
C LEU A 638 -12.98 -32.70 -15.82
N GLN A 639 -12.55 -31.94 -14.81
CA GLN A 639 -12.56 -32.40 -13.44
C GLN A 639 -13.80 -31.81 -12.76
N SER A 640 -14.92 -32.52 -12.88
CA SER A 640 -16.19 -32.15 -12.26
C SER A 640 -16.86 -33.40 -11.70
N ALA A 641 -16.10 -34.20 -10.95
CA ALA A 641 -16.47 -35.61 -10.81
C ALA A 641 -16.77 -36.10 -9.40
N THR A 642 -17.65 -35.43 -8.67
CA THR A 642 -18.37 -36.07 -7.56
C THR A 642 -17.39 -36.58 -6.48
N ASP A 643 -16.93 -35.61 -5.68
CA ASP A 643 -15.84 -35.73 -4.71
C ASP A 643 -14.50 -35.64 -5.44
N THR A 644 -14.47 -34.77 -6.44
CA THR A 644 -13.29 -34.11 -6.97
C THR A 644 -12.42 -35.02 -7.83
N TRP A 645 -12.57 -36.33 -7.69
CA TRP A 645 -12.19 -37.32 -8.69
C TRP A 645 -12.43 -38.69 -8.09
N GLU A 646 -12.32 -39.73 -8.91
CA GLU A 646 -12.17 -41.07 -8.36
C GLU A 646 -10.77 -41.32 -7.80
N ASN A 647 -9.72 -40.82 -8.44
CA ASN A 647 -8.38 -41.13 -7.93
C ASN A 647 -7.38 -39.98 -7.94
N LEU A 648 -7.70 -38.80 -8.46
CA LEU A 648 -6.73 -37.71 -8.42
C LEU A 648 -6.40 -37.32 -6.99
N VAL A 649 -7.40 -37.25 -6.14
CA VAL A 649 -7.22 -36.87 -4.74
C VAL A 649 -7.57 -38.06 -3.87
N SER A 650 -6.73 -38.32 -2.88
CA SER A 650 -6.98 -39.33 -1.87
C SER A 650 -7.18 -38.66 -0.54
N ASP A 651 -7.62 -39.43 0.45
CA ASP A 651 -7.81 -38.86 1.77
C ASP A 651 -6.50 -38.34 2.34
N ALA A 652 -5.42 -39.11 2.17
CA ALA A 652 -4.13 -38.69 2.70
C ALA A 652 -3.66 -37.41 2.03
N ARG A 653 -3.77 -37.34 0.70
CA ARG A 653 -3.30 -36.15 0.00
CA ARG A 653 -3.33 -36.16 -0.02
C ARG A 653 -4.11 -34.92 0.38
N ILE A 654 -5.42 -35.05 0.48
CA ILE A 654 -6.24 -33.90 0.84
C ILE A 654 -5.93 -33.45 2.26
N LYS A 655 -5.77 -34.40 3.18
CA LYS A 655 -5.46 -34.00 4.55
C LYS A 655 -4.09 -33.35 4.62
N GLN A 656 -3.14 -33.82 3.82
CA GLN A 656 -1.83 -33.17 3.80
C GLN A 656 -1.93 -31.76 3.27
N GLY A 657 -2.70 -31.56 2.20
CA GLY A 657 -2.83 -30.22 1.65
C GLY A 657 -3.54 -29.27 2.59
N LEU A 658 -4.60 -29.74 3.26
CA LEU A 658 -5.39 -28.88 4.10
C LEU A 658 -4.62 -28.34 5.28
N ILE A 659 -3.45 -28.88 5.56
CA ILE A 659 -2.78 -28.55 6.80
C ILE A 659 -1.34 -28.20 6.49
N HIS A 660 -1.04 -28.04 5.20
CA HIS A 660 0.30 -27.76 4.73
C HIS A 660 0.87 -26.51 5.38
N GLN A 661 2.18 -26.37 5.32
CA GLN A 661 2.85 -25.25 5.97
C GLN A 661 2.65 -23.96 5.20
N HIS A 662 2.51 -24.05 3.88
CA HIS A 662 2.37 -22.88 3.03
C HIS A 662 0.91 -22.48 2.94
N CYS A 663 0.63 -21.21 3.22
CA CYS A 663 -0.74 -20.72 3.22
C CYS A 663 -1.41 -20.97 1.88
N GLN A 664 -0.66 -20.85 0.79
CA GLN A 664 -1.24 -21.01 -0.53
C GLN A 664 -1.78 -22.40 -0.74
N VAL A 665 -1.07 -23.42 -0.26
CA VAL A 665 -1.53 -24.78 -0.46
C VAL A 665 -2.80 -25.04 0.35
N ARG A 666 -2.86 -24.53 1.58
CA ARG A 666 -4.06 -24.70 2.37
C ARG A 666 -5.24 -24.04 1.70
N ILE A 667 -5.05 -22.82 1.19
CA ILE A 667 -6.13 -22.12 0.53
C ILE A 667 -6.57 -22.85 -0.73
N ASP A 668 -5.63 -23.38 -1.50
CA ASP A 668 -6.02 -24.05 -2.74
C ASP A 668 -6.74 -25.36 -2.48
N THR A 669 -6.35 -26.09 -1.45
CA THR A 669 -7.09 -27.31 -1.12
C THR A 669 -8.48 -26.98 -0.59
N LEU A 670 -8.58 -25.96 0.26
CA LEU A 670 -9.89 -25.56 0.74
C LEU A 670 -10.78 -25.12 -0.40
N GLY A 671 -10.22 -24.38 -1.36
CA GLY A 671 -10.99 -23.97 -2.52
C GLY A 671 -11.41 -25.13 -3.40
N LEU A 672 -10.55 -26.14 -3.51
CA LEU A 672 -10.94 -27.34 -4.23
C LEU A 672 -12.16 -27.99 -3.60
N LEU A 673 -12.20 -28.05 -2.27
CA LEU A 673 -13.37 -28.66 -1.63
C LEU A 673 -14.58 -27.75 -1.67
N CYS A 674 -14.40 -26.45 -1.51
CA CYS A 674 -15.50 -25.54 -1.22
C CYS A 674 -16.23 -25.05 -2.47
N GLU A 675 -15.49 -24.61 -3.48
CA GLU A 675 -16.07 -23.93 -4.62
C GLU A 675 -16.19 -24.88 -5.80
N SER A 676 -17.35 -24.86 -6.45
CA SER A 676 -17.59 -25.68 -7.63
C SER A 676 -18.25 -24.84 -8.69
N ASN A 677 -18.19 -25.34 -9.93
CA ASN A 677 -18.84 -24.66 -11.05
C ASN A 677 -20.35 -24.65 -10.88
N ARG A 678 -20.94 -25.81 -10.62
CA ARG A 678 -22.37 -25.91 -10.43
C ARG A 678 -22.73 -25.40 -9.04
N SER A 679 -23.67 -24.47 -8.98
CA SER A 679 -23.95 -23.79 -7.72
C SER A 679 -24.87 -24.59 -6.80
N THR A 680 -25.41 -25.71 -7.25
CA THR A 680 -26.31 -26.53 -6.43
C THR A 680 -25.83 -27.96 -6.32
N GLU A 681 -24.54 -28.21 -6.53
CA GLU A 681 -24.03 -29.56 -6.48
C GLU A 681 -23.99 -30.05 -5.03
N ILE A 682 -24.32 -31.34 -4.84
CA ILE A 682 -24.45 -31.89 -3.50
C ILE A 682 -23.10 -31.91 -2.82
N VAL A 683 -23.08 -31.58 -1.54
CA VAL A 683 -21.88 -31.73 -0.73
C VAL A 683 -21.85 -33.16 -0.21
N SER A 684 -20.80 -33.89 -0.54
CA SER A 684 -20.69 -35.28 -0.13
C SER A 684 -20.25 -35.38 1.32
N MET A 685 -20.33 -36.59 1.87
CA MET A 685 -19.93 -36.79 3.26
C MET A 685 -18.43 -36.60 3.44
N GLU A 686 -17.64 -37.03 2.45
CA GLU A 686 -16.20 -36.87 2.53
C GLU A 686 -15.83 -35.40 2.64
N GLU A 687 -16.46 -34.55 1.84
CA GLU A 687 -16.17 -33.12 1.90
C GLU A 687 -16.52 -32.57 3.27
N MET A 688 -17.62 -33.01 3.87
CA MET A 688 -17.97 -32.53 5.20
C MET A 688 -16.92 -32.92 6.22
N GLN A 689 -16.45 -34.16 6.17
CA GLN A 689 -15.43 -34.58 7.13
C GLN A 689 -14.13 -33.80 6.93
N TRP A 690 -13.73 -33.60 5.68
CA TRP A 690 -12.51 -32.83 5.42
C TRP A 690 -12.66 -31.40 5.90
N ILE A 691 -13.83 -30.80 5.72
CA ILE A 691 -14.02 -29.42 6.14
C ILE A 691 -13.98 -29.32 7.65
N GLN A 692 -14.56 -30.28 8.36
CA GLN A 692 -14.46 -30.24 9.82
C GLN A 692 -13.01 -30.36 10.27
N PHE A 693 -12.26 -31.26 9.63
CA PHE A 693 -10.84 -31.38 9.92
C PHE A 693 -10.12 -30.06 9.69
N PHE A 694 -10.41 -29.39 8.58
CA PHE A 694 -9.78 -28.12 8.28
C PHE A 694 -10.12 -27.07 9.32
N ILE A 695 -11.40 -26.96 9.68
CA ILE A 695 -11.82 -25.95 10.65
C ILE A 695 -11.14 -26.14 11.98
N THR A 696 -10.86 -27.39 12.36
CA THR A 696 -10.24 -27.62 13.66
C THR A 696 -8.94 -26.84 13.82
N TYR A 697 -8.21 -26.60 12.73
CA TYR A 697 -6.85 -26.09 12.83
C TYR A 697 -6.60 -24.75 12.20
N ASN A 698 -7.42 -24.30 11.26
CA ASN A 698 -7.12 -23.12 10.46
C ASN A 698 -7.92 -21.90 10.85
N LEU A 699 -8.20 -21.73 12.13
CA LEU A 699 -8.89 -20.54 12.58
C LEU A 699 -7.95 -19.45 13.10
N ASN A 700 -6.66 -19.71 13.19
CA ASN A 700 -5.72 -18.76 13.75
C ASN A 700 -4.74 -18.25 12.71
N SER A 701 -5.15 -18.19 11.45
CA SER A 701 -4.27 -17.73 10.39
C SER A 701 -3.87 -16.28 10.61
N GLN A 702 -2.60 -15.99 10.35
CA GLN A 702 -2.02 -14.71 10.73
C GLN A 702 -2.05 -13.68 9.60
N SER A 703 -1.97 -14.10 8.36
CA SER A 703 -2.07 -13.16 7.26
C SER A 703 -3.52 -12.70 7.11
N PRO A 704 -3.80 -11.40 7.17
CA PRO A 704 -5.18 -10.96 6.94
C PRO A 704 -5.72 -11.36 5.59
N GLY A 705 -4.87 -11.40 4.56
CA GLY A 705 -5.33 -11.86 3.26
C GLY A 705 -5.69 -13.32 3.26
N VAL A 706 -4.87 -14.14 3.90
CA VAL A 706 -5.16 -15.57 3.98
C VAL A 706 -6.45 -15.81 4.76
N ARG A 707 -6.60 -15.12 5.88
CA ARG A 707 -7.81 -15.27 6.68
C ARG A 707 -9.04 -14.87 5.89
N GLN A 708 -8.95 -13.77 5.14
CA GLN A 708 -10.09 -13.32 4.36
C GLN A 708 -10.44 -14.33 3.26
N GLN A 709 -9.43 -14.89 2.60
CA GLN A 709 -9.70 -15.90 1.58
C GLN A 709 -10.37 -17.13 2.18
N ILE A 710 -9.92 -17.55 3.36
CA ILE A 710 -10.52 -18.70 4.00
C ILE A 710 -11.99 -18.44 4.30
N CYS A 711 -12.29 -17.27 4.87
CA CYS A 711 -13.67 -16.97 5.21
C CYS A 711 -14.55 -16.90 3.96
N SER A 712 -14.02 -16.34 2.87
CA SER A 712 -14.81 -16.25 1.65
C SER A 712 -15.11 -17.63 1.07
N LEU A 713 -14.12 -18.52 1.06
CA LEU A 713 -14.37 -19.85 0.53
C LEU A 713 -15.37 -20.60 1.38
N LEU A 714 -15.29 -20.47 2.70
CA LEU A 714 -16.27 -21.13 3.55
C LEU A 714 -17.67 -20.60 3.29
N LYS A 715 -17.79 -19.28 3.07
CA LYS A 715 -19.10 -18.73 2.74
C LYS A 715 -19.63 -19.32 1.44
N LYS A 716 -18.74 -19.52 0.46
CA LYS A 716 -19.18 -20.19 -0.78
C LYS A 716 -19.70 -21.58 -0.49
N LEU A 717 -19.03 -22.31 0.39
CA LEU A 717 -19.51 -23.65 0.73
C LEU A 717 -20.89 -23.61 1.36
N PHE A 718 -21.11 -22.67 2.27
CA PHE A 718 -22.41 -22.56 2.92
C PHE A 718 -23.49 -22.21 1.91
N CYS A 719 -23.16 -21.36 0.94
CA CYS A 719 -24.12 -21.04 -0.11
C CYS A 719 -24.46 -22.28 -0.92
N ARG A 720 -23.47 -23.12 -1.20
CA ARG A 720 -23.74 -24.37 -1.92
C ARG A 720 -24.66 -25.28 -1.13
N ILE A 721 -24.43 -25.39 0.18
CA ILE A 721 -25.32 -26.22 1.01
C ILE A 721 -26.74 -25.68 0.96
N GLN A 722 -26.89 -24.38 1.12
CA GLN A 722 -28.21 -23.78 1.11
C GLN A 722 -28.92 -24.02 -0.22
N GLU A 723 -28.21 -23.86 -1.33
CA GLU A 723 -28.86 -23.97 -2.62
C GLU A 723 -29.15 -25.41 -3.02
N SER A 724 -28.34 -26.37 -2.58
CA SER A 724 -28.64 -27.76 -2.90
C SER A 724 -29.65 -28.36 -1.94
N SER A 725 -29.81 -27.80 -0.74
CA SER A 725 -30.83 -28.31 0.15
C SER A 725 -32.21 -28.09 -0.43
N GLN A 726 -32.41 -27.02 -1.18
CA GLN A 726 -33.70 -26.79 -1.82
C GLN A 726 -33.98 -27.85 -2.88
N VAL A 727 -32.96 -28.21 -3.66
CA VAL A 727 -33.12 -29.27 -4.65
C VAL A 727 -33.45 -30.59 -3.96
N LEU A 728 -32.75 -30.89 -2.87
CA LEU A 728 -33.03 -32.11 -2.13
C LEU A 728 -34.45 -32.14 -1.61
N TYR A 729 -34.90 -31.02 -1.05
CA TYR A 729 -36.26 -30.96 -0.55
C TYR A 729 -37.27 -31.14 -1.67
N LYS A 730 -37.01 -30.54 -2.83
CA LYS A 730 -37.92 -30.70 -3.95
C LYS A 730 -38.00 -32.16 -4.39
N LEU A 731 -36.87 -32.84 -4.45
CA LEU A 731 -36.91 -34.27 -4.79
C LEU A 731 -37.63 -35.07 -3.72
N GLU A 732 -37.49 -34.67 -2.46
CA GLU A 732 -38.14 -35.42 -1.38
C GLU A 732 -39.66 -35.35 -1.51
N GLN A 733 -40.20 -34.19 -1.85
CA GLN A 733 -41.62 -34.01 -2.04
C GLN A 733 -42.10 -34.46 -3.41
N SER A 734 -41.29 -35.22 -4.14
CA SER A 734 -41.63 -35.68 -5.48
C SER A 734 -42.07 -37.14 -5.49
N LYS A 735 -42.82 -37.54 -4.47
CA LYS A 735 -43.32 -38.90 -4.37
C LYS A 735 -44.40 -39.17 -5.40
N THR A 745 -28.00 -45.76 -6.42
CA THR A 745 -27.29 -44.59 -6.92
C THR A 745 -27.24 -43.50 -5.87
N LYS A 746 -28.29 -42.69 -5.80
CA LYS A 746 -28.38 -41.64 -4.80
C LYS A 746 -28.65 -42.28 -3.44
N GLN A 747 -28.90 -41.46 -2.44
CA GLN A 747 -29.08 -41.95 -1.09
C GLN A 747 -30.32 -41.35 -0.44
N HIS A 748 -31.43 -41.31 -1.17
CA HIS A 748 -32.71 -40.90 -0.59
C HIS A 748 -32.61 -39.54 0.09
N PRO A 749 -32.74 -38.46 -0.67
CA PRO A 749 -32.32 -37.12 -0.21
C PRO A 749 -32.59 -36.76 1.24
N SER A 750 -33.59 -37.36 1.87
CA SER A 750 -33.82 -37.10 3.29
C SER A 750 -32.59 -37.45 4.11
N VAL A 751 -31.87 -38.50 3.71
CA VAL A 751 -30.61 -38.83 4.37
C VAL A 751 -29.62 -37.69 4.21
N SER A 752 -29.50 -37.16 3.00
CA SER A 752 -28.57 -36.05 2.77
C SER A 752 -29.00 -34.80 3.53
N LEU A 753 -30.30 -34.57 3.67
CA LEU A 753 -30.75 -33.43 4.46
C LEU A 753 -30.38 -33.60 5.93
N GLN A 754 -30.53 -34.81 6.45
CA GLN A 754 -30.10 -35.06 7.82
C GLN A 754 -28.61 -34.84 7.98
N GLN A 755 -27.84 -35.28 6.98
CA GLN A 755 -26.40 -35.06 7.03
C GLN A 755 -26.06 -33.58 7.01
N TYR A 756 -26.78 -32.80 6.20
CA TYR A 756 -26.56 -31.36 6.18
C TYR A 756 -26.84 -30.75 7.54
N LYS A 757 -27.94 -31.16 8.17
CA LYS A 757 -28.27 -30.60 9.48
C LYS A 757 -27.19 -30.92 10.51
N ASN A 758 -26.73 -32.17 10.52
CA ASN A 758 -25.69 -32.55 11.47
C ASN A 758 -24.40 -31.79 11.20
N PHE A 759 -24.05 -31.66 9.92
CA PHE A 759 -22.82 -30.97 9.56
C PHE A 759 -22.84 -29.51 10.01
N MET A 760 -23.94 -28.82 9.74
CA MET A 760 -24.02 -27.42 10.13
C MET A 760 -24.01 -27.27 11.63
N SER A 761 -24.70 -28.17 12.34
CA SER A 761 -24.69 -28.08 13.80
C SER A 761 -23.30 -28.28 14.36
N SER A 762 -22.55 -29.24 13.81
CA SER A 762 -21.20 -29.49 14.32
C SER A 762 -20.26 -28.33 13.97
N ILE A 763 -20.43 -27.73 12.79
CA ILE A 763 -19.62 -26.57 12.44
C ILE A 763 -19.87 -25.44 13.41
N CYS A 764 -21.14 -25.20 13.76
CA CYS A 764 -21.43 -24.17 14.74
C CYS A 764 -20.83 -24.51 16.09
N ASN A 765 -20.85 -25.79 16.47
CA ASN A 765 -20.22 -26.19 17.72
C ASN A 765 -18.74 -25.84 17.72
N SER A 766 -18.05 -26.15 16.62
CA SER A 766 -16.63 -25.84 16.53
C SER A 766 -16.39 -24.34 16.63
N LEU A 767 -17.18 -23.56 15.90
CA LEU A 767 -16.99 -22.12 15.90
C LEU A 767 -17.21 -21.54 17.28
N PHE A 768 -18.21 -22.02 18.00
CA PHE A 768 -18.44 -21.50 19.34
C PHE A 768 -17.43 -22.02 20.35
N GLU A 769 -16.84 -23.19 20.10
CA GLU A 769 -15.73 -23.61 20.94
C GLU A 769 -14.52 -22.71 20.75
N ALA A 770 -14.33 -22.21 19.53
CA ALA A 770 -13.20 -21.33 19.26
C ALA A 770 -13.27 -20.00 19.99
N LEU A 771 -14.32 -19.73 20.75
CA LEU A 771 -14.44 -18.47 21.49
C LEU A 771 -14.09 -18.65 22.96
N PHE A 772 -13.12 -19.48 23.26
CA PHE A 772 -12.71 -19.72 24.63
C PHE A 772 -12.02 -18.48 25.19
N PRO A 773 -11.91 -18.37 26.51
CA PRO A 773 -11.20 -17.22 27.10
C PRO A 773 -9.77 -17.16 26.62
N GLY A 774 -9.29 -15.96 26.35
CA GLY A 774 -7.93 -15.76 25.91
C GLY A 774 -7.65 -16.12 24.47
N SER A 775 -8.68 -16.37 23.67
CA SER A 775 -8.45 -16.72 22.27
C SER A 775 -7.87 -15.54 21.51
N SER A 776 -7.08 -15.86 20.49
CA SER A 776 -6.36 -14.88 19.72
C SER A 776 -7.30 -13.93 18.99
N TYR A 777 -6.72 -12.90 18.38
CA TYR A 777 -7.51 -11.96 17.59
C TYR A 777 -7.93 -12.59 16.27
N SER A 778 -7.05 -13.36 15.65
CA SER A 778 -7.40 -13.99 14.37
C SER A 778 -8.47 -15.05 14.56
N THR A 779 -8.46 -15.77 15.68
CA THR A 779 -9.46 -16.82 15.84
C THR A 779 -10.83 -16.23 16.15
N ARG A 780 -10.90 -15.17 16.95
CA ARG A 780 -12.18 -14.51 17.14
C ARG A 780 -12.66 -13.88 15.85
N PHE A 781 -11.76 -13.24 15.11
CA PHE A 781 -12.13 -12.65 13.83
C PHE A 781 -12.72 -13.70 12.90
N SER A 782 -12.03 -14.83 12.76
CA SER A 782 -12.49 -15.87 11.85
C SER A 782 -13.80 -16.49 12.32
N ALA A 783 -13.90 -16.78 13.61
CA ALA A 783 -15.12 -17.40 14.12
C ALA A 783 -16.32 -16.48 13.94
N LEU A 784 -16.17 -15.20 14.28
CA LEU A 784 -17.28 -14.28 14.14
C LEU A 784 -17.62 -14.02 12.69
N THR A 785 -16.62 -13.96 11.81
CA THR A 785 -16.90 -13.79 10.40
C THR A 785 -17.68 -14.97 9.84
N ILE A 786 -17.26 -16.19 10.16
CA ILE A 786 -17.94 -17.35 9.61
C ILE A 786 -19.33 -17.49 10.21
N LEU A 787 -19.49 -17.18 11.50
CA LEU A 787 -20.82 -17.22 12.10
C LEU A 787 -21.74 -16.20 11.43
N GLY A 788 -21.26 -14.98 11.20
CA GLY A 788 -22.06 -14.01 10.50
C GLY A 788 -22.42 -14.44 9.11
N SER A 789 -21.49 -15.10 8.42
CA SER A 789 -21.78 -15.60 7.09
C SER A 789 -22.86 -16.67 7.12
N ILE A 790 -22.84 -17.54 8.12
CA ILE A 790 -23.90 -18.54 8.26
C ILE A 790 -25.23 -17.86 8.49
N ALA A 791 -25.25 -16.90 9.41
CA ALA A 791 -26.50 -16.19 9.71
C ALA A 791 -27.05 -15.51 8.48
N GLU A 792 -26.18 -14.97 7.64
CA GLU A 792 -26.66 -14.30 6.44
C GLU A 792 -27.12 -15.29 5.38
N VAL A 793 -26.38 -16.37 5.17
CA VAL A 793 -26.70 -17.28 4.07
C VAL A 793 -27.98 -18.04 4.35
N PHE A 794 -28.18 -18.49 5.57
CA PHE A 794 -29.37 -19.29 5.85
C PHE A 794 -30.57 -18.45 6.25
N HIS A 795 -30.45 -17.13 6.19
CA HIS A 795 -31.56 -16.21 6.37
C HIS A 795 -32.30 -15.95 5.06
N VAL A 796 -32.04 -16.74 4.02
CA VAL A 796 -32.66 -16.50 2.73
C VAL A 796 -34.12 -16.96 2.71
N PRO A 797 -34.43 -18.26 2.97
CA PRO A 797 -35.78 -18.78 2.72
C PRO A 797 -36.75 -18.55 3.88
N GLU A 798 -36.84 -17.30 4.35
CA GLU A 798 -37.85 -16.91 5.32
C GLU A 798 -39.16 -16.48 4.69
N GLY A 799 -39.12 -15.93 3.47
CA GLY A 799 -40.33 -15.85 2.69
C GLY A 799 -40.74 -17.16 2.05
N ARG A 800 -39.86 -18.15 2.10
CA ARG A 800 -40.09 -19.46 1.52
C ARG A 800 -40.69 -20.40 2.56
N ILE A 801 -40.72 -21.69 2.24
CA ILE A 801 -41.40 -22.66 3.08
C ILE A 801 -40.43 -23.59 3.82
N TYR A 802 -39.25 -23.86 3.26
CA TYR A 802 -38.35 -24.86 3.84
C TYR A 802 -36.96 -24.27 4.03
N THR A 803 -36.35 -24.58 5.17
CA THR A 803 -34.99 -24.13 5.47
C THR A 803 -34.25 -25.26 6.17
N VAL A 804 -33.08 -25.62 5.64
CA VAL A 804 -32.35 -26.76 6.18
C VAL A 804 -31.76 -26.44 7.55
N TYR A 805 -31.36 -25.18 7.78
CA TYR A 805 -30.69 -24.85 9.02
C TYR A 805 -31.03 -23.42 9.41
N GLN A 806 -31.13 -23.19 10.71
CA GLN A 806 -31.35 -21.86 11.26
C GLN A 806 -30.42 -21.65 12.43
N LEU A 807 -29.51 -20.68 12.32
CA LEU A 807 -28.55 -20.46 13.39
C LEU A 807 -29.25 -20.16 14.71
N SER A 808 -30.40 -19.48 14.65
CA SER A 808 -31.07 -19.05 15.87
C SER A 808 -31.45 -20.23 16.76
N HIS A 809 -31.72 -21.38 16.16
CA HIS A 809 -32.06 -22.55 16.95
C HIS A 809 -30.90 -23.05 17.79
N ASP A 810 -29.68 -22.83 17.33
CA ASP A 810 -28.49 -23.33 18.00
C ASP A 810 -27.93 -22.35 19.02
N ILE A 811 -28.58 -21.23 19.26
CA ILE A 811 -28.10 -20.22 20.17
C ILE A 811 -28.76 -20.46 21.52
N ASP A 812 -27.96 -20.89 22.50
CA ASP A 812 -28.43 -21.09 23.86
C ASP A 812 -28.42 -19.75 24.57
N VAL A 813 -28.62 -19.78 25.89
CA VAL A 813 -28.37 -18.58 26.67
C VAL A 813 -26.87 -18.33 26.76
N GLY A 814 -26.08 -19.37 27.02
CA GLY A 814 -24.66 -19.18 27.21
C GLY A 814 -23.94 -18.71 25.96
N ARG A 815 -24.37 -19.20 24.81
CA ARG A 815 -23.77 -18.73 23.57
C ARG A 815 -24.07 -17.27 23.33
N PHE A 816 -25.29 -16.84 23.70
CA PHE A 816 -25.61 -15.41 23.66
C PHE A 816 -24.73 -14.62 24.61
N GLN A 817 -24.48 -15.16 25.81
CA GLN A 817 -23.60 -14.46 26.74
C GLN A 817 -22.21 -14.28 26.14
N THR A 818 -21.67 -15.32 25.53
CA THR A 818 -20.33 -15.20 24.95
C THR A 818 -20.33 -14.20 23.79
N LEU A 819 -21.36 -14.21 22.97
CA LEU A 819 -21.42 -13.25 21.88
C LEU A 819 -21.45 -11.81 22.41
N MET A 820 -22.22 -11.55 23.47
CA MET A 820 -22.18 -10.20 24.01
C MET A 820 -20.82 -9.89 24.64
N GLU A 821 -20.20 -10.88 25.28
CA GLU A 821 -18.90 -10.63 25.88
C GLU A 821 -17.85 -10.32 24.84
N CYS A 822 -18.09 -10.69 23.58
CA CYS A 822 -17.19 -10.26 22.52
C CYS A 822 -17.15 -8.74 22.35
N PHE A 823 -18.02 -8.00 23.03
CA PHE A 823 -17.95 -6.54 23.02
C PHE A 823 -16.82 -6.00 23.85
N THR A 824 -16.19 -6.82 24.68
CA THR A 824 -15.11 -6.37 25.52
C THR A 824 -13.75 -6.56 24.89
N SER A 825 -13.69 -7.12 23.69
CA SER A 825 -12.39 -7.32 23.05
C SER A 825 -11.75 -5.99 22.74
N THR A 826 -10.43 -5.97 22.77
CA THR A 826 -9.69 -4.74 22.62
C THR A 826 -9.63 -4.29 21.16
N PHE A 827 -10.04 -5.14 20.23
CA PHE A 827 -10.02 -4.84 18.81
C PHE A 827 -11.41 -4.44 18.36
N GLU A 828 -11.51 -3.34 17.61
CA GLU A 828 -12.83 -2.86 17.22
C GLU A 828 -13.44 -3.72 16.13
N ASP A 829 -12.62 -4.40 15.32
CA ASP A 829 -13.18 -5.30 14.32
C ASP A 829 -14.01 -6.38 14.97
N VAL A 830 -13.54 -6.93 16.07
CA VAL A 830 -14.27 -7.98 16.75
C VAL A 830 -15.57 -7.44 17.33
N LYS A 831 -15.53 -6.23 17.89
CA LYS A 831 -16.74 -5.61 18.40
C LYS A 831 -17.77 -5.45 17.30
N ILE A 832 -17.33 -4.99 16.14
CA ILE A 832 -18.25 -4.76 15.03
C ILE A 832 -18.85 -6.07 14.54
N LEU A 833 -18.01 -7.10 14.39
CA LEU A 833 -18.51 -8.38 13.91
C LEU A 833 -19.51 -8.97 14.89
N ALA A 834 -19.22 -8.91 16.19
CA ALA A 834 -20.16 -9.42 17.17
C ALA A 834 -21.47 -8.65 17.12
N PHE A 835 -21.40 -7.33 17.01
CA PHE A 835 -22.63 -6.53 16.93
C PHE A 835 -23.47 -6.93 15.72
N ASP A 836 -22.83 -7.06 14.56
CA ASP A 836 -23.57 -7.44 13.36
C ASP A 836 -24.22 -8.80 13.51
N LEU A 837 -23.47 -9.76 14.04
CA LEU A 837 -24.03 -11.10 14.19
C LEU A 837 -25.20 -11.11 15.16
N LEU A 838 -25.07 -10.40 16.28
CA LEU A 838 -26.17 -10.35 17.23
C LEU A 838 -27.40 -9.70 16.61
N MET A 839 -27.20 -8.69 15.77
CA MET A 839 -28.35 -8.06 15.13
C MET A 839 -28.99 -8.97 14.09
N LYS A 840 -28.22 -9.84 13.46
CA LYS A 840 -28.80 -10.72 12.44
C LYS A 840 -29.66 -11.82 13.04
N LEU A 841 -29.53 -12.10 14.33
CA LEU A 841 -30.29 -13.19 14.93
C LEU A 841 -31.73 -12.76 15.21
N SER A 842 -32.59 -13.75 15.33
CA SER A 842 -34.02 -13.52 15.52
C SER A 842 -34.46 -13.94 16.91
N LYS A 843 -35.37 -13.17 17.49
CA LYS A 843 -35.89 -13.42 18.84
C LYS A 843 -34.74 -13.50 19.85
N THR A 844 -34.10 -12.36 20.05
CA THR A 844 -32.88 -12.31 20.84
C THR A 844 -32.89 -11.27 21.94
N ALA A 845 -33.65 -10.20 21.75
CA ALA A 845 -33.49 -9.02 22.61
C ALA A 845 -33.64 -9.35 24.09
N VAL A 846 -34.86 -9.72 24.49
CA VAL A 846 -35.16 -10.06 25.87
C VAL A 846 -35.50 -11.52 26.04
N HIS A 847 -35.51 -12.29 24.95
CA HIS A 847 -35.73 -13.72 25.05
C HIS A 847 -34.65 -14.38 25.89
N PHE A 848 -33.41 -13.97 25.70
CA PHE A 848 -32.28 -14.58 26.37
C PHE A 848 -31.91 -13.89 27.68
N GLN A 849 -32.58 -12.81 28.03
CA GLN A 849 -32.17 -11.99 29.16
C GLN A 849 -33.37 -11.57 29.98
N ASP A 850 -33.25 -11.69 31.30
CA ASP A 850 -34.26 -11.19 32.19
C ASP A 850 -34.03 -9.70 32.48
N SER A 851 -35.07 -9.06 33.02
CA SER A 851 -35.03 -7.61 33.19
C SER A 851 -33.91 -7.17 34.12
N GLY A 852 -33.70 -7.90 35.21
CA GLY A 852 -32.68 -7.51 36.17
C GLY A 852 -31.29 -7.52 35.56
N LYS A 853 -30.99 -8.54 34.75
CA LYS A 853 -29.66 -8.63 34.18
C LYS A 853 -29.45 -7.58 33.09
N LEU A 854 -30.50 -7.23 32.35
CA LEU A 854 -30.39 -6.13 31.41
C LEU A 854 -30.18 -4.79 32.11
N GLN A 855 -30.84 -4.61 33.25
CA GLN A 855 -30.59 -3.40 34.03
C GLN A 855 -29.15 -3.37 34.51
N GLY A 856 -28.61 -4.53 34.90
CA GLY A 856 -27.21 -4.62 35.23
C GLY A 856 -26.31 -4.24 34.07
N LEU A 857 -26.69 -4.68 32.85
CA LEU A 857 -25.90 -4.31 31.67
C LEU A 857 -25.93 -2.81 31.43
N PHE A 858 -27.09 -2.19 31.60
CA PHE A 858 -27.16 -0.73 31.43
C PHE A 858 -26.30 -0.02 32.46
N GLN A 859 -26.35 -0.46 33.71
CA GLN A 859 -25.49 0.13 34.72
C GLN A 859 -24.03 -0.05 34.37
N ALA A 860 -23.67 -1.22 33.82
CA ALA A 860 -22.29 -1.45 33.44
C ALA A 860 -21.85 -0.52 32.32
N ALA A 861 -22.71 -0.29 31.33
CA ALA A 861 -22.36 0.64 30.27
C ALA A 861 -22.19 2.05 30.80
N LEU A 862 -23.08 2.47 31.70
CA LEU A 862 -22.94 3.79 32.30
C LEU A 862 -21.64 3.90 33.07
N GLU A 863 -21.22 2.83 33.74
CA GLU A 863 -19.97 2.86 34.49
C GLU A 863 -18.76 2.86 33.57
N LEU A 864 -18.84 2.17 32.44
CA LEU A 864 -17.73 2.17 31.50
C LEU A 864 -17.59 3.50 30.80
N SER A 865 -18.68 4.24 30.66
CA SER A 865 -18.61 5.55 30.02
C SER A 865 -17.86 6.58 30.83
N THR A 866 -17.53 6.29 32.09
CA THR A 866 -16.84 7.27 32.93
C THR A 866 -15.57 6.71 33.53
N SER A 867 -14.96 5.71 32.90
CA SER A 867 -13.77 5.10 33.46
C SER A 867 -12.53 5.80 32.91
N THR A 868 -11.46 5.75 33.70
CA THR A 868 -10.22 6.41 33.32
C THR A 868 -9.48 5.66 32.23
N LYS A 869 -9.76 4.38 32.05
CA LYS A 869 -9.13 3.63 30.99
C LYS A 869 -9.56 4.19 29.64
N PRO A 870 -8.63 4.48 28.73
CA PRO A 870 -8.97 5.30 27.57
C PRO A 870 -9.87 4.61 26.55
N TYR A 871 -9.99 3.30 26.59
CA TYR A 871 -10.73 2.58 25.55
C TYR A 871 -11.97 1.88 26.07
N ASP A 872 -12.32 2.06 27.34
CA ASP A 872 -13.56 1.48 27.83
C ASP A 872 -14.77 2.16 27.22
N CYS A 873 -14.64 3.43 26.83
CA CYS A 873 -15.76 4.14 26.27
C CYS A 873 -16.23 3.51 24.96
N VAL A 874 -15.34 2.86 24.22
CA VAL A 874 -15.74 2.16 23.02
C VAL A 874 -16.66 0.99 23.36
N THR A 875 -16.29 0.22 24.38
CA THR A 875 -17.14 -0.86 24.82
C THR A 875 -18.47 -0.36 25.33
N ALA A 876 -18.45 0.74 26.08
CA ALA A 876 -19.70 1.31 26.57
C ALA A 876 -20.59 1.73 25.42
N SER A 877 -20.00 2.32 24.39
CA SER A 877 -20.78 2.75 23.24
C SER A 877 -21.42 1.57 22.53
N TYR A 878 -20.67 0.49 22.33
CA TYR A 878 -21.25 -0.67 21.65
C TYR A 878 -22.34 -1.30 22.49
N LEU A 879 -22.13 -1.40 23.80
CA LEU A 879 -23.17 -1.94 24.67
C LEU A 879 -24.43 -1.09 24.61
N LEU A 880 -24.29 0.23 24.67
CA LEU A 880 -25.45 1.11 24.65
C LEU A 880 -26.18 1.03 23.32
N ASN A 881 -25.44 0.98 22.21
CA ASN A 881 -26.10 0.83 20.92
C ASN A 881 -26.85 -0.48 20.84
N PHE A 882 -26.29 -1.55 21.40
CA PHE A 882 -26.98 -2.82 21.40
C PHE A 882 -28.27 -2.74 22.20
N LEU A 883 -28.22 -2.13 23.38
CA LEU A 883 -29.42 -1.99 24.18
C LEU A 883 -30.47 -1.13 23.47
N ILE A 884 -30.03 -0.11 22.74
CA ILE A 884 -30.96 0.76 22.04
C ILE A 884 -31.64 0.01 20.90
N TRP A 885 -30.85 -0.65 20.07
CA TRP A 885 -31.37 -1.21 18.84
C TRP A 885 -32.11 -2.51 19.04
N GLN A 886 -32.31 -2.92 20.30
CA GLN A 886 -33.18 -4.06 20.59
C GLN A 886 -34.14 -3.74 21.72
N ASP A 887 -34.39 -2.47 21.98
CA ASP A 887 -35.45 -2.05 22.90
C ASP A 887 -35.30 -2.71 24.26
N ALA A 888 -34.06 -2.81 24.73
CA ALA A 888 -33.77 -3.46 26.00
C ALA A 888 -33.38 -2.46 27.07
N LEU A 889 -33.71 -1.20 26.90
CA LEU A 889 -33.40 -0.21 27.92
C LEU A 889 -34.33 -0.39 29.11
N PRO A 890 -33.90 -0.01 30.31
CA PRO A 890 -34.79 -0.06 31.46
C PRO A 890 -35.98 0.86 31.29
N SER A 891 -36.92 0.74 32.21
CA SER A 891 -38.14 1.53 32.14
C SER A 891 -37.98 2.93 32.70
N SER A 892 -37.02 3.15 33.60
CA SER A 892 -36.87 4.47 34.20
C SER A 892 -36.44 5.51 33.18
N LEU A 893 -35.80 5.09 32.09
CA LEU A 893 -35.36 6.04 31.07
C LEU A 893 -36.51 6.70 30.34
N SER A 894 -37.73 6.19 30.48
CA SER A 894 -38.88 6.90 29.93
C SER A 894 -39.16 8.19 30.68
N ALA A 895 -38.53 8.40 31.83
CA ALA A 895 -38.74 9.61 32.62
C ALA A 895 -37.99 10.81 32.09
N TYR A 896 -37.15 10.64 31.07
CA TYR A 896 -36.36 11.74 30.56
C TYR A 896 -37.07 12.53 29.47
N LEU A 897 -37.92 11.88 28.69
CA LEU A 897 -38.66 12.57 27.64
C LEU A 897 -40.13 12.68 28.02
N THR A 898 -40.81 13.62 27.41
CA THR A 898 -42.23 13.86 27.66
C THR A 898 -43.02 13.47 26.42
N GLN A 899 -43.99 12.57 26.60
CA GLN A 899 -44.80 12.11 25.48
C GLN A 899 -46.12 12.88 25.42
N ASP A 907 -46.03 0.38 13.66
CA ASP A 907 -45.28 0.65 14.88
C ASP A 907 -44.12 1.60 14.63
N ARG A 908 -43.65 1.62 13.38
CA ARG A 908 -42.51 2.43 12.98
C ARG A 908 -41.31 2.12 13.88
N PRO A 909 -40.64 0.99 13.68
CA PRO A 909 -39.47 0.67 14.54
C PRO A 909 -38.40 1.74 14.48
N ALA A 910 -38.30 2.48 13.38
CA ALA A 910 -37.43 3.65 13.37
C ALA A 910 -37.83 4.62 14.47
N ALA A 911 -39.13 4.79 14.71
CA ALA A 911 -39.58 5.70 15.76
C ALA A 911 -39.11 5.23 17.13
N VAL A 912 -39.19 3.92 17.39
CA VAL A 912 -38.83 3.45 18.72
C VAL A 912 -37.33 3.49 18.92
N VAL A 913 -36.54 3.20 17.88
CA VAL A 913 -35.10 3.34 18.05
C VAL A 913 -34.73 4.80 18.24
N GLU A 914 -35.43 5.71 17.56
CA GLU A 914 -35.17 7.14 17.76
C GLU A 914 -35.52 7.56 19.18
N ARG A 915 -36.63 7.07 19.71
CA ARG A 915 -36.98 7.40 21.09
C ARG A 915 -35.95 6.87 22.06
N ASN A 916 -35.48 5.64 21.85
CA ASN A 916 -34.47 5.07 22.73
C ASN A 916 -33.17 5.87 22.67
N THR A 917 -32.75 6.24 21.46
CA THR A 917 -31.55 7.06 21.31
C THR A 917 -31.72 8.38 22.04
N LEU A 918 -32.88 9.00 21.91
CA LEU A 918 -33.13 10.26 22.58
C LEU A 918 -33.03 10.10 24.09
N MET A 919 -33.63 9.06 24.64
CA MET A 919 -33.60 8.88 26.09
C MET A 919 -32.19 8.67 26.59
N VAL A 920 -31.43 7.79 25.94
CA VAL A 920 -30.09 7.51 26.41
C VAL A 920 -29.20 8.74 26.25
N ILE A 921 -29.38 9.49 25.16
CA ILE A 921 -28.57 10.68 24.95
C ILE A 921 -28.88 11.72 26.02
N LYS A 922 -30.15 11.85 26.40
CA LYS A 922 -30.48 12.80 27.45
C LYS A 922 -29.88 12.40 28.79
N CYS A 923 -29.88 11.10 29.11
CA CYS A 923 -29.24 10.65 30.34
C CYS A 923 -27.74 10.96 30.33
N LEU A 924 -27.07 10.60 29.24
CA LEU A 924 -25.66 10.89 29.11
C LEU A 924 -25.39 12.38 29.22
N MET A 925 -26.27 13.19 28.63
CA MET A 925 -26.08 14.65 28.65
C MET A 925 -26.21 15.20 30.05
N GLU A 926 -27.16 14.68 30.83
CA GLU A 926 -27.27 15.15 32.22
C GLU A 926 -26.00 14.85 33.00
N ASN A 927 -25.51 13.61 32.86
CA ASN A 927 -24.26 13.27 33.55
C ASN A 927 -23.12 14.16 33.07
N LEU A 928 -23.04 14.39 31.77
CA LEU A 928 -21.96 15.18 31.20
C LEU A 928 -22.01 16.62 31.70
N GLU A 929 -23.20 17.19 31.79
CA GLU A 929 -23.32 18.56 32.28
C GLU A 929 -22.80 18.66 33.69
N GLU A 930 -23.20 17.73 34.55
CA GLU A 930 -22.69 17.77 35.93
C GLU A 930 -21.17 17.64 35.96
N GLU A 931 -20.63 16.70 35.19
CA GLU A 931 -19.19 16.48 35.22
C GLU A 931 -18.43 17.67 34.67
N VAL A 932 -18.96 18.33 33.64
CA VAL A 932 -18.29 19.48 33.06
C VAL A 932 -18.29 20.64 34.05
N SER A 933 -19.39 20.83 34.79
CA SER A 933 -19.38 21.86 35.81
C SER A 933 -18.31 21.58 36.86
N GLN A 934 -18.24 20.34 37.34
CA GLN A 934 -17.21 20.04 38.33
C GLN A 934 -15.81 20.17 37.77
N ALA A 935 -15.63 19.90 36.48
CA ALA A 935 -14.32 20.10 35.87
C ALA A 935 -13.96 21.57 35.81
N GLU A 936 -14.93 22.42 35.47
CA GLU A 936 -14.71 23.86 35.58
C GLU A 936 -14.25 24.22 36.97
N ASN A 937 -14.81 23.57 37.99
CA ASN A 937 -14.37 23.84 39.35
C ASN A 937 -12.91 23.44 39.56
N SER A 938 -12.54 22.24 39.14
CA SER A 938 -11.18 21.75 39.36
C SER A 938 -10.90 20.58 38.44
N LEU A 939 -9.89 20.72 37.58
CA LEU A 939 -9.65 19.75 36.52
C LEU A 939 -8.92 18.50 37.01
N LEU A 940 -8.33 18.55 38.20
CA LEU A 940 -7.56 17.40 38.70
C LEU A 940 -8.46 16.18 38.86
N GLN A 941 -9.45 16.27 39.74
CA GLN A 941 -10.32 15.11 39.98
C GLN A 941 -11.11 14.76 38.73
N ALA A 942 -11.40 15.76 37.89
CA ALA A 942 -12.05 15.47 36.62
C ALA A 942 -11.20 14.53 35.78
N ALA A 943 -9.89 14.77 35.73
CA ALA A 943 -9.02 13.82 35.06
C ALA A 943 -8.90 12.52 35.84
N ALA A 944 -9.08 12.56 37.15
CA ALA A 944 -8.87 11.38 37.98
C ALA A 944 -10.11 10.49 38.04
N ALA A 945 -11.27 11.07 38.33
CA ALA A 945 -12.48 10.29 38.58
C ALA A 945 -13.40 10.21 37.36
N PHE A 946 -13.80 11.35 36.81
CA PHE A 946 -14.80 11.39 35.75
C PHE A 946 -14.28 12.20 34.57
N PRO A 947 -13.38 11.64 33.79
CA PRO A 947 -13.01 12.27 32.52
C PRO A 947 -14.25 12.37 31.65
N MET A 948 -14.37 13.48 30.94
CA MET A 948 -15.64 13.75 30.30
C MET A 948 -15.73 13.21 28.88
N TYR A 949 -14.66 12.66 28.34
CA TYR A 949 -14.70 12.28 26.93
C TYR A 949 -15.46 10.98 26.69
N GLY A 950 -15.68 10.17 27.72
CA GLY A 950 -16.43 8.94 27.51
C GLY A 950 -17.88 9.20 27.14
N ARG A 951 -18.53 10.13 27.83
CA ARG A 951 -19.92 10.44 27.52
C ARG A 951 -20.04 11.06 26.14
N VAL A 952 -19.10 11.94 25.78
CA VAL A 952 -19.13 12.53 24.44
C VAL A 952 -18.98 11.44 23.39
N HIS A 953 -18.07 10.50 23.63
CA HIS A 953 -17.89 9.41 22.68
C HIS A 953 -19.15 8.58 22.56
N CYS A 954 -19.80 8.29 23.68
CA CYS A 954 -21.02 7.49 23.63
C CYS A 954 -22.13 8.22 22.89
N ILE A 955 -22.27 9.53 23.12
CA ILE A 955 -23.29 10.31 22.42
C ILE A 955 -23.04 10.29 20.92
N THR A 956 -21.78 10.52 20.52
CA THR A 956 -21.46 10.49 19.10
C THR A 956 -21.73 9.12 18.51
N GLY A 957 -21.39 8.07 19.25
CA GLY A 957 -21.63 6.73 18.74
C GLY A 957 -23.11 6.43 18.56
N ALA A 958 -23.93 6.90 19.50
CA ALA A 958 -25.37 6.71 19.38
C ALA A 958 -25.92 7.46 18.19
N LEU A 959 -25.49 8.71 17.99
CA LEU A 959 -25.98 9.49 16.85
C LEU A 959 -25.53 8.88 15.54
N GLN A 960 -24.32 8.32 15.50
CA GLN A 960 -23.77 7.79 14.26
C GLN A 960 -24.68 6.74 13.63
N LYS A 961 -25.43 6.00 14.45
CA LYS A 961 -26.26 4.93 13.93
C LYS A 961 -27.56 5.44 13.30
N LEU A 962 -27.99 6.65 13.63
CA LEU A 962 -29.26 7.15 13.13
C LEU A 962 -29.11 7.66 11.70
N SER A 963 -30.25 7.87 11.06
CA SER A 963 -30.33 8.56 9.78
C SER A 963 -30.72 10.00 10.10
N LEU A 964 -29.71 10.85 10.28
CA LEU A 964 -29.94 12.20 10.76
C LEU A 964 -30.85 12.99 9.82
N ASN A 965 -30.85 12.64 8.53
CA ASN A 965 -31.66 13.37 7.57
C ASN A 965 -33.15 13.09 7.73
N SER A 966 -33.53 12.03 8.44
CA SER A 966 -34.91 11.60 8.51
C SER A 966 -35.36 11.43 9.95
N LEU A 967 -35.05 12.41 10.79
CA LEU A 967 -35.58 12.40 12.14
C LEU A 967 -37.07 12.75 12.11
N GLN A 968 -37.74 12.51 13.24
CA GLN A 968 -39.17 12.72 13.31
C GLN A 968 -39.63 13.45 14.56
N LEU A 969 -38.76 13.73 15.51
CA LEU A 969 -39.16 14.38 16.74
C LEU A 969 -38.44 15.71 16.88
N VAL A 970 -38.45 16.50 15.80
CA VAL A 970 -37.64 17.71 15.74
C VAL A 970 -37.93 18.63 16.92
N SER A 971 -39.18 18.64 17.40
CA SER A 971 -39.50 19.40 18.60
C SER A 971 -38.67 18.93 19.78
N GLU A 972 -38.34 17.65 19.83
CA GLU A 972 -37.48 17.12 20.86
C GLU A 972 -36.01 17.24 20.51
N TRP A 973 -35.67 17.17 19.24
CA TRP A 973 -34.27 17.18 18.84
C TRP A 973 -33.65 18.57 18.76
N ARG A 974 -34.45 19.63 18.80
CA ARG A 974 -33.84 20.95 18.70
C ARG A 974 -33.18 21.37 20.01
N PRO A 975 -33.89 21.39 21.14
CA PRO A 975 -33.23 21.80 22.39
C PRO A 975 -32.05 20.93 22.76
N VAL A 976 -32.12 19.64 22.44
CA VAL A 976 -31.01 18.75 22.78
C VAL A 976 -29.77 19.13 21.97
N VAL A 977 -29.94 19.50 20.71
CA VAL A 977 -28.79 19.91 19.90
C VAL A 977 -28.22 21.22 20.41
N GLU A 978 -29.09 22.16 20.81
CA GLU A 978 -28.58 23.40 21.38
C GLU A 978 -27.75 23.14 22.63
N LYS A 979 -28.28 22.34 23.55
CA LYS A 979 -27.53 22.02 24.76
C LYS A 979 -26.25 21.28 24.44
N LEU A 980 -26.28 20.43 23.43
CA LEU A 980 -25.10 19.66 23.06
C LEU A 980 -23.99 20.59 22.58
N LEU A 981 -24.33 21.56 21.73
CA LEU A 981 -23.34 22.52 21.28
C LEU A 981 -22.79 23.35 22.43
N LEU A 982 -23.67 23.79 23.32
CA LEU A 982 -23.22 24.61 24.45
C LEU A 982 -22.23 23.84 25.31
N MET A 983 -22.55 22.58 25.63
CA MET A 983 -21.66 21.80 26.46
C MET A 983 -20.36 21.48 25.73
N SER A 984 -20.41 21.26 24.42
CA SER A 984 -19.17 21.05 23.69
C SER A 984 -18.25 22.25 23.82
N TYR A 985 -18.79 23.44 23.65
CA TYR A 985 -17.95 24.63 23.77
C TYR A 985 -17.42 24.80 25.19
N ARG A 986 -18.26 24.54 26.19
CA ARG A 986 -17.81 24.66 27.57
C ARG A 986 -16.66 23.71 27.86
N LEU A 987 -16.80 22.45 27.47
CA LEU A 987 -15.76 21.47 27.72
C LEU A 987 -14.48 21.83 26.99
N SER A 988 -14.60 22.27 25.74
CA SER A 988 -13.42 22.66 24.99
C SER A 988 -12.70 23.82 25.66
N THR A 989 -13.45 24.82 26.14
CA THR A 989 -12.84 25.93 26.85
C THR A 989 -12.12 25.43 28.09
N VAL A 990 -12.71 24.46 28.79
CA VAL A 990 -12.09 23.97 30.02
C VAL A 990 -10.75 23.31 29.71
N VAL A 991 -10.70 22.47 28.68
CA VAL A 991 -9.54 21.61 28.52
C VAL A 991 -8.53 22.12 27.51
N SER A 992 -8.79 23.22 26.82
CA SER A 992 -7.82 23.62 25.80
C SER A 992 -6.58 24.31 26.38
N PRO A 993 -6.71 25.27 27.31
CA PRO A 993 -5.51 25.90 27.87
C PRO A 993 -4.49 24.91 28.39
N VAL A 994 -4.94 23.77 28.91
CA VAL A 994 -3.99 22.76 29.33
C VAL A 994 -3.29 22.15 28.13
N ILE A 995 -3.89 22.20 26.95
CA ILE A 995 -3.30 21.49 25.83
C ILE A 995 -2.38 22.40 25.01
N GLN A 996 -2.63 23.72 24.96
CA GLN A 996 -1.58 24.56 24.37
C GLN A 996 -0.39 24.74 25.32
N SER A 997 -0.65 24.99 26.60
CA SER A 997 0.42 25.25 27.55
C SER A 997 0.93 23.94 28.13
N SER A 998 1.76 24.03 29.18
CA SER A 998 2.25 22.87 29.89
C SER A 998 1.26 22.49 30.98
N SER A 999 1.66 21.59 31.87
CA SER A 999 0.78 21.18 32.96
C SER A 999 0.47 22.37 33.87
N PRO A 1000 -0.77 22.50 34.36
CA PRO A 1000 -1.19 23.65 35.15
C PRO A 1000 -0.67 23.60 36.59
N ASP A 1071 -2.02 12.05 43.77
CA ASP A 1071 -2.05 10.73 43.18
C ASP A 1071 -2.56 10.77 41.74
N VAL A 1072 -2.44 11.93 41.11
CA VAL A 1072 -2.89 12.14 39.74
C VAL A 1072 -1.70 12.67 38.97
N THR A 1073 -1.11 11.83 38.14
CA THR A 1073 0.03 12.27 37.34
C THR A 1073 -0.43 13.24 36.26
N ALA A 1074 0.51 14.04 35.77
CA ALA A 1074 0.18 14.96 34.69
C ALA A 1074 -0.13 14.24 33.40
N GLN A 1075 0.41 13.04 33.19
CA GLN A 1075 0.17 12.34 31.94
C GLN A 1075 -1.30 12.02 31.76
N MET A 1076 -1.98 11.61 32.83
CA MET A 1076 -3.39 11.28 32.70
C MET A 1076 -4.23 12.54 32.53
N VAL A 1077 -3.79 13.67 33.10
CA VAL A 1077 -4.44 14.94 32.82
C VAL A 1077 -4.35 15.26 31.33
N LEU A 1078 -3.17 15.10 30.74
CA LEU A 1078 -3.02 15.35 29.31
C LEU A 1078 -3.88 14.39 28.49
N VAL A 1079 -3.97 13.13 28.92
CA VAL A 1079 -4.81 12.18 28.19
C VAL A 1079 -6.25 12.63 28.21
N CYS A 1080 -6.78 12.97 29.40
CA CYS A 1080 -8.13 13.50 29.49
C CYS A 1080 -8.33 14.69 28.56
N CYS A 1081 -7.39 15.64 28.59
CA CYS A 1081 -7.57 16.87 27.83
C CYS A 1081 -7.59 16.60 26.34
N TRP A 1082 -6.60 15.87 25.81
CA TRP A 1082 -6.57 15.77 24.37
C TRP A 1082 -7.65 14.81 23.88
N ARG A 1083 -8.02 13.82 24.69
CA ARG A 1083 -9.13 12.96 24.29
C ARG A 1083 -10.43 13.74 24.26
N SER A 1084 -10.64 14.65 25.21
CA SER A 1084 -11.82 15.51 25.15
C SER A 1084 -11.80 16.36 23.91
N MET A 1085 -10.63 16.91 23.55
CA MET A 1085 -10.52 17.67 22.31
C MET A 1085 -10.97 16.84 21.12
N LYS A 1086 -10.45 15.62 21.02
CA LYS A 1086 -10.76 14.77 19.87
C LYS A 1086 -12.24 14.43 19.84
N GLU A 1087 -12.83 14.09 20.99
CA GLU A 1087 -14.23 13.72 21.03
C GLU A 1087 -15.12 14.89 20.66
N VAL A 1088 -14.80 16.10 21.15
CA VAL A 1088 -15.61 17.26 20.82
C VAL A 1088 -15.53 17.55 19.33
N ALA A 1089 -14.33 17.45 18.76
CA ALA A 1089 -14.20 17.69 17.33
C ALA A 1089 -15.03 16.70 16.52
N LEU A 1090 -14.98 15.42 16.90
CA LEU A 1090 -15.75 14.43 16.16
C LEU A 1090 -17.25 14.64 16.34
N LEU A 1091 -17.68 15.05 17.53
CA LEU A 1091 -19.10 15.31 17.75
C LEU A 1091 -19.58 16.48 16.90
N LEU A 1092 -18.79 17.54 16.82
CA LEU A 1092 -19.19 18.67 15.98
C LEU A 1092 -19.22 18.27 14.51
N GLY A 1093 -18.24 17.49 14.06
CA GLY A 1093 -18.30 17.00 12.71
C GLY A 1093 -19.51 16.14 12.43
N MET A 1094 -19.95 15.37 13.43
CA MET A 1094 -21.18 14.59 13.29
C MET A 1094 -22.39 15.49 13.19
N LEU A 1095 -22.51 16.45 14.10
CA LEU A 1095 -23.68 17.33 14.12
C LEU A 1095 -23.76 18.16 12.86
N CYS A 1096 -22.64 18.41 12.20
CA CYS A 1096 -22.68 19.19 10.97
C CYS A 1096 -23.47 18.49 9.88
N GLN A 1097 -23.74 17.20 10.02
CA GLN A 1097 -24.48 16.45 9.00
C GLN A 1097 -25.98 16.46 9.24
N LEU A 1098 -26.51 17.49 9.90
CA LEU A 1098 -27.94 17.67 10.04
C LEU A 1098 -28.53 18.52 8.93
N LEU A 1099 -27.73 18.89 7.93
CA LEU A 1099 -28.17 19.67 6.78
C LEU A 1099 -28.90 20.93 7.21
N PRO A 1100 -28.19 21.94 7.75
CA PRO A 1100 -28.75 23.19 8.24
C PRO A 1100 -29.74 23.85 7.29
N GLY A 1110 -35.36 23.28 9.99
CA GLY A 1110 -34.14 22.54 10.22
C GLY A 1110 -33.75 22.50 11.69
N LEU A 1111 -32.81 21.60 12.01
CA LEU A 1111 -32.33 21.49 13.39
C LEU A 1111 -31.09 22.31 13.66
N LEU A 1112 -30.38 22.75 12.61
CA LEU A 1112 -29.15 23.51 12.75
C LEU A 1112 -29.32 24.84 12.04
N THR A 1113 -29.25 25.94 12.78
CA THR A 1113 -29.39 27.24 12.17
C THR A 1113 -28.07 27.70 11.58
N VAL A 1114 -28.15 28.70 10.71
CA VAL A 1114 -26.95 29.19 10.03
C VAL A 1114 -25.97 29.81 11.03
N GLU A 1115 -26.50 30.45 12.07
CA GLU A 1115 -25.63 31.00 13.10
C GLU A 1115 -24.84 29.90 13.77
N GLN A 1116 -25.46 28.76 14.01
CA GLN A 1116 -24.76 27.64 14.64
C GLN A 1116 -23.66 27.11 13.75
N VAL A 1117 -23.92 27.01 12.44
CA VAL A 1117 -22.88 26.53 11.52
C VAL A 1117 -21.71 27.52 11.49
N LYS A 1118 -22.02 28.81 11.50
CA LYS A 1118 -20.95 29.80 11.53
C LYS A 1118 -20.14 29.68 12.80
N GLU A 1119 -20.81 29.44 13.93
CA GLU A 1119 -20.08 29.30 15.18
C GLU A 1119 -19.22 28.05 15.18
N ILE A 1120 -19.70 26.96 14.58
CA ILE A 1120 -18.90 25.75 14.46
C ILE A 1120 -17.66 26.01 13.64
N GLY A 1121 -17.83 26.67 12.49
CA GLY A 1121 -16.68 26.99 11.66
C GLY A 1121 -15.70 27.89 12.38
N ASP A 1122 -16.20 28.84 13.15
CA ASP A 1122 -15.33 29.71 13.94
C ASP A 1122 -14.57 28.92 14.99
N TYR A 1123 -15.23 27.94 15.61
CA TYR A 1123 -14.55 27.09 16.58
C TYR A 1123 -13.41 26.32 15.92
N PHE A 1124 -13.68 25.75 14.75
CA PHE A 1124 -12.62 25.02 14.06
C PHE A 1124 -11.50 25.94 13.62
N LYS A 1125 -11.81 27.20 13.31
CA LYS A 1125 -10.76 28.13 12.92
C LYS A 1125 -9.93 28.61 14.10
N GLN A 1126 -10.54 28.75 15.27
CA GLN A 1126 -9.80 29.20 16.44
C GLN A 1126 -8.75 28.17 16.83
N HIS A 1127 -9.14 26.92 16.94
CA HIS A 1127 -8.17 25.84 16.91
C HIS A 1127 -7.63 25.71 15.50
N LEU A 1128 -6.67 24.83 15.31
CA LEU A 1128 -6.18 24.53 13.97
C LEU A 1128 -5.44 25.72 13.37
N LEU A 1129 -5.46 26.86 14.05
CA LEU A 1129 -4.61 28.00 13.71
C LEU A 1129 -3.97 28.66 14.91
N GLN A 1130 -4.34 28.28 16.14
CA GLN A 1130 -3.71 28.82 17.34
C GLN A 1130 -3.28 27.72 18.29
N SER A 1131 -3.32 26.46 17.85
CA SER A 1131 -3.00 25.35 18.74
C SER A 1131 -1.55 25.39 19.20
N ARG A 1132 -0.63 25.71 18.28
CA ARG A 1132 0.80 25.87 18.58
C ARG A 1132 1.40 24.52 18.97
N HIS A 1133 0.57 23.49 19.08
CA HIS A 1133 1.00 22.18 19.53
C HIS A 1133 0.44 21.15 18.55
N ARG A 1134 1.00 19.94 18.59
CA ARG A 1134 0.55 18.91 17.67
C ARG A 1134 -0.92 18.60 17.87
N GLY A 1135 -1.34 18.52 19.13
CA GLY A 1135 -2.76 18.42 19.41
C GLY A 1135 -3.48 19.58 18.76
N ALA A 1136 -4.71 19.33 18.31
CA ALA A 1136 -5.55 20.29 17.62
C ALA A 1136 -5.02 20.67 16.26
N PHE A 1137 -4.03 19.96 15.73
CA PHE A 1137 -3.75 20.08 14.30
C PHE A 1137 -4.47 19.00 13.53
N GLU A 1138 -4.12 17.75 13.79
CA GLU A 1138 -4.84 16.67 13.14
C GLU A 1138 -6.12 16.35 13.87
N LEU A 1139 -6.29 16.86 15.10
CA LEU A 1139 -7.52 16.62 15.83
C LEU A 1139 -8.70 17.32 15.17
N ALA A 1140 -8.53 18.61 14.90
CA ALA A 1140 -9.61 19.40 14.32
C ALA A 1140 -9.80 19.14 12.84
N TYR A 1141 -8.79 18.58 12.18
CA TYR A 1141 -8.83 18.49 10.73
C TYR A 1141 -9.96 17.59 10.25
N THR A 1142 -10.21 16.48 10.94
CA THR A 1142 -11.23 15.54 10.47
C THR A 1142 -12.62 16.16 10.58
N GLY A 1143 -12.92 16.74 11.74
CA GLY A 1143 -14.20 17.42 11.90
C GLY A 1143 -14.36 18.54 10.90
N PHE A 1144 -13.31 19.33 10.69
CA PHE A 1144 -13.43 20.45 9.76
C PHE A 1144 -13.66 19.96 8.34
N VAL A 1145 -13.03 18.86 7.96
CA VAL A 1145 -13.27 18.31 6.63
C VAL A 1145 -14.72 17.89 6.47
N LYS A 1146 -15.28 17.25 7.49
CA LYS A 1146 -16.68 16.85 7.41
C LYS A 1146 -17.58 18.07 7.24
N LEU A 1147 -17.36 19.09 8.06
CA LEU A 1147 -18.16 20.31 7.97
C LEU A 1147 -18.03 20.95 6.59
N THR A 1148 -16.81 20.97 6.05
CA THR A 1148 -16.57 21.66 4.80
C THR A 1148 -17.24 20.96 3.63
N GLU A 1149 -17.18 19.62 3.60
CA GLU A 1149 -17.90 18.89 2.55
C GLU A 1149 -19.39 19.14 2.63
N VAL A 1150 -19.95 19.10 3.85
CA VAL A 1150 -21.37 19.40 4.00
C VAL A 1150 -21.67 20.81 3.49
N LEU A 1151 -20.82 21.77 3.83
CA LEU A 1151 -21.04 23.15 3.41
C LEU A 1151 -21.05 23.27 1.89
N ASN A 1152 -20.20 22.49 1.22
CA ASN A 1152 -20.26 22.49 -0.24
C ASN A 1152 -21.59 21.97 -0.73
N ARG A 1153 -22.05 20.83 -0.22
CA ARG A 1153 -23.26 20.25 -0.77
C ARG A 1153 -24.53 21.00 -0.39
N CYS A 1154 -24.44 21.97 0.52
CA CYS A 1154 -25.63 22.65 1.00
C CYS A 1154 -26.29 23.45 -0.11
N PRO A 1155 -27.62 23.44 -0.19
CA PRO A 1155 -28.29 24.24 -1.22
C PRO A 1155 -28.49 25.69 -0.85
N ASN A 1156 -28.44 26.05 0.43
CA ASN A 1156 -28.56 27.45 0.81
C ASN A 1156 -27.36 28.22 0.29
N VAL A 1157 -27.63 29.36 -0.35
CA VAL A 1157 -26.55 30.12 -0.97
C VAL A 1157 -25.68 30.77 0.10
N SER A 1158 -26.29 31.28 1.16
CA SER A 1158 -25.52 31.96 2.20
C SER A 1158 -24.50 31.05 2.86
N LEU A 1159 -24.70 29.74 2.80
CA LEU A 1159 -23.79 28.81 3.43
C LEU A 1159 -22.70 28.34 2.48
N GLN A 1160 -23.04 28.11 1.21
CA GLN A 1160 -22.05 27.56 0.31
C GLN A 1160 -21.03 28.58 -0.16
N LYS A 1161 -21.16 29.83 0.25
CA LYS A 1161 -20.12 30.82 0.01
C LYS A 1161 -19.14 30.94 1.16
N LEU A 1162 -19.34 30.18 2.24
CA LEU A 1162 -18.45 30.26 3.38
C LEU A 1162 -17.04 29.79 3.07
N PRO A 1163 -16.81 28.64 2.43
CA PRO A 1163 -15.44 28.19 2.22
C PRO A 1163 -14.56 29.19 1.49
N GLU A 1164 -15.05 29.81 0.42
CA GLU A 1164 -14.23 30.76 -0.31
C GLU A 1164 -13.90 31.97 0.54
N GLN A 1165 -14.87 32.45 1.32
CA GLN A 1165 -14.64 33.60 2.18
C GLN A 1165 -13.60 33.28 3.24
N TRP A 1166 -13.68 32.07 3.83
CA TRP A 1166 -12.68 31.67 4.81
C TRP A 1166 -11.30 31.56 4.17
N LEU A 1167 -11.23 31.03 2.95
CA LEU A 1167 -9.96 30.92 2.25
C LEU A 1167 -9.34 32.29 2.04
N TRP A 1168 -10.13 33.24 1.58
CA TRP A 1168 -9.60 34.59 1.40
C TRP A 1168 -9.13 35.18 2.71
N SER A 1169 -9.92 35.00 3.78
CA SER A 1169 -9.54 35.56 5.06
C SER A 1169 -8.19 35.03 5.50
N VAL A 1170 -7.98 33.72 5.39
CA VAL A 1170 -6.73 33.16 5.86
C VAL A 1170 -5.57 33.55 4.94
N LEU A 1171 -5.83 33.73 3.65
CA LEU A 1171 -4.75 34.13 2.75
C LEU A 1171 -4.25 35.53 3.08
N GLU A 1172 -5.17 36.50 3.17
CA GLU A 1172 -4.75 37.84 3.57
C GLU A 1172 -4.28 37.89 5.01
N GLU A 1173 -4.60 36.91 5.84
CA GLU A 1173 -3.91 36.80 7.12
C GLU A 1173 -2.46 36.38 6.91
N ILE A 1174 -2.23 35.47 5.96
CA ILE A 1174 -0.89 34.96 5.73
C ILE A 1174 0.04 36.07 5.25
N LYS A 1175 -0.43 36.91 4.34
CA LYS A 1175 0.46 37.91 3.74
C LYS A 1175 1.14 38.76 4.81
N CYS A 1176 0.37 39.33 5.72
CA CYS A 1176 0.93 40.13 6.81
C CYS A 1176 1.01 39.28 8.08
N SER A 1177 1.96 38.34 8.08
CA SER A 1177 2.00 37.34 9.14
C SER A 1177 2.44 37.94 10.48
N ASP A 1178 3.40 38.87 10.46
CA ASP A 1178 3.85 39.53 11.69
C ASP A 1178 4.29 38.53 12.75
N PRO A 1179 5.54 38.02 12.68
CA PRO A 1179 5.95 36.82 13.43
C PRO A 1179 5.55 36.76 14.89
N SER A 1180 5.15 37.90 15.47
CA SER A 1180 4.67 37.91 16.85
C SER A 1180 3.35 37.17 17.01
N SER A 1181 2.68 36.80 15.92
CA SER A 1181 1.37 36.19 15.99
C SER A 1181 1.42 34.82 16.67
N LYS A 1182 0.24 34.28 16.93
CA LYS A 1182 0.08 32.99 17.59
C LYS A 1182 0.49 31.82 16.71
N LEU A 1183 0.65 32.05 15.40
CA LEU A 1183 1.05 30.99 14.49
C LEU A 1183 2.46 30.50 14.80
N CYS A 1184 2.63 29.18 14.77
CA CYS A 1184 3.91 28.55 15.07
C CYS A 1184 4.52 27.96 13.80
N ALA A 1185 5.84 28.00 13.72
CA ALA A 1185 6.55 27.47 12.56
C ALA A 1185 6.89 25.99 12.69
N THR A 1186 7.01 25.49 13.92
CA THR A 1186 7.39 24.10 14.11
C THR A 1186 6.23 23.17 13.75
N ARG A 1187 6.48 21.87 13.87
CA ARG A 1187 5.51 20.83 13.52
C ARG A 1187 5.05 20.97 12.07
N ARG A 1188 5.96 21.48 11.23
CA ARG A 1188 5.84 21.63 9.79
C ARG A 1188 4.93 22.78 9.37
N SER A 1189 4.07 23.25 10.27
CA SER A 1189 3.45 24.58 10.23
C SER A 1189 2.40 24.71 11.33
N ALA A 1190 1.83 25.91 11.47
CA ALA A 1190 0.80 26.13 12.47
C ALA A 1190 -0.56 25.63 11.98
N GLY A 1191 -0.63 24.37 11.56
CA GLY A 1191 -1.90 23.79 11.15
C GLY A 1191 -2.52 24.45 9.94
N ILE A 1192 -1.95 25.57 9.52
CA ILE A 1192 -2.46 26.28 8.35
C ILE A 1192 -2.56 25.37 7.13
N PRO A 1193 -1.59 24.50 6.84
CA PRO A 1193 -1.81 23.56 5.74
C PRO A 1193 -3.04 22.71 5.89
N PHE A 1194 -3.38 22.31 7.12
CA PHE A 1194 -4.59 21.53 7.32
C PHE A 1194 -5.84 22.36 7.02
N TYR A 1195 -5.85 23.62 7.45
CA TYR A 1195 -6.96 24.51 7.16
C TYR A 1195 -7.14 24.67 5.65
N ILE A 1196 -6.05 24.95 4.94
CA ILE A 1196 -6.13 25.16 3.51
C ILE A 1196 -6.57 23.88 2.81
N GLN A 1197 -6.04 22.74 3.25
CA GLN A 1197 -6.43 21.48 2.64
C GLN A 1197 -7.91 21.22 2.82
N ALA A 1198 -8.43 21.46 4.02
CA ALA A 1198 -9.84 21.23 4.27
C ALA A 1198 -10.69 22.14 3.40
N LEU A 1199 -10.33 23.42 3.32
CA LEU A 1199 -11.12 24.33 2.49
C LEU A 1199 -11.08 23.91 1.02
N LEU A 1200 -9.91 23.52 0.54
CA LEU A 1200 -9.80 23.07 -0.84
C LEU A 1200 -10.52 21.75 -1.09
N ALA A 1201 -10.77 20.98 -0.03
CA ALA A 1201 -11.50 19.73 -0.19
C ALA A 1201 -12.96 19.95 -0.54
N SER A 1202 -13.52 21.10 -0.19
CA SER A 1202 -14.92 21.36 -0.51
C SER A 1202 -15.18 21.33 -2.01
N GLU A 1203 -14.18 21.69 -2.80
CA GLU A 1203 -14.38 21.79 -4.23
C GLU A 1203 -14.91 20.48 -4.78
N PRO A 1204 -15.93 20.50 -5.63
CA PRO A 1204 -16.47 19.25 -6.16
C PRO A 1204 -15.39 18.48 -6.90
N LYS A 1205 -15.39 17.16 -6.71
CA LYS A 1205 -14.40 16.31 -7.34
C LYS A 1205 -14.45 16.50 -8.85
N LYS A 1206 -13.32 16.92 -9.42
CA LYS A 1206 -13.15 17.17 -10.85
C LYS A 1206 -14.20 18.14 -11.40
N GLY A 1207 -14.91 18.84 -10.52
CA GLY A 1207 -15.97 19.70 -10.98
C GLY A 1207 -15.51 21.02 -11.55
N ARG A 1208 -14.99 21.90 -10.70
CA ARG A 1208 -14.56 23.20 -11.24
C ARG A 1208 -13.16 23.61 -10.81
N MET A 1209 -12.81 23.36 -9.55
CA MET A 1209 -11.48 23.69 -9.00
C MET A 1209 -11.06 25.12 -9.33
N ASP A 1210 -11.84 26.07 -8.82
CA ASP A 1210 -11.48 27.48 -8.96
C ASP A 1210 -10.79 28.05 -7.73
N LEU A 1211 -11.07 27.49 -6.56
CA LEU A 1211 -10.33 27.89 -5.37
C LEU A 1211 -8.86 27.53 -5.51
N LEU A 1212 -8.57 26.38 -6.11
CA LEU A 1212 -7.20 25.94 -6.26
C LEU A 1212 -6.39 26.92 -7.08
N LYS A 1213 -6.95 27.42 -8.18
CA LYS A 1213 -6.20 28.34 -9.03
C LYS A 1213 -5.83 29.61 -8.27
N ILE A 1214 -6.78 30.16 -7.51
CA ILE A 1214 -6.51 31.36 -6.73
C ILE A 1214 -5.44 31.09 -5.68
N THR A 1215 -5.60 29.99 -4.95
CA THR A 1215 -4.68 29.69 -3.86
C THR A 1215 -3.27 29.48 -4.39
N MET A 1216 -3.12 28.74 -5.47
CA MET A 1216 -1.79 28.49 -5.99
C MET A 1216 -1.19 29.77 -6.58
N LYS A 1217 -1.99 30.59 -7.25
CA LYS A 1217 -1.44 31.85 -7.73
C LYS A 1217 -0.89 32.66 -6.58
N GLU A 1218 -1.66 32.78 -5.50
CA GLU A 1218 -1.23 33.62 -4.40
C GLU A 1218 -0.03 33.02 -3.68
N LEU A 1219 -0.01 31.71 -3.48
CA LEU A 1219 1.08 31.08 -2.75
C LEU A 1219 2.36 31.07 -3.56
N ILE A 1220 2.27 30.82 -4.86
CA ILE A 1220 3.47 30.87 -5.69
C ILE A 1220 4.01 32.28 -5.76
N SER A 1221 3.13 33.28 -5.84
CA SER A 1221 3.60 34.65 -5.80
C SER A 1221 4.27 34.97 -4.48
N LEU A 1222 3.71 34.51 -3.36
CA LEU A 1222 4.31 34.77 -2.06
C LEU A 1222 5.66 34.11 -1.93
N ALA A 1223 5.79 32.87 -2.40
CA ALA A 1223 7.03 32.13 -2.22
C ALA A 1223 8.14 32.61 -3.13
N GLY A 1224 7.84 33.50 -4.08
CA GLY A 1224 8.86 34.04 -4.95
C GLY A 1224 9.80 34.94 -4.19
N PRO A 1225 10.96 35.24 -4.79
CA PRO A 1225 11.96 36.06 -4.10
C PRO A 1225 11.40 37.42 -3.72
N THR A 1226 11.79 37.89 -2.54
CA THR A 1226 11.28 39.14 -1.98
C THR A 1226 12.44 40.04 -1.61
N ASP A 1227 12.38 41.29 -2.06
CA ASP A 1227 13.39 42.27 -1.67
C ASP A 1227 13.29 42.59 -0.17
N ASP A 1228 12.07 42.68 0.34
CA ASP A 1228 11.87 43.02 1.74
C ASP A 1228 12.43 41.93 2.65
N ILE A 1229 13.19 42.34 3.66
CA ILE A 1229 13.68 41.39 4.66
C ILE A 1229 12.54 40.88 5.52
N GLN A 1230 11.62 41.77 5.89
CA GLN A 1230 10.49 41.38 6.72
C GLN A 1230 9.57 40.41 6.00
N SER A 1231 9.67 40.31 4.68
CA SER A 1231 8.80 39.47 3.88
C SER A 1231 9.21 38.00 3.90
N THR A 1232 10.05 37.61 4.87
CA THR A 1232 10.46 36.21 4.95
C THR A 1232 9.30 35.32 5.41
N VAL A 1233 8.60 35.74 6.46
CA VAL A 1233 7.56 34.88 7.04
C VAL A 1233 6.44 34.57 6.05
N PRO A 1234 5.91 35.52 5.29
CA PRO A 1234 4.98 35.15 4.22
C PRO A 1234 5.60 34.21 3.20
N GLN A 1235 6.90 34.31 2.97
CA GLN A 1235 7.56 33.36 2.07
C GLN A 1235 7.75 32.00 2.74
N VAL A 1236 7.84 31.96 4.07
CA VAL A 1236 8.00 30.68 4.74
C VAL A 1236 6.70 29.89 4.69
N HIS A 1237 5.61 30.47 5.23
CA HIS A 1237 4.35 29.74 5.30
C HIS A 1237 3.94 29.20 3.94
N ALA A 1238 4.15 29.99 2.88
CA ALA A 1238 3.80 29.53 1.55
C ALA A 1238 4.45 28.19 1.26
N LEU A 1239 5.77 28.11 1.45
CA LEU A 1239 6.46 26.85 1.17
C LEU A 1239 5.99 25.75 2.11
N ASN A 1240 5.52 26.10 3.30
CA ASN A 1240 4.96 25.11 4.19
C ASN A 1240 3.60 24.65 3.69
N ILE A 1241 2.78 25.57 3.19
CA ILE A 1241 1.47 25.19 2.68
C ILE A 1241 1.63 24.41 1.38
N LEU A 1242 2.43 24.96 0.47
CA LEU A 1242 2.61 24.33 -0.84
C LEU A 1242 2.98 22.87 -0.71
N ARG A 1243 3.87 22.56 0.23
CA ARG A 1243 4.29 21.18 0.43
C ARG A 1243 3.08 20.27 0.62
N ALA A 1244 2.19 20.63 1.55
CA ALA A 1244 1.01 19.82 1.78
C ALA A 1244 0.19 19.70 0.51
N LEU A 1245 -0.02 20.81 -0.18
CA LEU A 1245 -0.82 20.79 -1.38
C LEU A 1245 -0.22 19.91 -2.46
N PHE A 1246 1.08 19.68 -2.43
CA PHE A 1246 1.66 18.86 -3.47
C PHE A 1246 1.66 17.39 -3.13
N ARG A 1247 1.24 17.01 -1.93
CA ARG A 1247 1.13 15.60 -1.61
C ARG A 1247 -0.29 15.13 -1.33
N ASP A 1248 -1.25 16.03 -1.22
CA ASP A 1248 -2.63 15.64 -1.01
C ASP A 1248 -3.11 14.79 -2.18
N THR A 1249 -3.86 13.74 -1.86
CA THR A 1249 -4.36 12.85 -2.90
C THR A 1249 -5.53 13.44 -3.65
N ARG A 1250 -6.33 14.28 -3.00
CA ARG A 1250 -7.50 14.86 -3.65
C ARG A 1250 -7.07 15.82 -4.75
N LEU A 1251 -6.10 16.69 -4.46
CA LEU A 1251 -5.64 17.64 -5.46
C LEU A 1251 -4.97 16.92 -6.62
N GLY A 1252 -4.17 15.91 -6.33
CA GLY A 1252 -3.81 14.89 -7.31
C GLY A 1252 -3.37 15.40 -8.66
N GLU A 1253 -4.18 15.17 -9.68
CA GLU A 1253 -3.84 15.57 -11.03
C GLU A 1253 -4.24 16.99 -11.36
N ASN A 1254 -4.95 17.68 -10.48
CA ASN A 1254 -5.22 19.08 -10.71
C ASN A 1254 -4.03 19.97 -10.35
N ILE A 1255 -3.06 19.43 -9.63
CA ILE A 1255 -1.92 20.21 -9.18
C ILE A 1255 -0.77 20.19 -10.16
N ILE A 1256 -0.84 19.37 -11.20
CA ILE A 1256 0.28 19.25 -12.13
C ILE A 1256 0.65 20.58 -12.79
N PRO A 1257 -0.29 21.38 -13.31
CA PRO A 1257 0.12 22.62 -13.98
C PRO A 1257 0.88 23.59 -13.11
N TYR A 1258 1.02 23.34 -11.81
CA TYR A 1258 1.78 24.22 -10.94
C TYR A 1258 3.12 23.63 -10.53
N VAL A 1259 3.33 22.33 -10.75
CA VAL A 1259 4.55 21.67 -10.30
C VAL A 1259 5.78 22.47 -10.68
N ALA A 1260 5.91 22.77 -11.97
CA ALA A 1260 7.08 23.48 -12.44
C ALA A 1260 7.30 24.75 -11.64
N ASP A 1261 6.27 25.57 -11.51
CA ASP A 1261 6.41 26.80 -10.74
C ASP A 1261 6.87 26.50 -9.32
N GLY A 1262 6.17 25.57 -8.66
CA GLY A 1262 6.59 25.20 -7.33
C GLY A 1262 8.03 24.74 -7.31
N ALA A 1263 8.42 23.92 -8.28
CA ALA A 1263 9.80 23.46 -8.35
C ALA A 1263 10.74 24.64 -8.38
N LYS A 1264 10.50 25.60 -9.28
CA LYS A 1264 11.36 26.76 -9.34
C LYS A 1264 11.49 27.39 -7.97
N ALA A 1265 10.35 27.62 -7.31
CA ALA A 1265 10.39 28.24 -5.99
C ALA A 1265 11.32 27.48 -5.07
N ALA A 1266 11.11 26.17 -4.97
CA ALA A 1266 11.95 25.37 -4.08
C ALA A 1266 13.42 25.58 -4.39
N ILE A 1267 13.78 25.46 -5.66
CA ILE A 1267 15.18 25.60 -6.02
C ILE A 1267 15.65 27.02 -5.73
N LEU A 1268 14.86 28.02 -6.10
CA LEU A 1268 15.28 29.38 -5.82
C LEU A 1268 15.27 29.66 -4.34
N GLY A 1269 14.53 28.88 -3.57
CA GLY A 1269 14.53 29.04 -2.13
C GLY A 1269 15.63 28.28 -1.45
N PHE A 1270 16.40 27.52 -2.20
CA PHE A 1270 17.51 26.77 -1.61
C PHE A 1270 18.76 27.63 -1.47
N THR A 1271 18.81 28.75 -2.20
CA THR A 1271 19.95 29.65 -2.16
C THR A 1271 19.73 30.87 -1.28
N SER A 1272 18.61 30.93 -0.57
CA SER A 1272 18.32 32.10 0.23
C SER A 1272 19.21 32.12 1.47
N PRO A 1273 19.67 33.30 1.89
CA PRO A 1273 20.51 33.37 3.09
C PRO A 1273 19.82 32.87 4.35
N VAL A 1274 18.50 33.03 4.46
CA VAL A 1274 17.79 32.64 5.66
C VAL A 1274 17.70 31.12 5.74
N TRP A 1275 17.84 30.59 6.96
CA TRP A 1275 17.83 29.15 7.12
C TRP A 1275 16.44 28.56 6.90
N ALA A 1276 15.42 29.24 7.42
CA ALA A 1276 14.07 28.70 7.36
C ALA A 1276 13.60 28.52 5.93
N VAL A 1277 13.89 29.49 5.08
CA VAL A 1277 13.48 29.40 3.68
C VAL A 1277 14.11 28.18 3.03
N ARG A 1278 15.39 27.94 3.32
CA ARG A 1278 16.06 26.78 2.73
C ARG A 1278 15.49 25.47 3.26
N ASN A 1279 15.19 25.40 4.55
CA ASN A 1279 14.62 24.17 5.09
C ASN A 1279 13.24 23.87 4.49
N SER A 1280 12.40 24.90 4.40
CA SER A 1280 11.10 24.72 3.77
C SER A 1280 11.25 24.32 2.32
N SER A 1281 12.23 24.91 1.63
CA SER A 1281 12.47 24.54 0.24
C SER A 1281 12.83 23.07 0.13
N THR A 1282 13.64 22.58 1.06
CA THR A 1282 14.03 21.17 1.03
C THR A 1282 12.81 20.27 1.18
N LEU A 1283 11.95 20.56 2.15
CA LEU A 1283 10.78 19.72 2.37
C LEU A 1283 9.83 19.76 1.19
N LEU A 1284 9.57 20.96 0.66
CA LEU A 1284 8.70 21.08 -0.51
C LEU A 1284 9.27 20.33 -1.69
N PHE A 1285 10.59 20.40 -1.87
CA PHE A 1285 11.22 19.71 -2.97
C PHE A 1285 11.07 18.21 -2.84
N SER A 1286 11.16 17.70 -1.62
CA SER A 1286 10.93 16.27 -1.41
C SER A 1286 9.51 15.89 -1.85
N ALA A 1287 8.53 16.69 -1.44
CA ALA A 1287 7.15 16.41 -1.85
C ALA A 1287 7.00 16.46 -3.36
N LEU A 1288 7.65 17.42 -4.00
CA LEU A 1288 7.57 17.54 -5.45
C LEU A 1288 8.20 16.34 -6.14
N ILE A 1289 9.33 15.85 -5.62
CA ILE A 1289 9.96 14.69 -6.21
C ILE A 1289 9.02 13.49 -6.14
N THR A 1290 8.39 13.29 -4.98
CA THR A 1290 7.45 12.18 -4.85
C THR A 1290 6.28 12.34 -5.80
N ARG A 1291 5.75 13.56 -5.93
CA ARG A 1291 4.63 13.78 -6.83
C ARG A 1291 5.01 13.53 -8.28
N ILE A 1292 6.20 13.97 -8.70
CA ILE A 1292 6.57 13.87 -10.10
C ILE A 1292 6.90 12.43 -10.47
N PHE A 1293 7.80 11.81 -9.73
CA PHE A 1293 8.34 10.53 -10.15
C PHE A 1293 7.58 9.33 -9.58
N GLY A 1294 6.74 9.55 -8.59
CA GLY A 1294 5.91 8.49 -8.06
C GLY A 1294 6.50 7.87 -6.80
N VAL A 1295 5.70 7.01 -6.20
CA VAL A 1295 6.10 6.33 -4.98
C VAL A 1295 7.10 5.22 -5.33
N LYS A 1296 7.99 4.93 -4.39
CA LYS A 1296 9.02 3.93 -4.61
C LYS A 1296 8.39 2.56 -4.87
N ARG A 1297 8.96 1.82 -5.80
CA ARG A 1297 8.36 0.54 -6.21
C ARG A 1297 8.92 -0.65 -5.45
N ALA A 1298 10.15 -0.58 -4.97
CA ALA A 1298 10.74 -1.64 -4.18
C ALA A 1298 11.56 -1.03 -3.05
N LYS A 1299 11.88 -1.87 -2.07
CA LYS A 1299 12.46 -1.36 -0.83
C LYS A 1299 13.82 -0.73 -1.04
N ASP A 1300 14.73 -1.43 -1.73
CA ASP A 1300 16.15 -1.06 -1.68
C ASP A 1300 16.71 -0.58 -3.01
N GLU A 1301 16.64 -1.40 -4.07
CA GLU A 1301 17.56 -1.22 -5.20
C GLU A 1301 17.33 0.11 -5.91
N HIS A 1302 16.08 0.49 -6.15
CA HIS A 1302 15.73 1.61 -7.01
C HIS A 1302 16.65 1.67 -8.22
N SER A 1303 16.64 0.58 -8.99
CA SER A 1303 17.48 0.50 -10.17
C SER A 1303 17.07 1.59 -11.16
N LYS A 1304 15.86 1.44 -11.72
CA LYS A 1304 15.29 2.46 -12.59
C LYS A 1304 13.79 2.62 -12.36
N THR A 1305 13.29 2.18 -11.21
CA THR A 1305 11.84 2.15 -11.01
C THR A 1305 11.24 3.54 -10.84
N ASN A 1306 12.02 4.51 -10.41
CA ASN A 1306 11.54 5.87 -10.17
C ASN A 1306 12.30 6.88 -10.98
N ARG A 1307 12.53 6.58 -12.24
CA ARG A 1307 13.15 7.52 -13.17
C ARG A 1307 12.25 7.62 -14.39
N MET A 1308 12.29 8.76 -15.04
CA MET A 1308 11.58 8.91 -16.30
C MET A 1308 12.50 9.54 -17.32
N THR A 1309 12.26 9.22 -18.57
CA THR A 1309 13.11 9.69 -19.64
C THR A 1309 13.13 11.21 -19.69
N GLY A 1310 14.12 11.75 -20.37
CA GLY A 1310 14.16 13.19 -20.55
C GLY A 1310 13.00 13.69 -21.37
N ARG A 1311 12.58 12.90 -22.37
CA ARG A 1311 11.48 13.32 -23.22
C ARG A 1311 10.19 13.48 -22.42
N GLU A 1312 9.88 12.53 -21.53
CA GLU A 1312 8.68 12.65 -20.74
C GLU A 1312 8.76 13.81 -19.77
N PHE A 1313 9.89 13.93 -19.08
CA PHE A 1313 10.02 14.98 -18.07
C PHE A 1313 9.93 16.36 -18.69
N PHE A 1314 10.56 16.55 -19.84
CA PHE A 1314 10.58 17.86 -20.46
C PHE A 1314 9.43 18.08 -21.42
N SER A 1315 8.60 17.07 -21.64
CA SER A 1315 7.31 17.32 -22.27
C SER A 1315 6.25 17.67 -21.23
N ARG A 1316 6.33 17.07 -20.05
CA ARG A 1316 5.37 17.37 -19.01
C ARG A 1316 5.64 18.74 -18.38
N PHE A 1317 6.89 19.12 -18.26
CA PHE A 1317 7.29 20.38 -17.63
C PHE A 1317 8.28 21.09 -18.54
N PRO A 1318 7.84 21.56 -19.70
CA PRO A 1318 8.79 22.11 -20.68
C PRO A 1318 9.46 23.40 -20.22
N GLU A 1319 8.93 24.07 -19.21
CA GLU A 1319 9.54 25.31 -18.76
C GLU A 1319 10.66 25.07 -17.77
N LEU A 1320 10.94 23.82 -17.42
CA LEU A 1320 12.07 23.51 -16.56
C LEU A 1320 13.35 23.26 -17.33
N TYR A 1321 13.27 22.96 -18.62
CA TYR A 1321 14.50 22.71 -19.38
C TYR A 1321 15.41 23.92 -19.44
N PRO A 1322 14.96 25.12 -19.81
CA PRO A 1322 15.87 26.26 -19.72
C PRO A 1322 16.31 26.54 -18.30
N PHE A 1323 15.35 26.70 -17.39
CA PHE A 1323 15.64 27.00 -16.00
C PHE A 1323 16.77 26.13 -15.46
N LEU A 1324 16.53 24.82 -15.40
CA LEU A 1324 17.53 23.91 -14.87
C LEU A 1324 18.86 24.14 -15.56
N LEU A 1325 18.85 24.13 -16.90
CA LEU A 1325 20.10 24.31 -17.62
C LEU A 1325 20.79 25.58 -17.17
N LYS A 1326 20.07 26.69 -17.21
CA LYS A 1326 20.65 27.94 -16.79
C LYS A 1326 21.21 27.81 -15.39
N GLN A 1327 20.39 27.33 -14.45
CA GLN A 1327 20.84 27.24 -13.08
C GLN A 1327 22.07 26.39 -12.98
N LEU A 1328 22.09 25.25 -13.67
CA LEU A 1328 23.25 24.38 -13.59
C LEU A 1328 24.49 25.14 -14.00
N GLU A 1329 24.43 25.82 -15.15
CA GLU A 1329 25.58 26.55 -15.62
C GLU A 1329 26.09 27.49 -14.54
N THR A 1330 25.17 28.20 -13.89
CA THR A 1330 25.57 29.15 -12.87
C THR A 1330 26.43 28.49 -11.81
N VAL A 1331 25.95 27.39 -11.22
CA VAL A 1331 26.71 26.82 -10.12
C VAL A 1331 28.03 26.28 -10.63
N ALA A 1332 28.07 25.79 -11.87
CA ALA A 1332 29.33 25.34 -12.41
C ALA A 1332 30.34 26.46 -12.44
N ASN A 1333 29.91 27.65 -12.88
CA ASN A 1333 30.84 28.77 -12.92
C ASN A 1333 31.23 29.24 -11.54
N THR A 1334 30.51 28.83 -10.51
CA THR A 1334 30.89 29.16 -9.14
C THR A 1334 31.98 28.25 -8.62
N VAL A 1335 32.12 27.06 -9.20
CA VAL A 1335 33.06 26.08 -8.65
C VAL A 1335 34.49 26.60 -8.73
N ASP A 1336 34.90 27.08 -9.91
CA ASP A 1336 36.29 27.47 -10.10
C ASP A 1336 36.61 28.78 -9.38
N SER A 1337 35.74 29.77 -9.52
CA SER A 1337 36.01 31.11 -9.01
C SER A 1337 35.61 31.30 -7.56
N ASP A 1338 35.03 30.28 -6.94
CA ASP A 1338 34.54 30.28 -5.55
C ASP A 1338 34.41 31.65 -4.86
N HIS A 1345 26.47 27.68 0.84
CA HIS A 1345 25.27 26.88 0.66
C HIS A 1345 24.76 26.97 -0.78
N PRO A 1346 25.44 26.29 -1.70
CA PRO A 1346 25.00 26.30 -3.09
C PRO A 1346 23.94 25.25 -3.33
N SER A 1347 23.08 25.54 -4.31
CA SER A 1347 21.97 24.66 -4.66
C SER A 1347 22.39 23.57 -5.62
N MET A 1348 23.68 23.25 -5.70
CA MET A 1348 24.12 22.17 -6.57
C MET A 1348 23.45 20.86 -6.21
N PHE A 1349 23.18 20.67 -4.92
CA PHE A 1349 22.67 19.39 -4.44
C PHE A 1349 21.32 19.05 -5.06
N LEU A 1350 20.36 19.97 -4.98
CA LEU A 1350 19.02 19.67 -5.47
C LEU A 1350 19.02 19.52 -6.98
N LEU A 1351 19.77 20.35 -7.69
CA LEU A 1351 19.84 20.25 -9.13
C LEU A 1351 20.37 18.89 -9.56
N LEU A 1352 21.46 18.44 -8.93
CA LEU A 1352 21.99 17.15 -9.29
C LEU A 1352 21.04 16.03 -8.88
N LEU A 1353 20.33 16.20 -7.77
CA LEU A 1353 19.42 15.16 -7.33
C LEU A 1353 18.26 15.00 -8.31
N VAL A 1354 17.75 16.10 -8.86
CA VAL A 1354 16.78 15.99 -9.92
C VAL A 1354 17.39 15.33 -11.14
N LEU A 1355 18.56 15.81 -11.56
CA LEU A 1355 19.13 15.36 -12.83
C LEU A 1355 19.49 13.89 -12.81
N GLU A 1356 19.76 13.31 -11.64
CA GLU A 1356 20.13 11.90 -11.60
C GLU A 1356 18.98 10.98 -11.93
N ARG A 1357 17.74 11.47 -11.89
CA ARG A 1357 16.57 10.64 -12.11
C ARG A 1357 16.03 10.73 -13.52
N LEU A 1358 16.79 11.31 -14.44
CA LEU A 1358 16.41 11.37 -15.84
C LEU A 1358 17.42 10.57 -16.64
N TYR A 1359 16.93 9.71 -17.52
CA TYR A 1359 17.80 8.93 -18.38
C TYR A 1359 17.33 9.08 -19.81
N ALA A 1360 18.15 8.59 -20.74
CA ALA A 1360 17.82 8.68 -22.14
C ALA A 1360 16.95 7.50 -22.56
N SER A 1361 15.94 7.78 -23.35
CA SER A 1361 15.00 6.74 -23.75
C SER A 1361 15.69 5.76 -24.69
N PRO A 1362 15.72 4.47 -24.37
CA PRO A 1362 16.37 3.52 -25.28
C PRO A 1362 15.69 3.44 -26.64
N MET A 1363 14.37 3.52 -26.67
CA MET A 1363 13.65 3.45 -27.94
C MET A 1363 13.36 4.84 -28.50
N ASP A 1364 14.39 5.66 -28.50
CA ASP A 1364 14.29 7.02 -29.03
C ASP A 1364 14.35 6.92 -30.54
N GLY A 1365 13.18 6.74 -31.15
CA GLY A 1365 13.12 6.63 -32.60
C GLY A 1365 13.70 7.84 -33.30
N THR A 1366 13.39 9.02 -32.81
CA THR A 1366 14.02 10.25 -33.25
C THR A 1366 15.07 10.69 -32.22
N SER A 1367 16.00 11.51 -32.66
CA SER A 1367 17.01 12.03 -31.75
C SER A 1367 16.34 12.88 -30.67
N SER A 1368 16.97 12.92 -29.50
CA SER A 1368 16.42 13.65 -28.37
C SER A 1368 16.13 15.09 -28.75
N ALA A 1369 14.85 15.46 -28.77
CA ALA A 1369 14.46 16.77 -29.26
C ALA A 1369 15.00 17.88 -28.37
N LEU A 1370 14.92 17.71 -27.04
CA LEU A 1370 15.50 18.67 -26.13
C LEU A 1370 16.91 18.31 -25.70
N SER A 1371 17.42 17.14 -26.09
CA SER A 1371 18.86 16.92 -26.19
C SER A 1371 19.56 17.19 -24.86
N MET A 1372 19.39 16.25 -23.93
CA MET A 1372 20.03 16.37 -22.62
C MET A 1372 21.55 16.54 -22.67
N GLY A 1373 22.14 16.41 -23.86
CA GLY A 1373 23.58 16.49 -24.03
C GLY A 1373 24.24 17.72 -23.43
N PRO A 1374 23.70 18.91 -23.68
CA PRO A 1374 24.24 20.12 -23.07
C PRO A 1374 24.47 20.06 -21.57
N PHE A 1375 23.79 19.16 -20.87
CA PHE A 1375 23.99 19.10 -19.42
C PHE A 1375 25.33 18.51 -19.06
N VAL A 1376 25.89 17.66 -19.92
CA VAL A 1376 27.07 16.88 -19.55
C VAL A 1376 28.26 17.76 -19.19
N PRO A 1377 28.66 18.76 -19.99
CA PRO A 1377 29.83 19.55 -19.61
C PRO A 1377 29.72 20.20 -18.25
N PHE A 1378 28.52 20.63 -17.85
CA PHE A 1378 28.36 21.26 -16.55
C PHE A 1378 28.40 20.25 -15.42
N ILE A 1379 27.74 19.11 -15.60
CA ILE A 1379 27.74 18.08 -14.56
C ILE A 1379 29.16 17.72 -14.19
N MET A 1380 30.00 17.47 -15.20
CA MET A 1380 31.39 17.17 -14.96
C MET A 1380 32.05 18.25 -14.12
N ARG A 1381 31.83 19.51 -14.46
CA ARG A 1381 32.48 20.57 -13.71
C ARG A 1381 31.99 20.62 -12.28
N CYS A 1382 30.74 20.23 -12.05
CA CYS A 1382 30.24 20.21 -10.67
C CYS A 1382 31.01 19.23 -9.82
N GLY A 1383 31.72 18.29 -10.44
CA GLY A 1383 32.55 17.37 -9.71
C GLY A 1383 33.76 17.99 -9.08
N HIS A 1384 34.06 19.25 -9.39
CA HIS A 1384 35.19 19.93 -8.81
C HIS A 1384 34.81 20.75 -7.59
N SER A 1385 33.63 20.52 -7.04
CA SER A 1385 33.20 21.25 -5.87
C SER A 1385 34.06 20.90 -4.67
N PRO A 1386 34.29 21.85 -3.77
CA PRO A 1386 34.97 21.55 -2.51
C PRO A 1386 34.10 20.85 -1.47
N VAL A 1387 32.94 20.33 -1.84
CA VAL A 1387 32.05 19.64 -0.92
C VAL A 1387 31.95 18.19 -1.36
N TYR A 1388 32.17 17.28 -0.43
CA TYR A 1388 32.21 15.86 -0.76
C TYR A 1388 30.89 15.40 -1.34
N HIS A 1389 29.78 15.78 -0.72
CA HIS A 1389 28.47 15.33 -1.17
C HIS A 1389 28.20 15.75 -2.59
N SER A 1390 28.58 16.98 -2.94
CA SER A 1390 28.34 17.46 -4.29
C SER A 1390 29.15 16.66 -5.30
N ARG A 1391 30.39 16.31 -4.96
CA ARG A 1391 31.19 15.51 -5.86
C ARG A 1391 30.58 14.12 -6.06
N GLU A 1392 30.12 13.51 -4.98
CA GLU A 1392 29.47 12.21 -5.11
C GLU A 1392 28.20 12.30 -5.94
N MET A 1393 27.38 13.32 -5.71
CA MET A 1393 26.14 13.46 -6.45
C MET A 1393 26.42 13.71 -7.92
N ALA A 1394 27.44 14.50 -8.23
CA ALA A 1394 27.78 14.75 -9.62
C ALA A 1394 28.23 13.48 -10.30
N ALA A 1395 29.05 12.68 -9.60
CA ALA A 1395 29.47 11.41 -10.17
C ALA A 1395 28.27 10.51 -10.44
N ARG A 1396 27.32 10.46 -9.52
CA ARG A 1396 26.15 9.62 -9.71
C ARG A 1396 25.28 10.13 -10.85
N ALA A 1397 25.11 11.44 -10.96
CA ALA A 1397 24.23 12.02 -11.96
C ALA A 1397 24.82 11.98 -13.35
N LEU A 1398 26.14 11.92 -13.48
CA LEU A 1398 26.75 11.88 -14.80
C LEU A 1398 26.46 10.58 -15.53
N VAL A 1399 26.18 9.50 -14.81
CA VAL A 1399 26.03 8.19 -15.46
C VAL A 1399 24.87 8.17 -16.45
N PRO A 1400 23.66 8.59 -16.11
CA PRO A 1400 22.56 8.51 -17.09
C PRO A 1400 22.79 9.32 -18.34
N PHE A 1401 23.65 10.32 -18.31
CA PHE A 1401 23.80 11.25 -19.43
C PHE A 1401 24.87 10.81 -20.41
N VAL A 1402 25.39 9.60 -20.29
CA VAL A 1402 26.43 9.10 -21.18
C VAL A 1402 25.95 7.78 -21.78
N MET A 1403 26.03 7.69 -23.11
CA MET A 1403 25.69 6.44 -23.78
C MET A 1403 26.69 5.35 -23.45
N ILE A 1404 26.21 4.11 -23.42
CA ILE A 1404 27.05 3.00 -23.01
C ILE A 1404 28.22 2.83 -23.97
N ASP A 1405 27.98 2.94 -25.26
CA ASP A 1405 29.07 2.79 -26.22
C ASP A 1405 30.07 3.94 -26.13
N HIS A 1406 29.68 5.06 -25.54
CA HIS A 1406 30.58 6.20 -25.37
C HIS A 1406 31.31 6.18 -24.04
N ILE A 1407 30.96 5.27 -23.13
CA ILE A 1407 31.64 5.22 -21.84
C ILE A 1407 33.13 4.99 -21.98
N PRO A 1408 33.63 4.10 -22.85
CA PRO A 1408 35.09 3.98 -22.98
C PRO A 1408 35.78 5.27 -23.38
N ASN A 1409 35.29 5.96 -24.41
CA ASN A 1409 35.93 7.20 -24.82
C ASN A 1409 35.82 8.27 -23.74
N THR A 1410 34.66 8.34 -23.09
CA THR A 1410 34.49 9.30 -22.00
C THR A 1410 35.47 9.02 -20.88
N ILE A 1411 35.66 7.75 -20.54
CA ILE A 1411 36.60 7.38 -19.49
C ILE A 1411 38.01 7.74 -19.89
N ARG A 1412 38.38 7.49 -21.15
CA ARG A 1412 39.73 7.81 -21.59
C ARG A 1412 39.99 9.31 -21.52
N THR A 1413 39.05 10.12 -22.01
CA THR A 1413 39.28 11.56 -21.99
C THR A 1413 39.18 12.12 -20.58
N LEU A 1414 38.42 11.48 -19.71
CA LEU A 1414 38.36 11.90 -18.31
C LEU A 1414 39.67 11.58 -17.60
N LEU A 1415 40.23 10.41 -17.86
CA LEU A 1415 41.49 10.03 -17.25
C LEU A 1415 42.62 10.92 -17.75
N SER A 1416 42.58 11.28 -19.03
CA SER A 1416 43.65 12.10 -19.59
C SER A 1416 43.78 13.46 -18.90
N THR A 1417 42.75 13.90 -18.18
CA THR A 1417 42.83 15.18 -17.48
C THR A 1417 43.56 15.08 -16.16
N LEU A 1418 43.82 13.88 -15.65
CA LEU A 1418 44.50 13.74 -14.38
C LEU A 1418 45.96 14.15 -14.52
N PRO A 1419 46.53 14.75 -13.48
CA PRO A 1419 47.92 15.18 -13.57
C PRO A 1419 48.89 14.02 -13.48
N SER A 1420 49.92 14.05 -14.32
CA SER A 1420 50.96 13.04 -14.23
C SER A 1420 51.82 13.29 -12.99
N CYS A 1421 52.63 12.30 -12.64
CA CYS A 1421 53.40 12.37 -11.40
C CYS A 1421 54.36 13.56 -11.39
N THR A 1422 54.84 13.97 -12.56
CA THR A 1422 55.82 15.04 -12.67
C THR A 1422 55.20 16.41 -12.88
N ASP A 1423 53.87 16.51 -12.88
CA ASP A 1423 53.23 17.78 -13.15
C ASP A 1423 53.40 18.73 -11.97
N GLN A 1424 52.97 19.97 -12.17
CA GLN A 1424 53.17 21.02 -11.19
C GLN A 1424 51.89 21.57 -10.60
N CYS A 1425 50.72 21.12 -11.08
CA CYS A 1425 49.45 21.62 -10.57
C CYS A 1425 48.61 20.44 -10.12
N PHE A 1426 48.43 20.32 -8.81
CA PHE A 1426 47.63 19.26 -8.22
C PHE A 1426 46.55 19.88 -7.36
N ARG A 1427 45.29 19.69 -7.74
CA ARG A 1427 44.16 20.11 -6.95
C ARG A 1427 43.41 18.87 -6.51
N GLN A 1428 43.38 18.63 -5.20
CA GLN A 1428 42.90 17.34 -4.72
C GLN A 1428 41.40 17.17 -4.93
N ASN A 1429 40.63 18.25 -4.77
CA ASN A 1429 39.20 18.14 -4.99
C ASN A 1429 38.90 17.77 -6.44
N HIS A 1430 39.63 18.37 -7.38
CA HIS A 1430 39.44 18.07 -8.79
C HIS A 1430 39.78 16.62 -9.09
N ILE A 1431 40.89 16.12 -8.53
CA ILE A 1431 41.28 14.74 -8.77
C ILE A 1431 40.25 13.80 -8.18
N HIS A 1432 39.79 14.08 -6.97
CA HIS A 1432 38.80 13.24 -6.33
C HIS A 1432 37.50 13.20 -7.13
N GLY A 1433 37.05 14.35 -7.62
CA GLY A 1433 35.83 14.37 -8.42
C GLY A 1433 35.98 13.61 -9.71
N THR A 1434 37.10 13.79 -10.40
CA THR A 1434 37.35 13.05 -11.62
C THR A 1434 37.39 11.56 -11.36
N LEU A 1435 38.02 11.15 -10.27
CA LEU A 1435 38.11 9.73 -9.94
C LEU A 1435 36.75 9.15 -9.62
N LEU A 1436 35.91 9.90 -8.89
CA LEU A 1436 34.56 9.41 -8.64
C LEU A 1436 33.78 9.26 -9.93
N GLN A 1437 33.91 10.22 -10.84
CA GLN A 1437 33.20 10.12 -12.11
C GLN A 1437 33.63 8.89 -12.88
N VAL A 1438 34.94 8.68 -13.02
CA VAL A 1438 35.40 7.53 -13.79
C VAL A 1438 35.04 6.23 -13.09
N PHE A 1439 35.06 6.22 -11.75
CA PHE A 1439 34.68 5.02 -11.03
C PHE A 1439 33.23 4.65 -11.30
N HIS A 1440 32.32 5.61 -11.19
CA HIS A 1440 30.91 5.30 -11.42
C HIS A 1440 30.65 4.94 -12.88
N LEU A 1441 31.33 5.62 -13.81
CA LEU A 1441 31.18 5.28 -15.21
C LEU A 1441 31.64 3.85 -15.49
N LEU A 1442 32.78 3.46 -14.93
CA LEU A 1442 33.28 2.11 -15.14
C LEU A 1442 32.35 1.09 -14.52
N GLN A 1443 31.81 1.39 -13.34
CA GLN A 1443 30.87 0.47 -12.72
C GLN A 1443 29.63 0.28 -13.58
N ALA A 1444 29.10 1.37 -14.12
CA ALA A 1444 27.96 1.25 -15.02
C ALA A 1444 28.32 0.44 -16.25
N TYR A 1445 29.51 0.66 -16.78
CA TYR A 1445 29.93 -0.05 -17.98
C TYR A 1445 30.04 -1.54 -17.73
N SER A 1446 30.53 -1.94 -16.55
CA SER A 1446 30.70 -3.35 -16.28
C SER A 1446 29.37 -4.08 -16.17
N ASP A 1447 28.35 -3.43 -15.60
CA ASP A 1447 27.08 -4.10 -15.39
C ASP A 1447 26.31 -4.32 -16.68
N SER A 1448 26.75 -3.74 -17.78
CA SER A 1448 26.33 -4.15 -19.11
C SER A 1448 27.59 -4.65 -19.83
N LYS A 1449 27.41 -5.11 -21.06
CA LYS A 1449 28.52 -5.58 -21.88
C LYS A 1449 29.44 -6.50 -21.08
N HIS A 1450 28.82 -7.43 -20.37
CA HIS A 1450 29.53 -8.42 -19.56
C HIS A 1450 29.62 -9.78 -20.24
N GLY A 1451 28.50 -10.27 -20.78
CA GLY A 1451 28.51 -11.47 -21.58
C GLY A 1451 27.82 -11.21 -22.91
N THR A 1452 27.17 -10.04 -23.00
CA THR A 1452 26.46 -9.68 -24.21
C THR A 1452 27.42 -9.46 -25.38
N ASN A 1453 28.57 -8.86 -25.11
CA ASN A 1453 29.52 -8.50 -26.15
C ASN A 1453 30.80 -9.31 -25.99
N SER A 1454 31.58 -9.34 -27.08
CA SER A 1454 32.94 -9.85 -27.06
C SER A 1454 33.96 -8.79 -27.46
N ASP A 1455 33.53 -7.68 -28.04
CA ASP A 1455 34.44 -6.62 -28.44
C ASP A 1455 34.84 -5.70 -27.28
N PHE A 1456 34.15 -5.75 -26.14
CA PHE A 1456 34.53 -4.82 -25.09
C PHE A 1456 35.87 -5.20 -24.49
N GLN A 1457 36.41 -6.36 -24.86
CA GLN A 1457 37.76 -6.71 -24.43
C GLN A 1457 38.77 -5.68 -24.92
N HIS A 1458 38.63 -5.25 -26.18
CA HIS A 1458 39.54 -4.24 -26.71
C HIS A 1458 39.38 -2.91 -25.98
N GLU A 1459 38.14 -2.51 -25.73
CA GLU A 1459 37.92 -1.26 -24.99
C GLU A 1459 38.48 -1.35 -23.59
N LEU A 1460 38.33 -2.52 -22.96
CA LEU A 1460 38.86 -2.69 -21.62
C LEU A 1460 40.38 -2.66 -21.63
N THR A 1461 40.99 -3.17 -22.69
CA THR A 1461 42.43 -3.02 -22.86
C THR A 1461 42.83 -1.56 -22.92
N ASP A 1462 42.10 -0.77 -23.71
CA ASP A 1462 42.42 0.66 -23.79
C ASP A 1462 42.24 1.33 -22.43
N ILE A 1463 41.17 0.99 -21.73
CA ILE A 1463 40.91 1.58 -20.41
C ILE A 1463 42.04 1.25 -19.45
N THR A 1464 42.47 -0.01 -19.44
CA THR A 1464 43.51 -0.40 -18.50
C THR A 1464 44.85 0.21 -18.87
N VAL A 1465 45.10 0.44 -20.16
CA VAL A 1465 46.30 1.19 -20.55
C VAL A 1465 46.24 2.60 -19.99
N CYS A 1466 45.08 3.24 -20.12
CA CYS A 1466 44.94 4.61 -19.61
C CYS A 1466 45.12 4.66 -18.10
N THR A 1467 44.58 3.68 -17.38
CA THR A 1467 44.72 3.66 -15.93
C THR A 1467 46.17 3.39 -15.52
N LYS A 1468 46.84 2.48 -16.23
CA LYS A 1468 48.24 2.21 -15.97
C LYS A 1468 49.09 3.44 -16.23
N ALA A 1469 48.64 4.31 -17.15
CA ALA A 1469 49.38 5.52 -17.43
C ALA A 1469 49.45 6.47 -16.24
N LYS A 1470 48.53 6.34 -15.28
CA LYS A 1470 48.49 7.26 -14.14
C LYS A 1470 48.32 6.51 -12.83
N LEU A 1471 48.75 5.25 -12.79
CA LEU A 1471 48.84 4.50 -11.55
C LEU A 1471 49.51 5.26 -10.41
N TRP A 1472 50.30 6.29 -10.70
CA TRP A 1472 51.08 6.94 -9.65
C TRP A 1472 50.21 7.44 -8.51
N LEU A 1473 48.94 7.73 -8.75
CA LEU A 1473 48.08 8.27 -7.71
C LEU A 1473 47.74 7.26 -6.63
N ALA A 1474 48.02 5.98 -6.86
CA ALA A 1474 47.76 4.95 -5.87
C ALA A 1474 48.95 4.66 -4.97
N LYS A 1475 50.16 4.95 -5.43
CA LYS A 1475 51.36 4.68 -4.66
C LYS A 1475 51.52 5.73 -3.57
N ARG A 1476 52.65 5.72 -2.88
CA ARG A 1476 52.83 6.57 -1.71
C ARG A 1476 53.24 7.99 -2.04
N GLN A 1477 53.48 8.30 -3.32
CA GLN A 1477 53.76 9.69 -3.66
C GLN A 1477 52.54 10.57 -3.44
N ASN A 1478 51.35 10.00 -3.58
CA ASN A 1478 50.11 10.73 -3.34
C ASN A 1478 49.91 10.91 -1.85
N PRO A 1479 49.82 12.14 -1.35
CA PRO A 1479 49.77 12.33 0.11
C PRO A 1479 48.41 12.11 0.74
N CYS A 1480 47.32 12.23 0.02
CA CYS A 1480 46.00 12.06 0.62
C CYS A 1480 45.46 10.67 0.33
N LEU A 1481 44.84 10.08 1.33
CA LEU A 1481 44.42 8.68 1.24
C LEU A 1481 43.09 8.51 0.52
N VAL A 1482 42.24 9.53 0.49
CA VAL A 1482 40.96 9.41 -0.17
C VAL A 1482 41.15 9.15 -1.66
N THR A 1483 42.04 9.91 -2.29
CA THR A 1483 42.31 9.73 -3.70
C THR A 1483 42.94 8.37 -3.99
N ARG A 1484 43.89 7.96 -3.15
CA ARG A 1484 44.45 6.61 -3.28
C ARG A 1484 43.36 5.57 -3.21
N ALA A 1485 42.44 5.73 -2.26
CA ALA A 1485 41.38 4.75 -2.09
C ALA A 1485 40.51 4.65 -3.32
N VAL A 1486 40.12 5.79 -3.88
CA VAL A 1486 39.26 5.74 -5.06
C VAL A 1486 40.00 5.12 -6.24
N TYR A 1487 41.28 5.44 -6.40
CA TYR A 1487 42.03 4.86 -7.50
C TYR A 1487 42.17 3.36 -7.34
N ILE A 1488 42.40 2.90 -6.11
CA ILE A 1488 42.53 1.47 -5.87
C ILE A 1488 41.19 0.78 -6.12
N ASP A 1489 40.08 1.45 -5.80
CA ASP A 1489 38.77 0.90 -6.13
C ASP A 1489 38.61 0.74 -7.64
N ILE A 1490 39.07 1.72 -8.40
CA ILE A 1490 39.03 1.60 -9.85
C ILE A 1490 39.84 0.40 -10.31
N LEU A 1491 41.03 0.22 -9.74
CA LEU A 1491 41.85 -0.92 -10.12
C LEU A 1491 41.16 -2.23 -9.79
N PHE A 1492 40.53 -2.30 -8.62
CA PHE A 1492 39.85 -3.53 -8.21
C PHE A 1492 38.68 -3.84 -9.14
N LEU A 1493 37.92 -2.82 -9.53
CA LEU A 1493 36.86 -3.01 -10.50
C LEU A 1493 37.42 -3.51 -11.82
N LEU A 1494 38.56 -2.99 -12.23
CA LEU A 1494 39.19 -3.47 -13.45
C LEU A 1494 39.60 -4.93 -13.34
N THR A 1495 40.11 -5.34 -12.18
CA THR A 1495 40.45 -6.74 -11.99
C THR A 1495 39.21 -7.62 -12.09
N CYS A 1496 38.12 -7.19 -11.47
CA CYS A 1496 36.88 -7.96 -11.58
C CYS A 1496 36.44 -8.08 -13.02
N CYS A 1497 36.55 -7.00 -13.80
CA CYS A 1497 36.18 -7.06 -15.20
C CYS A 1497 37.09 -8.00 -15.98
N LEU A 1498 38.40 -7.92 -15.75
CA LEU A 1498 39.34 -8.73 -16.51
C LEU A 1498 39.20 -10.21 -16.20
N ASN A 1499 38.89 -10.55 -14.95
CA ASN A 1499 38.78 -11.95 -14.58
C ASN A 1499 37.69 -12.65 -15.38
N ARG A 1500 36.53 -12.03 -15.49
CA ARG A 1500 35.40 -12.63 -16.18
C ARG A 1500 35.44 -12.40 -17.68
N SER A 1501 36.39 -11.60 -18.18
CA SER A 1501 36.56 -11.40 -19.61
C SER A 1501 37.63 -12.30 -20.20
N ALA A 1502 38.18 -13.22 -19.39
CA ALA A 1502 39.18 -14.16 -19.89
C ALA A 1502 38.92 -15.54 -19.31
N GLU A 1510 49.21 -8.40 -21.96
CA GLU A 1510 48.77 -7.10 -21.45
C GLU A 1510 48.34 -7.18 -20.00
N SER A 1511 47.47 -8.15 -19.69
CA SER A 1511 47.01 -8.31 -18.32
C SER A 1511 48.16 -8.60 -17.37
N LEU A 1512 49.26 -9.18 -17.88
CA LEU A 1512 50.40 -9.49 -17.03
C LEU A 1512 51.06 -8.23 -16.50
N GLY A 1513 51.24 -7.23 -17.35
CA GLY A 1513 51.80 -5.97 -16.89
C GLY A 1513 50.90 -5.30 -15.86
N PHE A 1514 49.60 -5.35 -16.08
CA PHE A 1514 48.66 -4.81 -15.11
C PHE A 1514 48.79 -5.53 -13.78
N TRP A 1515 48.88 -6.86 -13.81
CA TRP A 1515 48.95 -7.61 -12.56
C TRP A 1515 50.25 -7.34 -11.82
N GLU A 1516 51.36 -7.21 -12.54
CA GLU A 1516 52.60 -6.91 -11.83
C GLU A 1516 52.59 -5.49 -11.28
N GLU A 1517 51.92 -4.57 -11.96
CA GLU A 1517 51.73 -3.23 -11.37
C GLU A 1517 50.92 -3.30 -10.09
N VAL A 1518 49.86 -4.11 -10.08
CA VAL A 1518 49.04 -4.24 -8.88
C VAL A 1518 49.87 -4.83 -7.75
N ARG A 1519 50.66 -5.85 -8.06
CA ARG A 1519 51.53 -6.44 -7.04
C ARG A 1519 52.51 -5.42 -6.50
N GLY A 1520 53.06 -4.57 -7.37
CA GLY A 1520 53.93 -3.51 -6.90
C GLY A 1520 53.20 -2.53 -5.99
N ILE A 1521 51.93 -2.24 -6.30
CA ILE A 1521 51.14 -1.37 -5.44
C ILE A 1521 51.01 -1.98 -4.05
N ILE A 1522 50.69 -3.28 -4.00
CA ILE A 1522 50.43 -3.91 -2.72
C ILE A 1522 51.71 -4.03 -1.90
N SER A 1523 52.82 -4.42 -2.55
CA SER A 1523 54.05 -4.69 -1.81
C SER A 1523 54.57 -3.46 -1.11
N GLY A 1524 54.51 -2.31 -1.76
CA GLY A 1524 55.01 -1.10 -1.16
C GLY A 1524 54.05 -0.40 -0.23
N SER A 1525 52.86 -0.97 -0.03
CA SER A 1525 51.83 -0.31 0.75
C SER A 1525 52.15 -0.37 2.24
N GLU A 1526 51.43 0.44 3.02
CA GLU A 1526 51.52 0.37 4.46
C GLU A 1526 50.96 -0.93 5.02
N LEU A 1527 50.27 -1.70 4.18
CA LEU A 1527 49.78 -3.01 4.60
C LEU A 1527 50.95 -3.90 5.00
N ILE A 1528 52.11 -3.69 4.40
CA ILE A 1528 53.33 -4.40 4.76
C ILE A 1528 54.26 -3.53 5.60
N THR A 1529 54.45 -2.28 5.18
CA THR A 1529 55.39 -1.40 5.88
C THR A 1529 54.83 -0.96 7.23
N GLY A 1530 53.56 -0.55 7.27
CA GLY A 1530 53.00 0.05 8.45
C GLY A 1530 52.99 1.57 8.36
N PHE A 1531 52.11 2.18 9.15
CA PHE A 1531 51.91 3.61 9.06
C PHE A 1531 52.86 4.33 10.01
N PRO A 1532 53.78 5.14 9.52
CA PRO A 1532 54.80 5.73 10.38
C PRO A 1532 54.27 6.76 11.37
N TRP A 1533 53.53 7.76 10.91
CA TRP A 1533 53.09 8.83 11.79
C TRP A 1533 51.77 8.45 12.45
N ALA A 1534 51.69 8.68 13.76
CA ALA A 1534 50.50 8.32 14.54
C ALA A 1534 49.51 9.47 14.59
N PHE A 1535 49.15 9.98 13.43
CA PHE A 1535 48.14 11.03 13.30
C PHE A 1535 46.95 10.49 12.54
N LYS A 1536 45.74 10.83 13.00
CA LYS A 1536 44.52 10.35 12.37
C LYS A 1536 44.33 11.08 11.05
N VAL A 1537 45.05 10.61 10.04
CA VAL A 1537 44.97 11.22 8.70
C VAL A 1537 43.61 10.90 8.09
N PRO A 1538 42.96 11.85 7.42
CA PRO A 1538 41.64 11.59 6.84
C PRO A 1538 41.67 10.48 5.80
N GLY A 1539 40.61 9.69 5.79
CA GLY A 1539 40.45 8.64 4.79
C GLY A 1539 41.19 7.37 5.08
N LEU A 1540 41.78 7.23 6.25
CA LEU A 1540 42.59 6.04 6.55
C LEU A 1540 41.80 4.74 6.51
N PRO A 1541 40.66 4.60 7.20
CA PRO A 1541 39.95 3.31 7.14
C PRO A 1541 39.49 2.93 5.76
N GLN A 1542 39.01 3.91 4.98
CA GLN A 1542 38.58 3.64 3.62
C GLN A 1542 39.76 3.16 2.77
N TYR A 1543 40.91 3.78 2.96
CA TYR A 1543 42.11 3.36 2.25
C TYR A 1543 42.48 1.93 2.60
N LEU A 1544 42.42 1.59 3.90
CA LEU A 1544 42.76 0.23 4.32
C LEU A 1544 41.82 -0.78 3.71
N GLN A 1545 40.53 -0.47 3.68
CA GLN A 1545 39.57 -1.39 3.07
C GLN A 1545 39.84 -1.57 1.60
N SER A 1546 40.15 -0.50 0.89
CA SER A 1546 40.45 -0.63 -0.53
C SER A 1546 41.69 -1.48 -0.77
N LEU A 1547 42.76 -1.24 -0.01
CA LEU A 1547 43.93 -2.07 -0.12
C LEU A 1547 43.62 -3.52 0.16
N THR A 1548 42.84 -3.80 1.20
CA THR A 1548 42.56 -5.17 1.56
C THR A 1548 41.80 -5.88 0.45
N ARG A 1549 40.81 -5.21 -0.14
CA ARG A 1549 40.08 -5.81 -1.25
C ARG A 1549 41.02 -6.12 -2.41
N LEU A 1550 41.88 -5.17 -2.76
CA LEU A 1550 42.78 -5.42 -3.88
C LEU A 1550 43.76 -6.53 -3.56
N ALA A 1551 44.25 -6.59 -2.32
CA ALA A 1551 45.20 -7.61 -1.93
C ALA A 1551 44.57 -9.00 -1.98
N ILE A 1552 43.35 -9.13 -1.50
CA ILE A 1552 42.67 -10.41 -1.56
C ILE A 1552 42.45 -10.82 -3.00
N ALA A 1553 42.09 -9.87 -3.87
CA ALA A 1553 41.95 -10.19 -5.27
C ALA A 1553 43.27 -10.68 -5.86
N ALA A 1554 44.37 -10.04 -5.48
CA ALA A 1554 45.68 -10.46 -5.97
C ALA A 1554 46.02 -11.87 -5.49
N VAL A 1555 45.69 -12.18 -4.23
CA VAL A 1555 45.97 -13.50 -3.69
C VAL A 1555 45.19 -14.56 -4.46
N TRP A 1556 43.90 -14.33 -4.68
CA TRP A 1556 43.12 -15.30 -5.45
C TRP A 1556 43.69 -15.44 -6.85
N ALA A 1557 44.09 -14.33 -7.48
CA ALA A 1557 44.64 -14.42 -8.83
C ALA A 1557 45.92 -15.25 -8.86
N ALA A 1558 46.80 -15.03 -7.89
CA ALA A 1558 48.04 -15.80 -7.84
C ALA A 1558 47.77 -17.27 -7.62
N ALA A 1559 46.85 -17.59 -6.71
CA ALA A 1559 46.53 -18.98 -6.42
C ALA A 1559 45.98 -19.69 -7.65
N ALA A 1560 45.14 -19.01 -8.42
CA ALA A 1560 44.52 -19.61 -9.59
C ALA A 1560 45.48 -19.71 -10.77
N LYS A 1561 46.78 -19.52 -10.54
CA LYS A 1561 47.76 -19.63 -11.61
C LYS A 1561 49.05 -20.24 -11.09
N VAL A 1569 53.82 -13.55 -4.87
CA VAL A 1569 52.60 -13.17 -4.17
C VAL A 1569 52.90 -12.08 -3.17
N PRO A 1570 52.30 -10.91 -3.35
CA PRO A 1570 52.67 -9.75 -2.54
C PRO A 1570 52.39 -9.94 -1.06
N ILE A 1571 51.36 -10.69 -0.71
CA ILE A 1571 50.96 -10.87 0.68
C ILE A 1571 50.18 -12.16 0.75
N SER A 1572 50.07 -12.72 1.95
CA SER A 1572 49.43 -14.00 2.16
C SER A 1572 48.30 -13.86 3.17
N PHE A 1573 47.31 -14.75 3.06
CA PHE A 1573 46.23 -14.78 4.03
C PHE A 1573 46.77 -14.87 5.44
N SER A 1574 47.88 -15.59 5.61
CA SER A 1574 48.44 -15.78 6.94
C SER A 1574 48.85 -14.46 7.56
N GLN A 1575 49.48 -13.59 6.78
CA GLN A 1575 49.97 -12.32 7.30
C GLN A 1575 49.01 -11.17 7.10
N LEU A 1576 47.94 -11.36 6.34
CA LEU A 1576 46.83 -10.41 6.38
C LEU A 1576 46.11 -10.50 7.71
N LEU A 1577 45.93 -11.71 8.23
CA LEU A 1577 45.19 -11.93 9.46
C LEU A 1577 45.94 -11.46 10.70
N GLU A 1578 47.22 -11.13 10.57
CA GLU A 1578 48.00 -10.66 11.71
C GLU A 1578 48.09 -9.14 11.77
N SER A 1579 47.46 -8.43 10.84
CA SER A 1579 47.59 -6.98 10.82
C SER A 1579 46.93 -6.35 12.04
N ALA A 1580 47.47 -5.23 12.47
CA ALA A 1580 46.97 -4.56 13.66
C ALA A 1580 45.66 -3.84 13.43
N PHE A 1581 45.22 -3.71 12.19
CA PHE A 1581 44.00 -2.97 11.89
C PHE A 1581 42.83 -3.92 11.85
N PRO A 1582 41.82 -3.74 12.71
CA PRO A 1582 40.69 -4.69 12.73
C PRO A 1582 39.95 -4.79 11.41
N GLU A 1583 39.88 -3.73 10.62
CA GLU A 1583 39.12 -3.83 9.37
C GLU A 1583 39.83 -4.69 8.34
N VAL A 1584 41.16 -4.69 8.31
CA VAL A 1584 41.87 -5.60 7.41
C VAL A 1584 41.53 -7.04 7.76
N ARG A 1585 41.60 -7.36 9.06
CA ARG A 1585 41.26 -8.71 9.50
C ARG A 1585 39.81 -9.04 9.18
N SER A 1586 38.91 -8.08 9.37
CA SER A 1586 37.50 -8.33 9.12
C SER A 1586 37.25 -8.66 7.66
N LEU A 1587 37.85 -7.90 6.75
CA LEU A 1587 37.64 -8.19 5.34
C LEU A 1587 38.25 -9.53 4.96
N THR A 1588 39.44 -9.83 5.46
CA THR A 1588 40.05 -11.12 5.15
C THR A 1588 39.20 -12.27 5.67
N LEU A 1589 38.70 -12.14 6.90
CA LEU A 1589 37.85 -13.17 7.47
C LEU A 1589 36.57 -13.32 6.70
N GLU A 1590 36.01 -12.22 6.22
CA GLU A 1590 34.80 -12.31 5.42
C GLU A 1590 35.04 -13.09 4.14
N ALA A 1591 36.16 -12.82 3.47
CA ALA A 1591 36.46 -13.56 2.25
C ALA A 1591 36.65 -15.05 2.53
N LEU A 1592 37.42 -15.35 3.59
CA LEU A 1592 37.62 -16.75 3.94
C LEU A 1592 36.30 -17.42 4.30
N LEU A 1593 35.44 -16.72 5.04
CA LEU A 1593 34.17 -17.30 5.46
C LEU A 1593 33.28 -17.59 4.27
N GLU A 1594 33.22 -16.68 3.31
CA GLU A 1594 32.36 -16.96 2.16
C GLU A 1594 32.91 -18.12 1.35
N LYS A 1595 34.24 -18.23 1.25
CA LYS A 1595 34.80 -19.39 0.56
C LYS A 1595 34.43 -20.68 1.27
N PHE A 1596 34.61 -20.72 2.60
CA PHE A 1596 34.33 -21.94 3.35
C PHE A 1596 32.86 -22.31 3.27
N LEU A 1597 31.97 -21.33 3.40
CA LEU A 1597 30.54 -21.60 3.29
C LEU A 1597 30.20 -22.16 1.93
N ALA A 1598 30.72 -21.54 0.87
CA ALA A 1598 30.43 -22.03 -0.48
C ALA A 1598 31.05 -23.39 -0.73
N ALA A 1599 32.06 -23.78 0.04
CA ALA A 1599 32.73 -25.06 -0.20
C ALA A 1599 32.29 -26.16 0.74
N ALA A 1600 31.85 -25.83 1.95
CA ALA A 1600 31.55 -26.84 2.96
C ALA A 1600 30.06 -26.98 3.23
N SER A 1601 29.38 -25.90 3.60
CA SER A 1601 27.96 -25.99 3.88
C SER A 1601 27.16 -26.17 2.59
N GLY A 1602 27.20 -25.15 1.73
CA GLY A 1602 26.61 -25.28 0.42
C GLY A 1602 27.59 -25.97 -0.50
N LEU A 1603 27.75 -27.28 -0.32
CA LEU A 1603 28.78 -28.03 -1.03
C LEU A 1603 28.80 -27.71 -2.51
N GLY A 1604 27.69 -27.97 -3.21
CA GLY A 1604 27.66 -27.76 -4.64
C GLY A 1604 28.70 -28.57 -5.39
N GLU A 1605 28.95 -29.80 -4.93
CA GLU A 1605 29.95 -30.68 -5.54
C GLU A 1605 31.32 -30.01 -5.58
N LYS A 1606 31.67 -29.31 -4.50
CA LYS A 1606 32.91 -28.54 -4.43
C LYS A 1606 33.63 -28.83 -3.12
N GLY A 1607 34.89 -28.42 -3.07
CA GLY A 1607 35.68 -28.52 -1.86
C GLY A 1607 36.43 -27.23 -1.60
N VAL A 1608 37.08 -27.18 -0.44
CA VAL A 1608 37.86 -26.00 -0.10
C VAL A 1608 39.00 -25.84 -1.10
N PRO A 1609 39.34 -24.63 -1.54
CA PRO A 1609 40.47 -24.48 -2.44
C PRO A 1609 41.76 -24.95 -1.77
N PRO A 1610 42.72 -25.41 -2.55
CA PRO A 1610 43.91 -26.04 -1.96
C PRO A 1610 44.72 -25.12 -1.06
N LEU A 1611 44.50 -23.80 -1.13
CA LEU A 1611 45.29 -22.89 -0.33
C LEU A 1611 44.79 -22.78 1.11
N LEU A 1612 43.60 -23.29 1.40
CA LEU A 1612 43.00 -23.19 2.73
C LEU A 1612 42.82 -24.54 3.40
N CYS A 1613 43.68 -25.51 3.06
CA CYS A 1613 43.43 -26.89 3.50
C CYS A 1613 43.71 -27.09 4.98
N ASN A 1614 44.79 -26.51 5.50
CA ASN A 1614 45.23 -26.85 6.84
C ASN A 1614 45.21 -25.65 7.77
N MET A 1615 44.12 -24.90 7.74
CA MET A 1615 44.02 -23.67 8.50
C MET A 1615 43.44 -23.86 9.89
N GLY A 1616 43.17 -25.10 10.30
CA GLY A 1616 42.54 -25.33 11.58
C GLY A 1616 43.33 -24.75 12.75
N GLU A 1617 44.64 -24.96 12.74
CA GLU A 1617 45.48 -24.46 13.82
C GLU A 1617 45.46 -22.94 13.87
N LYS A 1618 45.52 -22.30 12.70
CA LYS A 1618 45.57 -20.84 12.65
C LYS A 1618 44.31 -20.23 13.23
N PHE A 1619 43.15 -20.72 12.81
CA PHE A 1619 41.90 -20.19 13.33
C PHE A 1619 41.73 -20.54 14.79
N LEU A 1620 42.21 -21.71 15.20
CA LEU A 1620 42.14 -22.07 16.60
C LEU A 1620 42.93 -21.10 17.46
N LEU A 1621 44.10 -20.68 16.99
CA LEU A 1621 44.89 -19.70 17.72
C LEU A 1621 44.23 -18.33 17.70
N LEU A 1622 43.71 -17.94 16.53
CA LEU A 1622 43.06 -16.63 16.41
C LEU A 1622 41.88 -16.52 17.36
N ALA A 1623 41.13 -17.60 17.51
CA ALA A 1623 39.95 -17.56 18.38
C ALA A 1623 40.33 -17.19 19.80
N MET A 1624 41.43 -17.73 20.29
CA MET A 1624 41.88 -17.37 21.63
C MET A 1624 42.54 -16.00 21.67
N LYS A 1625 43.11 -15.56 20.55
CA LYS A 1625 43.82 -14.28 20.56
C LYS A 1625 42.88 -13.11 20.33
N GLU A 1626 41.86 -13.28 19.49
CA GLU A 1626 41.06 -12.16 19.01
C GLU A 1626 40.32 -11.46 20.14
N ASN A 1627 40.21 -10.13 20.02
CA ASN A 1627 39.45 -9.32 20.95
C ASN A 1627 38.42 -8.43 20.29
N HIS A 1628 38.46 -8.29 18.97
CA HIS A 1628 37.45 -7.52 18.26
C HIS A 1628 36.22 -8.38 18.06
N PRO A 1629 35.07 -8.02 18.62
CA PRO A 1629 33.90 -8.92 18.53
C PRO A 1629 33.47 -9.22 17.11
N GLU A 1630 33.56 -8.23 16.23
CA GLU A 1630 33.09 -8.41 14.87
C GLU A 1630 33.94 -9.40 14.10
N CYS A 1631 35.21 -9.55 14.49
CA CYS A 1631 36.06 -10.59 13.91
C CYS A 1631 35.95 -11.90 14.66
N PHE A 1632 35.69 -11.83 15.96
CA PHE A 1632 35.52 -13.05 16.75
C PHE A 1632 34.34 -13.87 16.25
N CYS A 1633 33.24 -13.19 15.93
CA CYS A 1633 32.08 -13.90 15.40
C CYS A 1633 32.42 -14.61 14.11
N LYS A 1634 33.17 -13.97 13.22
CA LYS A 1634 33.54 -14.60 11.97
C LYS A 1634 34.49 -15.77 12.19
N ILE A 1635 35.39 -15.65 13.14
CA ILE A 1635 36.30 -16.77 13.43
C ILE A 1635 35.49 -17.97 13.90
N LEU A 1636 34.52 -17.74 14.79
CA LEU A 1636 33.70 -18.84 15.28
C LEU A 1636 32.88 -19.45 14.14
N LYS A 1637 32.36 -18.61 13.24
CA LYS A 1637 31.62 -19.13 12.11
C LYS A 1637 32.50 -20.02 11.24
N ILE A 1638 33.73 -19.59 10.99
CA ILE A 1638 34.64 -20.38 10.17
C ILE A 1638 34.93 -21.71 10.85
N LEU A 1639 35.16 -21.69 12.16
CA LEU A 1639 35.38 -22.92 12.89
C LEU A 1639 34.18 -23.85 12.76
N HIS A 1640 32.98 -23.30 12.87
CA HIS A 1640 31.77 -24.10 12.69
C HIS A 1640 31.70 -24.68 11.29
N CYS A 1641 32.25 -24.00 10.30
CA CYS A 1641 32.14 -24.48 8.93
C CYS A 1641 33.06 -25.67 8.64
N MET A 1642 34.14 -25.84 9.38
CA MET A 1642 35.07 -26.92 9.10
C MET A 1642 34.67 -28.19 9.84
N ASP A 1643 35.16 -29.32 9.34
CA ASP A 1643 34.89 -30.61 9.96
C ASP A 1643 35.55 -30.69 11.32
N PRO A 1644 34.80 -30.95 12.39
CA PRO A 1644 35.44 -31.03 13.72
C PRO A 1644 36.43 -32.15 13.83
N GLY A 1645 36.30 -33.19 13.00
CA GLY A 1645 37.23 -34.30 13.08
C GLY A 1645 38.63 -33.97 12.63
N GLU A 1646 38.84 -32.78 12.07
CA GLU A 1646 40.15 -32.39 11.58
C GLU A 1646 40.82 -31.30 12.40
N TRP A 1647 40.07 -30.55 13.20
CA TRP A 1647 40.68 -29.51 14.02
C TRP A 1647 40.48 -29.73 15.51
N LEU A 1648 39.63 -30.64 15.92
CA LEU A 1648 39.42 -30.88 17.34
C LEU A 1648 40.58 -31.65 17.98
N PRO A 1649 41.14 -32.67 17.31
CA PRO A 1649 42.32 -33.31 17.90
C PRO A 1649 43.47 -32.34 18.13
N GLN A 1650 43.64 -31.36 17.25
CA GLN A 1650 44.75 -30.41 17.37
C GLN A 1650 44.54 -29.42 18.50
N THR A 1651 43.38 -29.42 19.15
CA THR A 1651 43.11 -28.45 20.19
C THR A 1651 44.04 -28.64 21.37
N GLU A 1652 44.54 -29.86 21.57
CA GLU A 1652 45.31 -30.17 22.77
C GLU A 1652 46.60 -29.36 22.85
N HIS A 1653 47.32 -29.24 21.74
CA HIS A 1653 48.62 -28.57 21.77
C HIS A 1653 48.58 -27.16 21.19
N CYS A 1654 47.67 -26.87 20.27
CA CYS A 1654 47.59 -25.54 19.69
C CYS A 1654 47.26 -24.50 20.76
N VAL A 1655 46.22 -24.78 21.56
CA VAL A 1655 45.74 -23.82 22.55
C VAL A 1655 45.75 -24.39 23.95
N HIS A 1656 46.34 -25.57 24.13
CA HIS A 1656 46.45 -26.21 25.44
C HIS A 1656 45.07 -26.44 26.06
N LEU A 1657 44.20 -27.11 25.31
CA LEU A 1657 42.86 -27.42 25.77
C LEU A 1657 42.45 -28.77 25.20
N THR A 1658 41.98 -29.65 26.08
CA THR A 1658 41.35 -30.87 25.62
C THR A 1658 40.00 -30.53 25.00
N PRO A 1659 39.45 -31.42 24.17
CA PRO A 1659 38.13 -31.13 23.57
C PRO A 1659 37.06 -30.81 24.61
N LYS A 1660 37.09 -31.48 25.76
CA LYS A 1660 36.08 -31.23 26.78
C LYS A 1660 36.16 -29.79 27.29
N GLU A 1661 37.36 -29.32 27.63
CA GLU A 1661 37.46 -27.98 28.17
C GLU A 1661 37.31 -26.92 27.08
N PHE A 1662 37.62 -27.25 25.83
CA PHE A 1662 37.28 -26.35 24.74
C PHE A 1662 35.77 -26.19 24.64
N LEU A 1663 35.04 -27.29 24.79
CA LEU A 1663 33.59 -27.23 24.82
C LEU A 1663 33.09 -26.39 25.97
N ILE A 1664 33.70 -26.54 27.15
CA ILE A 1664 33.33 -25.71 28.29
C ILE A 1664 33.58 -24.24 27.99
N TRP A 1665 34.68 -23.94 27.29
CA TRP A 1665 34.99 -22.56 26.92
C TRP A 1665 33.91 -21.99 26.00
N THR A 1666 33.52 -22.76 24.99
CA THR A 1666 32.48 -22.29 24.07
C THR A 1666 31.17 -22.07 24.80
N MET A 1667 30.80 -22.96 25.71
CA MET A 1667 29.57 -22.74 26.46
C MET A 1667 29.66 -21.54 27.37
N ASP A 1668 30.84 -21.27 27.95
CA ASP A 1668 30.97 -20.06 28.75
C ASP A 1668 30.71 -18.82 27.90
N ILE A 1669 31.29 -18.79 26.70
CA ILE A 1669 31.06 -17.66 25.80
C ILE A 1669 29.57 -17.54 25.51
N ALA A 1670 28.93 -18.65 25.15
CA ALA A 1670 27.51 -18.60 24.80
C ALA A 1670 26.65 -18.16 25.97
N SER A 1671 27.06 -18.51 27.19
CA SER A 1671 26.29 -18.11 28.35
C SER A 1671 26.46 -16.63 28.68
N ASN A 1672 27.60 -16.04 28.33
CA ASN A 1672 27.83 -14.66 28.74
C ASN A 1672 27.35 -13.64 27.71
N GLU A 1673 27.61 -13.86 26.43
CA GLU A 1673 27.32 -12.85 25.42
C GLU A 1673 25.82 -12.77 25.14
N ARG A 1674 25.42 -11.65 24.54
CA ARG A 1674 24.01 -11.41 24.20
C ARG A 1674 23.89 -10.76 22.83
N SER A 1675 24.62 -11.26 21.84
CA SER A 1675 24.53 -10.77 20.48
C SER A 1675 24.59 -11.98 19.54
N GLU A 1676 24.84 -11.74 18.27
CA GLU A 1676 24.90 -12.84 17.30
C GLU A 1676 25.97 -13.86 17.68
N ILE A 1677 27.02 -13.41 18.36
CA ILE A 1677 28.05 -14.32 18.81
C ILE A 1677 27.47 -15.38 19.74
N GLN A 1678 26.41 -15.03 20.49
CA GLN A 1678 25.76 -16.03 21.34
C GLN A 1678 25.23 -17.18 20.51
N SER A 1679 24.50 -16.89 19.44
CA SER A 1679 23.97 -17.94 18.59
C SER A 1679 25.07 -18.74 17.94
N VAL A 1680 26.13 -18.06 17.47
CA VAL A 1680 27.21 -18.79 16.80
C VAL A 1680 27.91 -19.71 17.79
N ALA A 1681 28.14 -19.25 19.01
CA ALA A 1681 28.78 -20.09 20.01
C ALA A 1681 27.92 -21.29 20.35
N LEU A 1682 26.60 -21.09 20.45
CA LEU A 1682 25.72 -22.21 20.72
C LEU A 1682 25.78 -23.24 19.60
N ARG A 1683 25.78 -22.78 18.35
CA ARG A 1683 25.89 -23.70 17.24
C ARG A 1683 27.19 -24.49 17.29
N LEU A 1684 28.29 -23.81 17.61
CA LEU A 1684 29.58 -24.50 17.67
C LEU A 1684 29.60 -25.54 18.79
N ALA A 1685 29.10 -25.17 19.96
CA ALA A 1685 29.06 -26.12 21.07
C ALA A 1685 28.23 -27.33 20.73
N SER A 1686 27.10 -27.11 20.07
CA SER A 1686 26.26 -28.23 19.66
C SER A 1686 26.97 -29.14 18.67
N LYS A 1687 27.70 -28.55 17.72
CA LYS A 1687 28.43 -29.37 16.77
C LYS A 1687 29.48 -30.21 17.45
N VAL A 1688 30.20 -29.63 18.41
CA VAL A 1688 31.22 -30.38 19.13
C VAL A 1688 30.60 -31.53 19.91
N ILE A 1689 29.47 -31.27 20.59
CA ILE A 1689 28.80 -32.33 21.34
C ILE A 1689 28.36 -33.44 20.41
N SER A 1690 27.76 -33.08 19.27
CA SER A 1690 27.32 -34.09 18.34
C SER A 1690 28.49 -34.94 17.88
N HIS A 1691 29.65 -34.32 17.64
CA HIS A 1691 30.82 -35.09 17.24
C HIS A 1691 31.25 -36.05 18.33
N HIS A 1692 31.34 -35.56 19.58
CA HIS A 1692 31.71 -36.45 20.67
C HIS A 1692 30.79 -37.64 20.76
N MET A 1693 29.49 -37.42 20.63
CA MET A 1693 28.54 -38.52 20.76
C MET A 1693 28.66 -39.49 19.59
N GLN A 1694 28.90 -38.98 18.38
CA GLN A 1694 28.92 -39.85 17.22
C GLN A 1694 30.24 -40.57 17.01
N THR A 1695 31.33 -40.16 17.67
CA THR A 1695 32.58 -40.89 17.48
C THR A 1695 32.62 -42.17 18.31
N CYS A 1696 32.58 -42.05 19.63
CA CYS A 1696 32.83 -43.19 20.50
C CYS A 1696 31.70 -43.35 21.50
N VAL A 1697 31.54 -44.58 21.99
CA VAL A 1697 30.51 -44.89 22.98
C VAL A 1697 30.96 -44.59 24.40
N GLU A 1698 32.23 -44.26 24.59
CA GLU A 1698 32.74 -43.96 25.92
C GLU A 1698 32.56 -42.50 26.32
N ASN A 1699 32.15 -41.64 25.38
CA ASN A 1699 31.96 -40.24 25.71
C ASN A 1699 30.70 -39.98 26.52
N ARG A 1700 29.68 -40.83 26.37
CA ARG A 1700 28.40 -40.60 27.03
C ARG A 1700 28.52 -40.52 28.54
N GLU A 1701 29.58 -41.08 29.11
CA GLU A 1701 29.78 -41.05 30.55
C GLU A 1701 30.74 -39.96 31.00
N LEU A 1702 31.60 -39.47 30.11
CA LEU A 1702 32.55 -38.43 30.46
C LEU A 1702 32.16 -37.05 29.96
N ILE A 1703 30.94 -36.91 29.43
CA ILE A 1703 30.39 -35.62 29.02
C ILE A 1703 29.11 -35.28 29.79
N ALA A 1704 28.79 -36.06 30.82
CA ALA A 1704 27.48 -35.96 31.47
C ALA A 1704 27.24 -34.55 32.02
N ALA A 1705 28.18 -34.04 32.80
CA ALA A 1705 28.01 -32.69 33.34
C ALA A 1705 27.95 -31.66 32.23
N GLU A 1706 28.76 -31.85 31.18
CA GLU A 1706 28.72 -30.96 30.05
C GLU A 1706 27.38 -31.05 29.33
N LEU A 1707 26.81 -32.25 29.24
CA LEU A 1707 25.49 -32.38 28.63
C LEU A 1707 24.43 -31.63 29.42
N LYS A 1708 24.48 -31.73 30.75
CA LYS A 1708 23.52 -30.99 31.57
C LYS A 1708 23.69 -29.48 31.37
N GLN A 1709 24.95 -29.03 31.33
CA GLN A 1709 25.19 -27.62 31.10
C GLN A 1709 24.71 -27.18 29.73
N TRP A 1710 24.84 -28.04 28.74
CA TRP A 1710 24.36 -27.73 27.39
C TRP A 1710 22.84 -27.61 27.37
N VAL A 1711 22.14 -28.48 28.08
CA VAL A 1711 20.69 -28.39 28.14
C VAL A 1711 20.28 -27.08 28.80
N GLN A 1712 20.95 -26.71 29.89
CA GLN A 1712 20.65 -25.43 30.53
C GLN A 1712 20.92 -24.27 29.58
N LEU A 1713 21.97 -24.37 28.78
CA LEU A 1713 22.29 -23.33 27.81
C LEU A 1713 21.20 -23.20 26.75
N VAL A 1714 20.69 -24.33 26.25
CA VAL A 1714 19.63 -24.28 25.25
C VAL A 1714 18.39 -23.63 25.85
N ILE A 1715 18.03 -24.02 27.07
CA ILE A 1715 16.89 -23.40 27.73
C ILE A 1715 17.10 -21.91 27.86
N LEU A 1716 18.30 -21.50 28.25
CA LEU A 1716 18.61 -20.08 28.37
C LEU A 1716 18.40 -19.36 27.05
N SER A 1717 18.95 -19.91 25.97
CA SER A 1717 18.87 -19.22 24.69
C SER A 1717 17.48 -19.23 24.10
N CYS A 1718 16.57 -20.06 24.61
CA CYS A 1718 15.20 -20.01 24.09
C CYS A 1718 14.45 -18.77 24.51
N GLU A 1719 14.91 -18.03 25.51
CA GLU A 1719 14.08 -16.99 26.08
C GLU A 1719 14.32 -15.65 25.38
N ASP A 1720 13.58 -14.63 25.83
CA ASP A 1720 13.61 -13.31 25.21
C ASP A 1720 14.84 -12.53 25.66
N HIS A 1721 14.82 -11.23 25.44
CA HIS A 1721 15.98 -10.34 25.60
C HIS A 1721 17.18 -10.83 24.82
N LEU A 1722 16.94 -11.69 23.84
CA LEU A 1722 17.97 -12.19 22.93
C LEU A 1722 17.47 -11.98 21.52
N PRO A 1723 18.38 -11.85 20.56
CA PRO A 1723 17.96 -11.65 19.17
C PRO A 1723 17.21 -12.86 18.64
N THR A 1724 16.43 -12.61 17.60
CA THR A 1724 15.72 -13.70 16.93
C THR A 1724 16.69 -14.78 16.47
N GLU A 1725 17.93 -14.40 16.16
CA GLU A 1725 18.90 -15.38 15.71
C GLU A 1725 19.16 -16.44 16.77
N SER A 1726 19.07 -16.08 18.05
CA SER A 1726 19.29 -17.07 19.08
C SER A 1726 18.23 -18.17 19.04
N ARG A 1727 16.97 -17.80 18.86
CA ARG A 1727 15.92 -18.79 18.80
C ARG A 1727 15.98 -19.60 17.51
N LEU A 1728 16.33 -18.94 16.39
CA LEU A 1728 16.56 -19.67 15.16
C LEU A 1728 17.66 -20.70 15.34
N ALA A 1729 18.75 -20.32 16.03
CA ALA A 1729 19.84 -21.25 16.28
C ALA A 1729 19.40 -22.40 17.16
N VAL A 1730 18.60 -22.11 18.18
CA VAL A 1730 18.13 -23.18 19.06
C VAL A 1730 17.34 -24.19 18.24
N VAL A 1731 16.46 -23.69 17.37
CA VAL A 1731 15.65 -24.60 16.57
C VAL A 1731 16.52 -25.42 15.64
N GLU A 1732 17.49 -24.78 15.00
CA GLU A 1732 18.37 -25.51 14.08
C GLU A 1732 19.18 -26.57 14.81
N VAL A 1733 19.70 -26.23 15.98
CA VAL A 1733 20.43 -27.20 16.79
C VAL A 1733 19.56 -28.39 17.11
N LEU A 1734 18.35 -28.14 17.62
CA LEU A 1734 17.47 -29.24 17.99
C LEU A 1734 17.11 -30.09 16.78
N THR A 1735 16.90 -29.46 15.63
CA THR A 1735 16.60 -30.20 14.41
C THR A 1735 17.76 -31.12 14.03
N SER A 1736 18.98 -30.63 14.15
CA SER A 1736 20.12 -31.44 13.75
C SER A 1736 20.37 -32.61 14.69
N THR A 1737 19.87 -32.56 15.92
CA THR A 1737 20.14 -33.59 16.91
C THR A 1737 18.87 -34.21 17.46
N THR A 1738 17.82 -34.32 16.66
CA THR A 1738 16.64 -35.06 17.10
C THR A 1738 16.92 -36.52 17.37
N PRO A 1739 17.61 -37.28 16.49
CA PRO A 1739 17.71 -38.72 16.71
C PRO A 1739 18.65 -39.04 17.87
N LEU A 1740 19.10 -38.01 18.56
CA LEU A 1740 20.07 -38.15 19.63
C LEU A 1740 19.59 -37.63 20.97
N PHE A 1741 18.89 -36.49 20.99
CA PHE A 1741 18.42 -35.92 22.23
C PHE A 1741 16.91 -35.83 22.35
N LEU A 1742 16.17 -36.00 21.27
CA LEU A 1742 14.71 -35.86 21.31
C LEU A 1742 13.99 -37.19 21.17
N THR A 1743 14.30 -37.97 20.14
CA THR A 1743 13.59 -39.22 19.88
C THR A 1743 14.53 -40.41 19.99
N ASN A 1744 15.46 -40.35 20.93
CA ASN A 1744 16.40 -41.45 21.10
C ASN A 1744 15.69 -42.64 21.71
N PRO A 1745 15.77 -43.83 21.11
CA PRO A 1745 15.19 -45.01 21.76
C PRO A 1745 15.77 -45.29 23.12
N HIS A 1746 17.06 -45.00 23.34
CA HIS A 1746 17.71 -45.15 24.64
C HIS A 1746 18.34 -43.82 25.00
N PRO A 1747 17.63 -42.98 25.74
CA PRO A 1747 18.11 -41.62 25.98
C PRO A 1747 19.45 -41.58 26.68
N ILE A 1748 20.26 -40.60 26.32
CA ILE A 1748 21.51 -40.32 27.01
C ILE A 1748 21.28 -39.41 28.19
N LEU A 1749 20.43 -38.40 28.03
CA LEU A 1749 20.13 -37.49 29.10
C LEU A 1749 19.15 -38.11 30.09
N GLU A 1750 18.96 -37.44 31.21
CA GLU A 1750 17.93 -37.83 32.15
C GLU A 1750 16.56 -37.46 31.60
N LEU A 1751 15.51 -37.93 32.28
CA LEU A 1751 14.17 -37.63 31.80
C LEU A 1751 13.84 -36.15 31.94
N GLN A 1752 14.31 -35.52 33.01
CA GLN A 1752 14.06 -34.09 33.18
C GLN A 1752 14.67 -33.30 32.03
N ASP A 1753 15.87 -33.68 31.59
CA ASP A 1753 16.52 -32.96 30.50
C ASP A 1753 15.82 -33.19 29.18
N THR A 1754 15.42 -34.43 28.90
CA THR A 1754 14.70 -34.69 27.66
C THR A 1754 13.40 -33.91 27.61
N LEU A 1755 12.68 -33.88 28.73
CA LEU A 1755 11.43 -33.14 28.75
C LEU A 1755 11.66 -31.65 28.72
N ALA A 1756 12.78 -31.17 29.23
CA ALA A 1756 13.09 -29.75 29.10
C ALA A 1756 13.34 -29.38 27.65
N LEU A 1757 14.07 -30.22 26.92
CA LEU A 1757 14.26 -29.96 25.49
C LEU A 1757 12.93 -29.98 24.76
N TRP A 1758 12.06 -30.94 25.09
CA TRP A 1758 10.75 -30.99 24.46
C TRP A 1758 9.93 -29.75 24.79
N LYS A 1759 10.02 -29.28 26.02
CA LYS A 1759 9.32 -28.05 26.40
C LYS A 1759 9.84 -26.87 25.61
N CYS A 1760 11.14 -26.83 25.37
CA CYS A 1760 11.68 -25.76 24.51
C CYS A 1760 11.10 -25.84 23.11
N VAL A 1761 11.00 -27.04 22.56
CA VAL A 1761 10.42 -27.21 21.22
C VAL A 1761 8.98 -26.72 21.23
N LEU A 1762 8.21 -27.10 22.24
CA LEU A 1762 6.80 -26.74 22.28
C LEU A 1762 6.61 -25.25 22.50
N THR A 1763 7.48 -24.62 23.28
CA THR A 1763 7.32 -23.20 23.54
C THR A 1763 7.78 -22.34 22.37
N LEU A 1764 8.76 -22.81 21.59
CA LEU A 1764 9.14 -22.06 20.40
C LEU A 1764 8.11 -22.23 19.30
N LEU A 1765 7.40 -23.34 19.31
CA LEU A 1765 6.39 -23.62 18.30
C LEU A 1765 5.17 -22.75 18.49
N GLN A 1766 5.09 -21.99 19.59
CA GLN A 1766 4.06 -20.98 19.82
C GLN A 1766 4.65 -19.58 19.82
N SER A 1767 5.74 -19.37 19.10
CA SER A 1767 6.41 -18.09 19.13
C SER A 1767 5.59 -17.04 18.38
N GLU A 1768 5.73 -15.80 18.81
CA GLU A 1768 4.98 -14.70 18.21
C GLU A 1768 5.47 -14.34 16.82
N GLU A 1769 6.59 -14.89 16.38
CA GLU A 1769 7.26 -14.44 15.17
C GLU A 1769 7.44 -15.60 14.20
N GLN A 1770 7.16 -15.33 12.93
CA GLN A 1770 6.80 -16.38 11.97
C GLN A 1770 7.97 -17.30 11.66
N ALA A 1771 9.18 -16.75 11.53
CA ALA A 1771 10.32 -17.56 11.15
C ALA A 1771 10.62 -18.63 12.18
N VAL A 1772 10.54 -18.27 13.46
CA VAL A 1772 10.77 -19.24 14.52
C VAL A 1772 9.74 -20.34 14.47
N ARG A 1773 8.48 -19.99 14.23
CA ARG A 1773 7.44 -21.01 14.13
C ARG A 1773 7.70 -21.95 12.98
N ASP A 1774 8.10 -21.41 11.82
CA ASP A 1774 8.36 -22.27 10.67
C ASP A 1774 9.52 -23.23 10.94
N ALA A 1775 10.59 -22.70 11.52
CA ALA A 1775 11.72 -23.56 11.84
C ALA A 1775 11.31 -24.64 12.84
N ALA A 1776 10.49 -24.28 13.83
CA ALA A 1776 10.05 -25.27 14.80
C ALA A 1776 9.18 -26.34 14.15
N THR A 1777 8.38 -25.98 13.16
CA THR A 1777 7.63 -27.00 12.44
C THR A 1777 8.55 -27.94 11.70
N GLU A 1778 9.66 -27.42 11.18
CA GLU A 1778 10.63 -28.32 10.56
C GLU A 1778 11.21 -29.29 11.59
N THR A 1779 11.49 -28.79 12.79
CA THR A 1779 11.92 -29.68 13.86
C THR A 1779 10.90 -30.77 14.14
N VAL A 1780 9.62 -30.40 14.19
CA VAL A 1780 8.58 -31.38 14.47
C VAL A 1780 8.49 -32.41 13.36
N THR A 1781 8.65 -31.97 12.11
CA THR A 1781 8.66 -32.92 11.00
C THR A 1781 9.80 -33.92 11.15
N THR A 1782 10.98 -33.44 11.52
CA THR A 1782 12.08 -34.36 11.77
C THR A 1782 11.76 -35.33 12.90
N ALA A 1783 11.12 -34.83 13.95
CA ALA A 1783 10.79 -35.68 15.09
C ALA A 1783 9.80 -36.78 14.72
N MET A 1784 8.79 -36.44 13.93
CA MET A 1784 7.82 -37.45 13.50
C MET A 1784 8.33 -38.35 12.39
N SER A 1785 9.42 -37.98 11.72
CA SER A 1785 9.91 -38.79 10.62
C SER A 1785 10.96 -39.81 11.03
N GLN A 1786 11.25 -39.94 12.32
CA GLN A 1786 12.27 -40.89 12.76
C GLN A 1786 11.75 -42.31 12.65
N GLU A 1787 12.69 -43.26 12.74
CA GLU A 1787 12.36 -44.65 12.50
C GLU A 1787 11.40 -45.20 13.55
N ASN A 1788 11.58 -44.82 14.81
CA ASN A 1788 10.72 -45.33 15.87
C ASN A 1788 9.51 -44.45 16.12
N THR A 1789 9.31 -43.39 15.32
CA THR A 1789 8.16 -42.51 15.50
C THR A 1789 7.35 -42.33 14.23
N CYS A 1790 7.57 -43.16 13.21
CA CYS A 1790 6.79 -43.03 11.98
C CYS A 1790 5.34 -43.47 12.15
N GLN A 1791 4.98 -44.08 13.28
CA GLN A 1791 3.62 -44.56 13.49
C GLN A 1791 2.83 -43.72 14.48
N SER A 1792 3.47 -42.76 15.14
CA SER A 1792 2.75 -41.95 16.12
C SER A 1792 1.67 -41.11 15.45
N THR A 1793 1.98 -40.55 14.29
CA THR A 1793 1.03 -39.74 13.54
C THR A 1793 0.83 -40.38 12.17
N GLU A 1794 0.12 -39.67 11.30
CA GLU A 1794 -0.01 -40.08 9.92
C GLU A 1794 0.67 -39.10 8.97
N PHE A 1795 1.24 -38.02 9.49
CA PHE A 1795 1.94 -37.04 8.66
C PHE A 1795 3.45 -37.21 8.77
N ALA A 1796 3.94 -38.36 8.33
CA ALA A 1796 5.38 -38.59 8.30
C ALA A 1796 5.96 -38.05 7.01
N PHE A 1797 7.10 -37.37 7.12
CA PHE A 1797 7.77 -36.74 5.99
C PHE A 1797 6.92 -35.65 5.34
N CYS A 1798 6.04 -35.03 6.12
CA CYS A 1798 5.19 -33.95 5.64
C CYS A 1798 5.52 -32.67 6.39
N GLN A 1799 5.55 -31.56 5.68
CA GLN A 1799 5.75 -30.27 6.31
C GLN A 1799 4.39 -29.64 6.62
N VAL A 1800 4.20 -29.25 7.87
CA VAL A 1800 2.89 -28.93 8.41
C VAL A 1800 2.93 -27.55 9.04
N ASP A 1801 1.75 -26.96 9.18
CA ASP A 1801 1.62 -25.68 9.84
C ASP A 1801 1.78 -25.83 11.34
N ALA A 1802 2.06 -24.70 12.01
CA ALA A 1802 2.38 -24.75 13.43
C ALA A 1802 1.19 -25.17 14.28
N SER A 1803 -0.02 -24.81 13.86
CA SER A 1803 -1.20 -25.11 14.64
C SER A 1803 -1.36 -26.61 14.84
N ILE A 1804 -1.26 -27.39 13.77
CA ILE A 1804 -1.29 -28.83 13.94
C ILE A 1804 0.06 -29.37 14.40
N ALA A 1805 1.13 -28.59 14.24
CA ALA A 1805 2.42 -29.06 14.69
C ALA A 1805 2.44 -29.23 16.19
N LEU A 1806 1.75 -28.36 16.91
CA LEU A 1806 1.66 -28.52 18.36
C LEU A 1806 1.04 -29.87 18.73
N ALA A 1807 -0.08 -30.20 18.10
CA ALA A 1807 -0.75 -31.47 18.40
C ALA A 1807 0.10 -32.66 18.00
N LEU A 1808 0.73 -32.60 16.82
CA LEU A 1808 1.54 -33.72 16.37
C LEU A 1808 2.74 -33.92 17.29
N ALA A 1809 3.36 -32.84 17.73
CA ALA A 1809 4.49 -32.96 18.64
C ALA A 1809 4.06 -33.59 19.95
N LEU A 1810 2.90 -33.19 20.48
CA LEU A 1810 2.43 -33.81 21.71
C LEU A 1810 2.15 -35.29 21.51
N ALA A 1811 1.58 -35.65 20.36
CA ALA A 1811 1.33 -37.06 20.08
C ALA A 1811 2.62 -37.87 20.07
N VAL A 1812 3.64 -37.35 19.39
CA VAL A 1812 4.92 -38.05 19.32
C VAL A 1812 5.54 -38.16 20.71
N LEU A 1813 5.46 -37.09 21.49
CA LEU A 1813 6.05 -37.14 22.83
C LEU A 1813 5.37 -38.17 23.71
N CYS A 1814 4.04 -38.24 23.65
CA CYS A 1814 3.35 -39.23 24.47
C CYS A 1814 3.68 -40.65 24.02
N ASP A 1815 3.75 -40.87 22.71
CA ASP A 1815 4.12 -42.18 22.20
C ASP A 1815 5.52 -42.56 22.67
N LEU A 1816 6.45 -41.61 22.69
CA LEU A 1816 7.79 -41.89 23.17
C LEU A 1816 7.79 -42.19 24.66
N LEU A 1817 7.02 -41.44 25.44
CA LEU A 1817 6.98 -41.67 26.88
C LEU A 1817 6.51 -43.07 27.18
N GLN A 1818 5.51 -43.55 26.44
CA GLN A 1818 5.15 -44.96 26.58
C GLN A 1818 6.27 -45.86 26.10
N GLN A 1819 6.93 -45.49 25.00
CA GLN A 1819 7.94 -46.34 24.39
C GLN A 1819 9.18 -46.47 25.27
N TRP A 1820 9.62 -45.37 25.90
CA TRP A 1820 10.72 -45.44 26.84
C TRP A 1820 10.35 -46.21 28.09
N ASP A 1821 9.06 -46.52 28.28
CA ASP A 1821 8.58 -47.20 29.48
C ASP A 1821 8.95 -46.41 30.73
N GLN A 1822 8.88 -45.10 30.63
CA GLN A 1822 9.22 -44.24 31.75
C GLN A 1822 8.09 -43.26 31.99
N LEU A 1823 6.88 -43.79 32.02
CA LEU A 1823 5.65 -43.04 32.17
C LEU A 1823 5.45 -42.57 33.61
N ALA A 1824 5.86 -43.38 34.57
CA ALA A 1824 5.61 -43.07 35.98
C ALA A 1824 6.26 -41.77 36.44
N PRO A 1825 7.54 -41.49 36.17
CA PRO A 1825 8.08 -40.18 36.50
C PRO A 1825 7.79 -39.12 35.46
N GLY A 1826 7.16 -39.48 34.35
CA GLY A 1826 6.83 -38.54 33.31
C GLY A 1826 5.53 -37.80 33.55
N LEU A 1827 4.49 -38.52 33.99
CA LEU A 1827 3.21 -37.88 34.23
C LEU A 1827 3.25 -36.70 35.19
N PRO A 1828 3.97 -36.73 36.32
CA PRO A 1828 4.01 -35.53 37.16
C PRO A 1828 4.51 -34.31 36.43
N ILE A 1829 5.49 -34.47 35.55
CA ILE A 1829 6.03 -33.33 34.81
C ILE A 1829 5.01 -32.78 33.84
N LEU A 1830 4.34 -33.64 33.08
CA LEU A 1830 3.34 -33.18 32.13
C LEU A 1830 2.17 -32.50 32.84
N LEU A 1831 1.77 -33.04 33.98
CA LEU A 1831 0.71 -32.37 34.72
C LEU A 1831 1.17 -31.03 35.28
N GLY A 1832 2.44 -30.93 35.66
CA GLY A 1832 2.97 -29.63 36.02
C GLY A 1832 2.92 -28.66 34.86
N TRP A 1833 3.14 -29.16 33.65
CA TRP A 1833 2.93 -28.32 32.46
C TRP A 1833 1.49 -27.86 32.37
N LEU A 1834 0.55 -28.79 32.61
CA LEU A 1834 -0.87 -28.43 32.53
C LEU A 1834 -1.22 -27.33 33.52
N LEU A 1835 -0.71 -27.42 34.75
CA LEU A 1835 -1.04 -26.41 35.74
C LEU A 1835 -0.42 -25.06 35.44
N GLY A 1836 0.67 -25.01 34.67
CA GLY A 1836 1.27 -23.73 34.39
C GLY A 1836 1.91 -23.12 35.62
N GLU A 1837 3.01 -23.71 36.08
CA GLU A 1837 3.63 -23.30 37.33
C GLU A 1837 4.10 -21.85 37.33
N SER A 1838 3.98 -21.13 36.20
CA SER A 1838 4.50 -19.77 36.13
C SER A 1838 3.76 -18.84 37.09
N ASP A 1839 2.43 -18.82 37.01
CA ASP A 1839 1.62 -17.92 37.83
C ASP A 1839 1.10 -18.60 39.09
N ASP A 1840 0.27 -19.63 38.92
CA ASP A 1840 -0.29 -20.42 40.02
C ASP A 1840 -0.90 -19.52 41.10
N LEU A 1841 -1.94 -18.79 40.70
CA LEU A 1841 -2.64 -17.92 41.65
C LEU A 1841 -4.14 -17.93 41.38
N GLU A 1861 1.31 -5.37 25.80
CA GLU A 1861 1.63 -6.17 24.62
C GLU A 1861 0.76 -7.44 24.57
N VAL A 1862 0.08 -7.64 23.45
CA VAL A 1862 -0.82 -8.77 23.29
C VAL A 1862 -0.15 -9.81 22.41
N ASN A 1863 -0.55 -11.06 22.61
CA ASN A 1863 -0.04 -12.18 21.83
C ASN A 1863 -1.00 -12.43 20.68
N PHE A 1864 -0.51 -12.34 19.46
CA PHE A 1864 -1.36 -12.51 18.29
C PHE A 1864 -1.42 -13.95 17.82
N TRP A 1865 -0.67 -14.84 18.42
CA TRP A 1865 -0.69 -16.21 17.93
C TRP A 1865 -0.96 -17.24 19.01
N ALA A 1866 -0.45 -17.04 20.22
CA ALA A 1866 -0.41 -18.09 21.23
C ALA A 1866 -1.63 -18.01 22.14
N GLU A 1867 -2.41 -19.08 22.20
CA GLU A 1867 -3.43 -19.26 23.21
C GLU A 1867 -2.96 -20.30 24.22
N THR A 1868 -3.09 -19.98 25.51
CA THR A 1868 -2.76 -20.97 26.53
C THR A 1868 -3.67 -22.18 26.44
N LEU A 1869 -4.97 -21.96 26.24
CA LEU A 1869 -5.92 -23.05 26.33
C LEU A 1869 -5.83 -24.00 25.15
N ILE A 1870 -5.23 -23.58 24.04
CA ILE A 1870 -4.98 -24.53 22.94
C ILE A 1870 -3.96 -25.57 23.36
N PHE A 1871 -2.86 -25.13 23.96
CA PHE A 1871 -1.88 -26.06 24.49
C PHE A 1871 -2.51 -26.94 25.55
N VAL A 1872 -3.29 -26.34 26.45
CA VAL A 1872 -3.93 -27.11 27.50
C VAL A 1872 -4.83 -28.19 26.91
N LYS A 1873 -5.64 -27.82 25.91
CA LYS A 1873 -6.58 -28.76 25.33
C LYS A 1873 -5.86 -29.90 24.64
N TYR A 1874 -4.85 -29.59 23.83
CA TYR A 1874 -4.15 -30.66 23.12
C TYR A 1874 -3.43 -31.59 24.09
N LEU A 1875 -2.75 -31.02 25.08
CA LEU A 1875 -2.04 -31.84 26.04
C LEU A 1875 -3.00 -32.76 26.78
N CYS A 1876 -4.12 -32.21 27.24
CA CYS A 1876 -5.09 -33.01 27.98
C CYS A 1876 -5.66 -34.12 27.11
N LYS A 1877 -5.99 -33.79 25.86
CA LYS A 1877 -6.56 -34.79 24.98
C LYS A 1877 -5.60 -35.94 24.74
N HIS A 1878 -4.32 -35.63 24.50
CA HIS A 1878 -3.38 -36.70 24.23
C HIS A 1878 -3.06 -37.48 25.49
N LEU A 1879 -3.06 -36.83 26.65
CA LEU A 1879 -2.88 -37.58 27.89
C LEU A 1879 -4.04 -38.55 28.12
N PHE A 1880 -5.26 -38.12 27.84
CA PHE A 1880 -6.40 -39.03 27.94
C PHE A 1880 -6.24 -40.20 27.00
N CYS A 1881 -5.88 -39.93 25.75
CA CYS A 1881 -5.76 -41.02 24.79
C CYS A 1881 -4.67 -42.00 25.20
N LEU A 1882 -3.55 -41.48 25.71
CA LEU A 1882 -2.47 -42.33 26.20
C LEU A 1882 -2.94 -43.21 27.35
N LEU A 1883 -3.56 -42.60 28.36
CA LEU A 1883 -3.97 -43.37 29.53
C LEU A 1883 -5.06 -44.37 29.19
N SER A 1884 -5.90 -44.06 28.20
CA SER A 1884 -6.94 -45.01 27.82
C SER A 1884 -6.36 -46.20 27.06
N LYS A 1885 -5.48 -45.93 26.10
CA LYS A 1885 -4.90 -47.04 25.34
C LYS A 1885 -3.88 -47.81 26.17
N SER A 1886 -3.40 -47.25 27.28
CA SER A 1886 -2.41 -47.90 28.12
C SER A 1886 -3.00 -48.55 29.35
N GLY A 1887 -3.95 -47.90 30.01
CA GLY A 1887 -4.44 -48.38 31.28
C GLY A 1887 -3.32 -48.43 32.29
N TRP A 1888 -2.55 -47.33 32.37
CA TRP A 1888 -1.29 -47.37 33.10
C TRP A 1888 -1.50 -47.54 34.59
N ARG A 1889 -2.52 -46.90 35.18
CA ARG A 1889 -2.87 -47.13 36.58
C ARG A 1889 -1.71 -46.90 37.54
N PRO A 1890 -1.41 -45.65 37.89
CA PRO A 1890 -0.25 -45.34 38.74
C PRO A 1890 -0.17 -46.25 39.96
N PRO A 1891 1.00 -46.84 40.21
CA PRO A 1891 1.14 -47.73 41.37
C PRO A 1891 1.07 -47.02 42.71
N SER A 1892 1.88 -45.98 42.88
CA SER A 1892 2.00 -45.32 44.17
C SER A 1892 1.20 -44.03 44.17
N PRO A 1893 0.13 -43.93 44.97
CA PRO A 1893 -0.63 -42.67 45.00
C PRO A 1893 0.16 -41.50 45.57
N GLU A 1894 1.20 -41.76 46.35
CA GLU A 1894 1.89 -40.68 47.05
C GLU A 1894 2.51 -39.68 46.09
N MET A 1895 2.95 -40.14 44.92
CA MET A 1895 3.56 -39.24 43.95
C MET A 1895 2.55 -38.23 43.42
N LEU A 1896 1.31 -38.65 43.18
CA LEU A 1896 0.29 -37.73 42.72
C LEU A 1896 -0.37 -36.98 43.86
N CYS A 1897 -0.15 -37.39 45.11
CA CYS A 1897 -0.75 -36.68 46.24
C CYS A 1897 -0.34 -35.21 46.23
N HIS A 1898 0.90 -34.91 45.85
CA HIS A 1898 1.34 -33.52 45.77
C HIS A 1898 0.53 -32.74 44.75
N LEU A 1899 0.25 -33.38 43.60
CA LEU A 1899 -0.56 -32.73 42.59
C LEU A 1899 -1.98 -32.49 43.09
N GLN A 1900 -2.58 -33.47 43.76
CA GLN A 1900 -3.92 -33.24 44.30
C GLN A 1900 -3.90 -32.10 45.31
N ARG A 1901 -2.85 -32.03 46.13
CA ARG A 1901 -2.76 -30.96 47.12
C ARG A 1901 -2.75 -29.59 46.44
N MET A 1902 -1.85 -29.41 45.48
CA MET A 1902 -1.75 -28.10 44.85
C MET A 1902 -2.99 -27.76 44.04
N VAL A 1903 -3.61 -28.75 43.40
CA VAL A 1903 -4.79 -28.49 42.60
C VAL A 1903 -5.97 -28.11 43.48
N SER A 1904 -6.13 -28.79 44.62
CA SER A 1904 -7.20 -28.42 45.53
C SER A 1904 -6.98 -27.02 46.09
N GLU A 1905 -5.73 -26.69 46.39
CA GLU A 1905 -5.45 -25.33 46.85
C GLU A 1905 -5.83 -24.30 45.79
N GLN A 1906 -5.50 -24.59 44.53
CA GLN A 1906 -5.88 -23.66 43.46
C GLN A 1906 -7.39 -23.54 43.32
N CYS A 1907 -8.11 -24.66 43.43
CA CYS A 1907 -9.57 -24.58 43.33
C CYS A 1907 -10.14 -23.72 44.46
N HIS A 1908 -9.61 -23.88 45.66
CA HIS A 1908 -10.08 -23.05 46.78
C HIS A 1908 -9.82 -21.58 46.50
N LEU A 1909 -8.61 -21.24 46.05
CA LEU A 1909 -8.31 -19.84 45.78
C LEU A 1909 -9.17 -19.29 44.65
N LEU A 1910 -9.42 -20.09 43.62
CA LEU A 1910 -10.24 -19.61 42.50
C LEU A 1910 -11.66 -19.35 42.94
N SER A 1911 -12.23 -20.23 43.76
CA SER A 1911 -13.57 -19.95 44.29
C SER A 1911 -13.58 -18.67 45.10
N GLN A 1912 -12.56 -18.47 45.94
CA GLN A 1912 -12.49 -17.25 46.72
C GLN A 1912 -12.44 -16.02 45.83
N PHE A 1913 -11.64 -16.08 44.77
CA PHE A 1913 -11.49 -14.92 43.89
C PHE A 1913 -12.76 -14.66 43.10
N PHE A 1914 -13.40 -15.70 42.58
CA PHE A 1914 -14.64 -15.51 41.84
C PHE A 1914 -15.76 -15.00 42.74
N ARG A 1915 -15.69 -15.28 44.04
CA ARG A 1915 -16.73 -14.79 44.94
C ARG A 1915 -16.68 -13.28 45.09
N GLU A 1916 -15.49 -12.73 45.30
CA GLU A 1916 -15.35 -11.29 45.57
C GLU A 1916 -15.15 -10.49 44.29
N LEU A 1917 -16.07 -10.66 43.33
CA LEU A 1917 -15.96 -10.04 42.03
C LEU A 1917 -17.28 -9.33 41.73
N PRO A 1918 -17.25 -8.06 41.35
CA PRO A 1918 -18.50 -7.28 41.26
C PRO A 1918 -19.40 -7.80 40.15
N PRO A 1919 -20.69 -7.47 40.18
CA PRO A 1919 -21.61 -8.00 39.17
C PRO A 1919 -21.25 -7.51 37.78
N ALA A 1920 -21.60 -8.33 36.79
CA ALA A 1920 -21.27 -8.06 35.39
C ALA A 1920 -19.77 -7.82 35.23
N ALA A 1921 -18.98 -8.65 35.90
CA ALA A 1921 -17.53 -8.50 35.84
C ALA A 1921 -16.96 -8.80 34.47
N GLU A 1922 -17.72 -9.47 33.61
CA GLU A 1922 -17.26 -9.69 32.24
C GLU A 1922 -17.02 -8.38 31.53
N PHE A 1923 -17.69 -7.32 31.93
CA PHE A 1923 -17.58 -6.01 31.31
C PHE A 1923 -16.83 -5.00 32.14
N VAL A 1924 -16.93 -5.07 33.46
CA VAL A 1924 -16.30 -4.08 34.32
C VAL A 1924 -14.85 -4.45 34.64
N LYS A 1925 -14.52 -5.73 34.66
CA LYS A 1925 -13.22 -6.23 35.11
C LYS A 1925 -12.66 -7.24 34.13
N THR A 1926 -12.61 -6.87 32.85
CA THR A 1926 -12.40 -7.86 31.80
C THR A 1926 -11.07 -8.59 31.93
N VAL A 1927 -9.99 -7.88 32.26
CA VAL A 1927 -8.69 -8.53 32.27
C VAL A 1927 -8.57 -9.53 33.44
N GLU A 1928 -9.01 -9.12 34.63
CA GLU A 1928 -8.97 -10.02 35.77
C GLU A 1928 -9.88 -11.21 35.56
N PHE A 1929 -11.07 -10.95 35.04
CA PHE A 1929 -12.01 -12.04 34.75
C PHE A 1929 -11.43 -13.01 33.75
N THR A 1930 -10.76 -12.51 32.71
CA THR A 1930 -10.19 -13.38 31.70
C THR A 1930 -9.06 -14.23 32.25
N ARG A 1931 -8.17 -13.63 33.04
CA ARG A 1931 -7.08 -14.44 33.58
C ARG A 1931 -7.60 -15.48 34.58
N LEU A 1932 -8.61 -15.11 35.37
CA LEU A 1932 -9.21 -16.09 36.26
C LEU A 1932 -9.84 -17.22 35.48
N ARG A 1933 -10.51 -16.91 34.37
CA ARG A 1933 -11.15 -17.96 33.58
C ARG A 1933 -10.11 -18.89 32.97
N ILE A 1934 -8.98 -18.36 32.52
CA ILE A 1934 -7.95 -19.22 31.96
C ILE A 1934 -7.41 -20.16 33.03
N GLN A 1935 -7.11 -19.62 34.21
CA GLN A 1935 -6.62 -20.48 35.28
C GLN A 1935 -7.65 -21.53 35.66
N GLU A 1936 -8.92 -21.16 35.67
CA GLU A 1936 -9.98 -22.11 35.99
C GLU A 1936 -10.03 -23.23 34.97
N GLU A 1937 -9.87 -22.90 33.68
CA GLU A 1937 -9.87 -23.95 32.66
C GLU A 1937 -8.68 -24.89 32.85
N ARG A 1938 -7.51 -24.35 33.17
CA ARG A 1938 -6.36 -25.20 33.45
C ARG A 1938 -6.66 -26.17 34.60
N THR A 1939 -7.16 -25.62 35.71
CA THR A 1939 -7.38 -26.44 36.88
C THR A 1939 -8.45 -27.48 36.64
N LEU A 1940 -9.49 -27.14 35.88
CA LEU A 1940 -10.52 -28.12 35.57
C LEU A 1940 -9.97 -29.24 34.70
N ALA A 1941 -9.11 -28.92 33.73
CA ALA A 1941 -8.49 -29.98 32.95
C ALA A 1941 -7.68 -30.91 33.83
N CYS A 1942 -6.90 -30.34 34.76
CA CYS A 1942 -6.09 -31.18 35.62
C CYS A 1942 -6.95 -32.04 36.55
N LEU A 1943 -8.05 -31.48 37.08
CA LEU A 1943 -8.97 -32.29 37.87
C LEU A 1943 -9.56 -33.43 37.05
N ARG A 1944 -9.92 -33.16 35.80
CA ARG A 1944 -10.48 -34.22 34.98
C ARG A 1944 -9.48 -35.37 34.85
N LEU A 1945 -8.22 -35.03 34.59
CA LEU A 1945 -7.20 -36.08 34.47
C LEU A 1945 -7.00 -36.82 35.79
N LEU A 1946 -6.90 -36.09 36.90
CA LEU A 1946 -6.66 -36.75 38.19
C LEU A 1946 -7.82 -37.66 38.55
N ALA A 1947 -9.05 -37.21 38.34
CA ALA A 1947 -10.21 -38.04 38.61
C ALA A 1947 -10.22 -39.28 37.74
N PHE A 1948 -9.83 -39.14 36.47
CA PHE A 1948 -9.73 -40.33 35.63
C PHE A 1948 -8.68 -41.29 36.17
N LEU A 1949 -7.57 -40.76 36.67
CA LEU A 1949 -6.52 -41.62 37.18
C LEU A 1949 -6.92 -42.34 38.45
N GLU A 1950 -7.74 -41.71 39.29
CA GLU A 1950 -8.17 -42.30 40.55
C GLU A 1950 -9.50 -43.02 40.42
N GLY A 1951 -9.79 -43.60 39.26
CA GLY A 1951 -11.04 -44.30 39.06
C GLY A 1951 -10.99 -45.30 37.92
N VAL A 1959 -9.30 -36.97 43.35
CA VAL A 1959 -10.25 -36.60 44.39
C VAL A 1959 -11.36 -35.75 43.79
N LEU A 1960 -12.52 -36.37 43.55
CA LEU A 1960 -13.64 -35.66 42.95
C LEU A 1960 -14.46 -34.88 43.97
N SER A 1961 -14.12 -34.96 45.26
CA SER A 1961 -14.80 -34.12 46.23
C SER A 1961 -14.52 -32.64 45.98
N VAL A 1962 -13.26 -32.31 45.71
CA VAL A 1962 -12.90 -30.93 45.37
C VAL A 1962 -13.56 -30.53 44.05
N TRP A 1963 -13.65 -31.47 43.11
CA TRP A 1963 -14.37 -31.22 41.87
C TRP A 1963 -15.82 -30.82 42.13
N ASP A 1964 -16.50 -31.60 42.97
CA ASP A 1964 -17.91 -31.32 43.26
C ASP A 1964 -18.06 -30.00 44.00
N SER A 1965 -17.19 -29.75 44.99
CA SER A 1965 -17.29 -28.49 45.73
C SER A 1965 -17.02 -27.29 44.86
N TYR A 1966 -16.09 -27.39 43.91
CA TYR A 1966 -15.83 -26.26 43.03
C TYR A 1966 -16.98 -26.09 42.03
N ALA A 1967 -17.55 -27.19 41.54
CA ALA A 1967 -18.68 -27.07 40.63
C ALA A 1967 -19.86 -26.39 41.32
N GLU A 1968 -20.11 -26.74 42.59
CA GLU A 1968 -21.20 -26.10 43.32
C GLU A 1968 -20.89 -24.64 43.62
N SER A 1969 -19.63 -24.33 43.98
CA SER A 1969 -19.28 -22.94 44.26
C SER A 1969 -19.42 -22.07 43.02
N ARG A 1970 -19.02 -22.59 41.86
CA ARG A 1970 -19.09 -21.82 40.63
C ARG A 1970 -20.48 -21.84 40.04
N GLN A 1971 -20.97 -23.01 39.65
CA GLN A 1971 -22.29 -23.12 39.03
C GLN A 1971 -23.39 -23.12 40.08
N ASP B 28 4.93 -2.45 16.93
CA ASP B 28 6.04 -2.67 17.85
C ASP B 28 5.54 -2.73 19.29
N VAL B 29 6.48 -2.80 20.23
CA VAL B 29 6.15 -2.92 21.64
C VAL B 29 6.60 -1.74 22.48
N TYR B 30 7.62 -1.00 22.06
CA TYR B 30 8.17 0.06 22.89
C TYR B 30 7.31 1.31 22.88
N TYR B 31 6.46 1.48 21.86
CA TYR B 31 5.50 2.58 21.89
C TYR B 31 4.56 2.41 23.07
N ARG B 32 4.14 1.18 23.35
CA ARG B 32 3.37 0.89 24.55
C ARG B 32 4.18 1.16 25.81
N LEU B 33 5.38 0.59 25.88
CA LEU B 33 6.17 0.65 27.10
C LEU B 33 6.54 2.09 27.46
N ALA B 34 6.60 2.98 26.49
CA ALA B 34 6.82 4.39 26.80
C ALA B 34 5.68 4.95 27.63
N LYS B 35 4.44 4.62 27.26
CA LYS B 35 3.28 5.09 28.01
C LYS B 35 3.11 4.35 29.33
N GLU B 36 3.40 3.04 29.35
CA GLU B 36 3.24 2.28 30.58
C GLU B 36 4.19 2.77 31.66
N ASN B 37 5.44 3.05 31.31
CA ASN B 37 6.44 3.44 32.28
C ASN B 37 6.48 4.97 32.39
N GLY B 38 7.49 5.48 33.10
CA GLY B 38 7.62 6.91 33.27
C GLY B 38 8.52 7.54 32.22
N TRP B 39 8.39 7.10 30.98
CA TRP B 39 9.19 7.62 29.87
C TRP B 39 8.32 8.52 29.00
N ARG B 40 8.82 9.70 28.68
CA ARG B 40 8.06 10.64 27.87
C ARG B 40 7.96 10.23 26.42
N ALA B 41 8.76 9.28 25.95
CA ALA B 41 8.70 8.87 24.57
C ALA B 41 9.36 7.50 24.42
N ARG B 42 9.09 6.85 23.30
CA ARG B 42 9.69 5.54 23.05
C ARG B 42 11.20 5.64 22.91
N SER B 43 11.71 6.81 22.51
CA SER B 43 13.13 6.97 22.26
C SER B 43 13.97 6.69 23.50
N ALA B 44 13.38 6.79 24.68
CA ALA B 44 14.13 6.48 25.89
C ALA B 44 14.70 5.07 25.83
N PHE B 45 13.91 4.11 25.33
CA PHE B 45 14.37 2.74 25.27
C PHE B 45 15.53 2.57 24.29
N LYS B 46 15.72 3.51 23.37
CA LYS B 46 16.89 3.44 22.52
C LYS B 46 18.16 3.76 23.29
N LEU B 47 18.08 4.68 24.26
CA LEU B 47 19.27 5.03 25.02
C LEU B 47 19.66 3.90 25.96
N LEU B 48 18.69 3.35 26.70
CA LEU B 48 19.00 2.28 27.64
C LEU B 48 19.61 1.08 26.93
N GLN B 49 19.05 0.69 25.79
CA GLN B 49 19.59 -0.43 25.04
C GLN B 49 20.97 -0.14 24.47
N LEU B 50 21.41 1.12 24.46
CA LEU B 50 22.77 1.43 24.07
C LEU B 50 23.73 1.45 25.24
N ASP B 51 23.23 1.48 26.48
CA ASP B 51 24.11 1.31 27.63
C ASP B 51 24.57 -0.12 27.74
N LYS B 52 23.62 -1.06 27.81
CA LYS B 52 23.91 -2.45 28.10
C LYS B 52 24.77 -3.09 27.03
N GLU B 53 25.09 -2.35 25.97
CA GLU B 53 25.94 -2.87 24.91
C GLU B 53 27.20 -2.05 24.72
N PHE B 54 27.28 -0.85 25.30
CA PHE B 54 28.49 -0.03 25.20
C PHE B 54 28.95 0.57 26.52
N GLN B 55 28.19 0.41 27.60
CA GLN B 55 28.56 0.93 28.92
C GLN B 55 28.85 2.43 28.86
N LEU B 56 27.84 3.18 28.40
CA LEU B 56 28.02 4.62 28.29
C LEU B 56 28.17 5.27 29.66
N PHE B 57 27.36 4.84 30.62
CA PHE B 57 27.33 5.48 31.94
C PHE B 57 28.33 4.87 32.90
N GLN B 58 29.59 4.79 32.47
CA GLN B 58 30.61 4.19 33.33
C GLN B 58 30.93 5.10 34.52
N GLY B 59 31.42 6.29 34.24
CA GLY B 59 31.73 7.23 35.31
C GLY B 59 31.25 8.63 34.99
N VAL B 60 30.26 8.73 34.10
CA VAL B 60 29.79 10.02 33.65
C VAL B 60 29.19 10.78 34.81
N THR B 61 29.54 12.06 34.92
CA THR B 61 29.03 12.92 35.97
C THR B 61 28.25 14.11 35.42
N ARG B 62 28.74 14.73 34.35
CA ARG B 62 28.03 15.80 33.67
C ARG B 62 27.87 15.42 32.21
N ALA B 63 26.66 15.58 31.69
CA ALA B 63 26.37 15.20 30.31
C ALA B 63 25.51 16.28 29.67
N VAL B 64 25.63 16.37 28.35
CA VAL B 64 24.88 17.34 27.54
C VAL B 64 23.94 16.58 26.63
N ASP B 65 22.69 17.03 26.57
CA ASP B 65 21.67 16.41 25.74
C ASP B 65 21.23 17.41 24.68
N LEU B 66 21.39 17.02 23.43
CA LEU B 66 21.08 17.86 22.29
C LEU B 66 19.82 17.34 21.61
N CYS B 67 18.89 18.25 21.33
CA CYS B 67 17.73 17.95 20.49
C CYS B 67 16.80 16.94 21.18
N ALA B 68 16.42 17.22 22.41
CA ALA B 68 15.52 16.36 23.17
C ALA B 68 14.11 16.94 23.10
N ALA B 69 13.24 16.32 22.32
CA ALA B 69 11.93 16.93 22.11
C ALA B 69 11.11 16.88 23.39
N PRO B 70 10.67 15.71 23.88
CA PRO B 70 9.91 15.73 25.14
C PRO B 70 10.85 15.68 26.34
N GLY B 71 12.05 15.17 26.13
CA GLY B 71 13.02 15.03 27.19
C GLY B 71 13.26 13.61 27.65
N SER B 72 12.91 12.60 26.86
CA SER B 72 13.08 11.22 27.29
C SER B 72 14.54 10.90 27.56
N TRP B 73 15.43 11.31 26.68
CA TRP B 73 16.86 11.09 26.89
C TRP B 73 17.35 11.87 28.10
N SER B 74 16.86 13.10 28.27
CA SER B 74 17.20 13.85 29.47
C SER B 74 16.73 13.12 30.71
N GLN B 75 15.54 12.52 30.65
CA GLN B 75 15.03 11.75 31.78
C GLN B 75 15.92 10.57 32.08
N VAL B 76 16.35 9.84 31.05
CA VAL B 76 17.22 8.69 31.27
C VAL B 76 18.53 9.13 31.91
N LEU B 77 19.12 10.20 31.38
CA LEU B 77 20.39 10.69 31.93
C LEU B 77 20.22 11.14 33.37
N SER B 78 19.13 11.83 33.67
CA SER B 78 18.90 12.30 35.03
C SER B 78 18.71 11.13 36.00
N GLN B 79 17.99 10.09 35.57
CA GLN B 79 17.76 8.96 36.45
C GLN B 79 18.99 8.07 36.58
N LYS B 80 19.91 8.11 35.62
CA LYS B 80 21.09 7.25 35.68
C LYS B 80 22.33 7.97 36.16
N ILE B 81 22.39 9.29 36.04
CA ILE B 81 23.51 10.09 36.53
C ILE B 81 23.10 10.96 37.71
N GLY B 82 22.02 11.73 37.53
CA GLY B 82 21.56 12.60 38.60
C GLY B 82 20.98 11.87 39.79
N GLY B 83 20.80 10.55 39.69
CA GLY B 83 20.41 9.78 40.85
C GLY B 83 21.44 9.85 41.96
N GLN B 84 22.71 10.01 41.60
CA GLN B 84 23.73 10.26 42.61
C GLN B 84 23.47 11.57 43.34
N GLY B 85 23.03 12.60 42.62
CA GLY B 85 22.69 13.86 43.23
C GLY B 85 23.51 15.02 42.69
N SER B 86 24.79 14.77 42.42
CA SER B 86 25.66 15.80 41.89
C SER B 86 25.67 15.87 40.37
N GLY B 87 25.01 14.93 39.70
CA GLY B 87 24.96 14.93 38.25
C GLY B 87 24.31 16.18 37.69
N HIS B 88 24.98 16.81 36.73
CA HIS B 88 24.48 18.02 36.08
C HIS B 88 24.20 17.72 34.62
N VAL B 89 22.99 18.03 34.17
CA VAL B 89 22.57 17.72 32.82
C VAL B 89 21.97 18.96 32.17
N VAL B 90 22.41 19.25 30.96
CA VAL B 90 21.93 20.39 30.18
C VAL B 90 21.26 19.84 28.93
N ALA B 91 20.00 20.19 28.74
CA ALA B 91 19.23 19.77 27.58
C ALA B 91 18.88 20.98 26.76
N VAL B 92 18.89 20.82 25.43
CA VAL B 92 18.62 21.92 24.51
C VAL B 92 17.76 21.41 23.37
N ASP B 93 16.79 22.21 22.96
CA ASP B 93 15.98 21.84 21.81
C ASP B 93 15.40 23.08 21.15
N LEU B 94 14.93 22.88 19.91
CA LEU B 94 14.25 23.91 19.17
C LEU B 94 12.90 24.27 19.77
N GLN B 95 12.33 23.39 20.59
CA GLN B 95 11.01 23.58 21.18
C GLN B 95 11.12 23.63 22.69
N ALA B 96 9.96 23.71 23.35
CA ALA B 96 9.91 23.77 24.80
C ALA B 96 9.75 22.38 25.39
N MET B 97 10.15 22.25 26.64
CA MET B 97 10.14 20.96 27.32
C MET B 97 9.57 21.14 28.73
N ALA B 98 8.99 20.07 29.25
CA ALA B 98 8.53 20.09 30.63
C ALA B 98 9.72 19.92 31.56
N PRO B 99 9.90 20.81 32.55
CA PRO B 99 11.12 20.76 33.36
C PRO B 99 11.23 19.48 34.16
N LEU B 100 12.47 19.09 34.43
CA LEU B 100 12.83 17.93 35.22
C LEU B 100 13.70 18.34 36.40
N PRO B 101 13.68 17.57 37.49
CA PRO B 101 14.57 17.87 38.63
C PRO B 101 15.99 17.43 38.33
N GLY B 102 16.92 18.38 38.29
CA GLY B 102 18.30 18.08 38.01
C GLY B 102 18.73 18.27 36.57
N VAL B 103 17.91 18.89 35.73
CA VAL B 103 18.23 19.14 34.33
C VAL B 103 17.87 20.58 34.02
N VAL B 104 18.76 21.28 33.32
CA VAL B 104 18.53 22.67 32.93
C VAL B 104 18.23 22.72 31.44
N GLN B 105 17.13 23.39 31.10
CA GLN B 105 16.60 23.38 29.74
C GLN B 105 16.94 24.66 29.00
N ILE B 106 17.23 24.52 27.71
CA ILE B 106 17.52 25.64 26.82
C ILE B 106 16.72 25.44 25.55
N GLN B 107 16.04 26.49 25.10
CA GLN B 107 15.32 26.46 23.84
C GLN B 107 16.07 27.28 22.83
N GLY B 108 16.46 26.65 21.73
CA GLY B 108 17.14 27.37 20.68
C GLY B 108 17.75 26.46 19.63
N ASP B 109 18.06 27.03 18.47
CA ASP B 109 18.64 26.27 17.38
C ASP B 109 20.14 26.10 17.64
N ILE B 110 20.58 24.86 17.81
CA ILE B 110 22.00 24.61 18.03
C ILE B 110 22.83 24.98 16.81
N THR B 111 22.19 25.16 15.65
CA THR B 111 22.93 25.66 14.50
C THR B 111 23.34 27.10 14.69
N GLN B 112 22.52 27.90 15.38
CA GLN B 112 22.85 29.29 15.63
C GLN B 112 24.02 29.39 16.61
N LEU B 113 24.88 30.39 16.39
CA LEU B 113 26.07 30.55 17.22
C LEU B 113 25.71 30.98 18.63
N SER B 114 24.64 31.75 18.80
CA SER B 114 24.25 32.19 20.14
C SER B 114 23.93 31.01 21.04
N THR B 115 23.18 30.04 20.51
CA THR B 115 22.84 28.86 21.30
C THR B 115 24.09 28.07 21.65
N ALA B 116 25.02 27.96 20.71
CA ALA B 116 26.29 27.30 21.01
C ALA B 116 27.02 27.99 22.14
N LYS B 117 27.07 29.33 22.09
CA LYS B 117 27.76 30.07 23.14
C LYS B 117 27.10 29.87 24.49
N GLU B 118 25.77 29.96 24.55
CA GLU B 118 25.12 29.81 25.85
C GLU B 118 25.20 28.37 26.36
N ILE B 119 25.32 27.39 25.46
CA ILE B 119 25.53 26.02 25.91
C ILE B 119 26.92 25.87 26.51
N ILE B 120 27.94 26.35 25.80
CA ILE B 120 29.32 26.26 26.29
C ILE B 120 29.48 27.09 27.54
N GLN B 121 28.63 28.08 27.75
CA GLN B 121 28.65 28.89 28.96
C GLN B 121 28.49 28.04 30.21
N HIS B 122 27.89 26.87 30.10
CA HIS B 122 27.66 26.03 31.26
C HIS B 122 28.84 25.15 31.63
N PHE B 123 29.93 25.20 30.88
CA PHE B 123 31.02 24.24 31.05
C PHE B 123 32.39 24.91 31.05
N LYS B 124 32.54 25.99 31.83
CA LYS B 124 33.89 26.43 32.17
C LYS B 124 34.47 25.53 33.24
N GLY B 125 35.73 25.14 33.07
CA GLY B 125 36.37 24.31 34.07
C GLY B 125 36.08 22.84 33.85
N CYS B 126 35.11 22.33 34.61
CA CYS B 126 34.75 20.93 34.49
C CYS B 126 34.04 20.68 33.16
N PRO B 127 34.57 19.81 32.31
CA PRO B 127 33.90 19.50 31.05
C PRO B 127 33.00 18.28 31.16
N ALA B 128 32.00 18.24 30.29
CA ALA B 128 31.06 17.13 30.30
C ALA B 128 31.77 15.84 29.92
N ASP B 129 31.33 14.74 30.53
CA ASP B 129 31.87 13.43 30.20
C ASP B 129 31.14 12.75 29.06
N LEU B 130 29.95 13.24 28.70
CA LEU B 130 29.12 12.56 27.71
C LEU B 130 28.27 13.60 26.99
N VAL B 131 28.16 13.47 25.67
CA VAL B 131 27.32 14.33 24.86
C VAL B 131 26.48 13.45 23.95
N VAL B 132 25.16 13.60 24.03
CA VAL B 132 24.23 12.82 23.22
C VAL B 132 23.44 13.77 22.33
N CYS B 133 23.10 13.30 21.14
CA CYS B 133 22.36 14.08 20.17
C CYS B 133 21.36 13.18 19.48
N ASP B 134 20.08 13.47 19.66
CA ASP B 134 18.99 12.67 19.11
C ASP B 134 18.30 13.37 17.94
N GLY B 135 18.87 14.45 17.44
CA GLY B 135 18.16 15.28 16.49
C GLY B 135 17.98 14.63 15.14
N ALA B 136 17.00 15.15 14.40
CA ALA B 136 16.73 14.72 13.05
C ALA B 136 15.89 15.79 12.38
N PRO B 137 16.02 15.97 11.09
CA PRO B 137 15.15 16.93 10.40
C PRO B 137 13.76 16.35 10.25
N ASP B 138 12.86 17.06 9.59
CA ASP B 138 11.56 16.47 9.27
C ASP B 138 11.79 15.42 8.20
N VAL B 139 11.85 14.16 8.62
CA VAL B 139 12.23 13.10 7.69
C VAL B 139 11.19 12.98 6.61
N THR B 140 11.60 13.14 5.36
CA THR B 140 10.69 13.22 4.24
C THR B 140 10.39 11.88 3.61
N GLY B 141 11.30 10.93 3.72
CA GLY B 141 11.09 9.63 3.10
C GLY B 141 12.13 9.27 2.08
N LEU B 142 12.53 10.20 1.22
CA LEU B 142 13.67 9.95 0.34
C LEU B 142 14.92 10.32 1.10
N HIS B 143 15.93 9.47 0.98
CA HIS B 143 16.97 9.42 1.99
C HIS B 143 18.13 10.37 1.73
N ASP B 144 18.32 10.82 0.50
CA ASP B 144 19.45 11.70 0.22
C ASP B 144 19.30 13.05 0.91
N VAL B 145 18.10 13.64 0.84
CA VAL B 145 17.89 14.90 1.52
C VAL B 145 18.00 14.73 3.03
N ASP B 146 17.58 13.57 3.53
CA ASP B 146 17.72 13.30 4.96
C ASP B 146 19.19 13.24 5.36
N GLU B 147 20.02 12.60 4.54
CA GLU B 147 21.45 12.59 4.82
C GLU B 147 22.02 14.00 4.80
N TYR B 148 21.61 14.82 3.84
CA TYR B 148 22.13 16.18 3.77
C TYR B 148 21.78 16.95 5.05
N MET B 149 20.52 16.95 5.43
CA MET B 149 20.11 17.70 6.60
C MET B 149 20.72 17.12 7.87
N GLN B 150 20.82 15.80 7.96
CA GLN B 150 21.44 15.20 9.13
C GLN B 150 22.92 15.51 9.19
N ALA B 151 23.58 15.63 8.04
CA ALA B 151 24.98 16.02 8.04
C ALA B 151 25.15 17.41 8.62
N GLN B 152 24.24 18.32 8.26
CA GLN B 152 24.31 19.66 8.85
C GLN B 152 24.12 19.62 10.36
N LEU B 153 23.11 18.87 10.82
CA LEU B 153 22.85 18.81 12.25
C LEU B 153 24.01 18.16 13.00
N LEU B 154 24.61 17.11 12.42
CA LEU B 154 25.73 16.45 13.06
C LEU B 154 26.96 17.34 13.09
N LEU B 155 27.16 18.16 12.05
CA LEU B 155 28.27 19.10 12.11
C LEU B 155 28.09 20.06 13.28
N ALA B 156 26.88 20.57 13.47
CA ALA B 156 26.65 21.45 14.61
C ALA B 156 26.87 20.73 15.93
N ALA B 157 26.37 19.50 16.05
CA ALA B 157 26.54 18.74 17.29
C ALA B 157 28.01 18.45 17.57
N LEU B 158 28.77 18.10 16.53
CA LEU B 158 30.18 17.83 16.69
C LEU B 158 30.94 19.08 17.11
N ASN B 159 30.56 20.23 16.57
CA ASN B 159 31.15 21.48 17.02
C ASN B 159 30.94 21.67 18.52
N ILE B 160 29.69 21.49 18.97
CA ILE B 160 29.40 21.63 20.40
C ILE B 160 30.25 20.65 21.21
N ALA B 161 30.28 19.40 20.78
CA ALA B 161 31.05 18.38 21.50
C ALA B 161 32.49 18.80 21.64
N THR B 162 33.19 18.97 20.51
CA THR B 162 34.60 19.32 20.56
C THR B 162 34.83 20.57 21.39
N HIS B 163 33.86 21.47 21.43
CA HIS B 163 34.02 22.64 22.27
C HIS B 163 33.75 22.36 23.74
N VAL B 164 33.18 21.21 24.09
CA VAL B 164 32.85 20.98 25.50
C VAL B 164 33.53 19.77 26.13
N LEU B 165 33.34 18.57 25.58
CA LEU B 165 33.58 17.38 26.39
C LEU B 165 35.07 17.13 26.60
N LYS B 166 35.37 16.44 27.70
CA LYS B 166 36.74 16.15 28.07
C LYS B 166 37.35 15.07 27.17
N PRO B 167 38.67 15.11 26.97
CA PRO B 167 39.31 14.13 26.08
C PRO B 167 39.13 12.70 26.60
N GLY B 168 38.95 11.78 25.66
CA GLY B 168 38.55 10.44 26.02
C GLY B 168 37.09 10.29 26.35
N GLY B 169 36.28 11.30 26.06
CA GLY B 169 34.87 11.27 26.40
C GLY B 169 34.05 10.50 25.39
N CYS B 170 32.73 10.65 25.52
CA CYS B 170 31.77 9.90 24.73
C CYS B 170 30.81 10.83 23.99
N PHE B 171 30.55 10.49 22.74
CA PHE B 171 29.64 11.26 21.90
C PHE B 171 28.71 10.30 21.17
N VAL B 172 27.43 10.34 21.47
CA VAL B 172 26.43 9.48 20.83
C VAL B 172 25.58 10.36 19.93
N ALA B 173 25.39 9.95 18.68
CA ALA B 173 24.64 10.80 17.77
C ALA B 173 23.78 9.97 16.83
N LYS B 174 22.54 10.39 16.65
CA LYS B 174 21.68 9.75 15.67
C LYS B 174 22.13 10.07 14.26
N ILE B 175 22.17 9.06 13.40
CA ILE B 175 22.53 9.23 12.01
C ILE B 175 21.49 8.48 11.17
N PHE B 176 21.51 8.74 9.88
CA PHE B 176 20.62 8.08 8.93
C PHE B 176 21.48 7.27 7.98
N ARG B 177 21.54 5.96 8.21
CA ARG B 177 22.38 5.06 7.43
C ARG B 177 21.77 4.89 6.05
N GLY B 178 22.29 5.59 5.07
CA GLY B 178 21.83 5.41 3.72
C GLY B 178 22.82 4.65 2.86
N ARG B 179 22.79 4.92 1.55
CA ARG B 179 23.66 4.18 0.64
C ARG B 179 25.13 4.54 0.84
N ASP B 180 25.41 5.80 1.17
CA ASP B 180 26.78 6.28 1.32
C ASP B 180 26.96 6.82 2.73
N VAL B 181 27.72 6.09 3.56
CA VAL B 181 27.99 6.49 4.93
C VAL B 181 29.48 6.52 5.24
N THR B 182 30.34 6.27 4.25
CA THR B 182 31.77 6.24 4.51
C THR B 182 32.29 7.61 4.92
N LEU B 183 31.78 8.68 4.30
CA LEU B 183 32.30 10.01 4.60
C LEU B 183 32.07 10.39 6.06
N LEU B 184 30.87 10.12 6.57
CA LEU B 184 30.57 10.45 7.95
C LEU B 184 31.48 9.68 8.90
N TYR B 185 31.69 8.40 8.63
CA TYR B 185 32.57 7.60 9.48
C TYR B 185 34.00 8.12 9.42
N SER B 186 34.46 8.50 8.23
CA SER B 186 35.80 9.05 8.09
C SER B 186 35.95 10.32 8.91
N GLN B 187 34.98 11.22 8.80
CA GLN B 187 35.05 12.48 9.55
C GLN B 187 35.00 12.24 11.04
N LEU B 188 34.16 11.32 11.49
CA LEU B 188 34.04 11.08 12.93
C LEU B 188 35.26 10.38 13.48
N GLN B 189 35.90 9.52 12.69
CA GLN B 189 37.04 8.77 13.19
C GLN B 189 38.20 9.68 13.56
N VAL B 190 38.28 10.85 12.92
CA VAL B 190 39.40 11.75 13.16
C VAL B 190 39.40 12.25 14.60
N PHE B 191 38.22 12.52 15.15
CA PHE B 191 38.14 13.11 16.47
C PHE B 191 38.04 12.10 17.59
N PHE B 192 37.83 10.82 17.28
CA PHE B 192 37.56 9.84 18.32
C PHE B 192 38.39 8.59 18.09
N SER B 193 38.77 7.94 19.20
CA SER B 193 39.53 6.71 19.12
C SER B 193 38.72 5.60 18.48
N SER B 194 37.48 5.42 18.91
CA SER B 194 36.62 4.37 18.40
C SER B 194 35.29 4.96 17.94
N VAL B 195 34.82 4.51 16.78
CA VAL B 195 33.51 4.89 16.27
C VAL B 195 32.77 3.62 15.87
N LEU B 196 31.54 3.47 16.39
CA LEU B 196 30.76 2.26 16.19
C LEU B 196 29.37 2.64 15.74
N CYS B 197 28.77 1.81 14.90
CA CYS B 197 27.43 2.04 14.38
C CYS B 197 26.50 0.96 14.93
N ALA B 198 25.46 1.39 15.64
CA ALA B 198 24.59 0.47 16.35
C ALA B 198 23.13 0.78 16.05
N LYS B 199 22.31 -0.27 15.97
CA LYS B 199 20.87 -0.13 15.80
C LYS B 199 20.16 -0.90 16.91
N PRO B 200 19.69 -0.21 17.94
CA PRO B 200 19.07 -0.92 19.06
C PRO B 200 17.81 -1.68 18.68
N ARG B 201 17.23 -2.40 19.63
CA ARG B 201 16.00 -3.12 19.37
C ARG B 201 14.82 -2.18 19.20
N SER B 202 14.83 -1.05 19.92
CA SER B 202 13.71 -0.13 19.86
C SER B 202 13.61 0.62 18.55
N SER B 203 14.68 0.67 17.78
CA SER B 203 14.64 1.36 16.50
C SER B 203 13.83 0.56 15.50
N ARG B 204 12.92 1.23 14.79
CA ARG B 204 12.10 0.55 13.79
C ARG B 204 12.99 -0.12 12.76
N ASN B 205 12.64 -1.36 12.41
CA ASN B 205 13.44 -2.09 11.45
C ASN B 205 13.28 -1.53 10.04
N SER B 206 12.14 -0.93 9.74
CA SER B 206 11.96 -0.32 8.43
C SER B 206 12.71 0.99 8.32
N SER B 207 12.92 1.68 9.43
CA SER B 207 13.63 2.95 9.43
C SER B 207 15.12 2.74 9.16
N ILE B 208 15.74 3.74 8.54
CA ILE B 208 17.16 3.70 8.25
C ILE B 208 17.97 4.44 9.30
N GLU B 209 17.37 4.80 10.42
CA GLU B 209 18.12 5.46 11.46
C GLU B 209 19.08 4.48 12.12
N ALA B 210 20.12 5.05 12.73
CA ALA B 210 21.10 4.29 13.47
C ALA B 210 21.79 5.25 14.42
N PHE B 211 22.70 4.75 15.24
CA PHE B 211 23.39 5.59 16.19
C PHE B 211 24.88 5.39 16.07
N ALA B 212 25.62 6.48 15.95
CA ALA B 212 27.06 6.45 15.99
C ALA B 212 27.50 6.70 17.42
N VAL B 213 28.12 5.71 18.04
CA VAL B 213 28.67 5.81 19.37
C VAL B 213 30.17 6.05 19.21
N CYS B 214 30.65 7.13 19.81
CA CYS B 214 32.03 7.57 19.65
C CYS B 214 32.70 7.53 21.02
N GLN B 215 33.65 6.62 21.16
CA GLN B 215 34.37 6.34 22.39
C GLN B 215 35.76 6.95 22.30
N GLY B 216 36.18 7.62 23.36
CA GLY B 216 37.55 8.09 23.42
C GLY B 216 37.83 9.34 22.62
N TYR B 217 37.25 10.47 23.05
CA TYR B 217 37.52 11.76 22.43
C TYR B 217 39.02 12.03 22.40
N ASP B 218 39.59 12.10 21.20
CA ASP B 218 41.03 12.26 21.02
C ASP B 218 41.27 13.40 20.05
N PRO B 219 41.14 14.64 20.51
CA PRO B 219 41.22 15.79 19.61
C PRO B 219 42.61 15.94 19.02
N PRO B 220 42.74 16.61 17.87
CA PRO B 220 44.07 16.81 17.30
C PRO B 220 44.96 17.63 18.21
N GLU B 221 46.27 17.40 18.10
CA GLU B 221 47.22 18.01 19.01
C GLU B 221 47.24 19.54 18.88
N GLY B 222 47.18 20.05 17.65
CA GLY B 222 47.24 21.48 17.45
C GLY B 222 45.88 22.12 17.29
N PHE B 223 44.85 21.41 17.74
CA PHE B 223 43.47 21.85 17.52
C PHE B 223 42.99 22.66 18.72
N ILE B 224 42.47 23.85 18.45
CA ILE B 224 41.86 24.71 19.45
C ILE B 224 40.44 25.00 19.00
N PRO B 225 39.43 24.93 19.87
CA PRO B 225 38.06 25.25 19.47
C PRO B 225 37.86 26.72 19.16
N GLY B 245 49.09 23.24 11.23
CA GLY B 245 49.69 21.92 11.22
C GLY B 245 48.70 20.82 10.91
N PRO B 246 48.20 20.15 11.95
CA PRO B 246 47.17 19.12 11.74
C PRO B 246 45.79 19.71 11.53
N THR B 247 45.54 20.84 12.21
CA THR B 247 44.22 21.47 12.13
C THR B 247 43.91 21.91 10.71
N ARG B 248 44.91 22.42 10.00
CA ARG B 248 44.71 22.88 8.63
C ARG B 248 44.24 21.77 7.70
N ILE B 249 44.49 20.52 8.05
CA ILE B 249 44.06 19.40 7.22
C ILE B 249 42.75 18.84 7.75
N ILE B 250 42.58 18.84 9.07
CA ILE B 250 41.42 18.21 9.67
C ILE B 250 40.17 19.08 9.56
N VAL B 251 40.25 20.33 10.02
CA VAL B 251 39.03 21.15 10.09
C VAL B 251 38.36 21.33 8.74
N PRO B 252 39.08 21.66 7.65
CA PRO B 252 38.41 21.71 6.35
C PRO B 252 37.77 20.38 5.97
N PHE B 253 38.38 19.26 6.34
CA PHE B 253 37.81 17.97 5.97
C PHE B 253 36.59 17.62 6.81
N VAL B 254 36.51 18.13 8.02
CA VAL B 254 35.37 17.80 8.87
C VAL B 254 34.18 18.69 8.56
N THR B 255 34.42 19.96 8.24
CA THR B 255 33.31 20.82 7.86
C THR B 255 32.66 20.34 6.57
N CYS B 256 33.47 19.92 5.61
CA CYS B 256 32.98 19.30 4.38
C CYS B 256 34.12 18.46 3.82
N GLY B 257 33.81 17.63 2.84
CA GLY B 257 34.87 16.76 2.35
C GLY B 257 35.92 17.52 1.56
N ASP B 258 36.53 18.51 2.19
CA ASP B 258 37.45 19.42 1.52
C ASP B 258 38.85 18.86 1.59
N LEU B 259 39.40 18.52 0.43
CA LEU B 259 40.77 18.03 0.33
C LEU B 259 41.73 19.09 -0.16
N SER B 260 41.34 20.36 -0.09
CA SER B 260 42.20 21.43 -0.57
C SER B 260 43.22 21.80 0.50
N SER B 261 43.91 20.79 1.02
CA SER B 261 45.08 20.99 1.86
C SER B 261 46.25 20.16 1.41
N TYR B 262 46.03 19.07 0.68
CA TYR B 262 47.10 18.32 0.06
C TYR B 262 47.47 18.86 -1.31
N ASP B 263 46.70 19.82 -1.82
CA ASP B 263 47.01 20.40 -3.12
C ASP B 263 48.31 21.20 -3.05
N SER B 264 49.04 21.20 -4.15
CA SER B 264 50.37 21.80 -4.18
C SER B 264 50.62 22.42 -5.54
N ASP B 265 51.52 23.41 -5.54
CA ASP B 265 51.91 24.11 -6.76
C ASP B 265 53.18 23.57 -7.37
N ARG B 266 53.73 22.49 -6.82
CA ARG B 266 54.93 21.86 -7.35
C ARG B 266 54.80 20.35 -7.18
N SER B 267 55.59 19.62 -7.96
CA SER B 267 55.49 18.17 -7.95
C SER B 267 55.80 17.62 -6.56
N TYR B 268 55.11 16.56 -6.18
CA TYR B 268 55.16 16.08 -4.81
C TYR B 268 56.54 15.48 -4.50
N PRO B 269 56.99 15.61 -3.26
CA PRO B 269 58.24 14.96 -2.86
C PRO B 269 58.10 13.44 -2.84
N LEU B 270 59.21 12.76 -3.08
CA LEU B 270 59.22 11.30 -3.08
C LEU B 270 59.76 10.77 -1.75
ZN ZN D . -13.26 39.95 -41.54
N SAH E . 15.39 13.35 21.63
CA SAH E . 13.96 13.22 21.54
CB SAH E . 13.48 12.94 20.11
CG SAH E . 13.89 14.10 19.23
SD SAH E . 13.20 13.86 17.58
C SAH E . 13.46 12.08 22.48
O SAH E . 14.10 11.86 23.52
OXT SAH E . 12.45 11.47 22.08
C5' SAH E . 13.81 15.36 16.72
C4' SAH E . 14.33 16.44 17.66
O4' SAH E . 15.31 17.21 17.00
C3' SAH E . 13.20 17.44 18.02
O3' SAH E . 13.37 17.68 19.34
C2' SAH E . 13.60 18.69 17.25
O2' SAH E . 13.26 19.83 17.96
C1' SAH E . 15.12 18.54 17.36
N9 SAH E . 15.81 19.36 16.40
C8 SAH E . 15.84 19.25 15.00
N7 SAH E . 16.59 20.18 14.43
C5 SAH E . 17.07 20.93 15.50
C6 SAH E . 17.91 22.05 15.55
N6 SAH E . 18.40 22.59 14.41
N1 SAH E . 18.23 22.61 16.74
C2 SAH E . 17.70 22.02 17.83
N3 SAH E . 16.90 20.96 17.93
C4 SAH E . 16.60 20.44 16.72
MG MG F . -6.56 -0.13 1.70
MG MG G . -5.06 3.95 -10.80
MG MG H . -20.59 -1.15 -27.94
MG MG I . -22.60 5.81 -36.43
MG MG J . -34.92 -25.20 -15.81
MG MG K . -24.49 -3.87 -9.45
MG MG L . -2.72 16.08 21.49
#